data_1OHY
#
_entry.id   1OHY
#
_cell.length_a   69.020
_cell.length_b   225.881
_cell.length_c   70.349
_cell.angle_alpha   90.00
_cell.angle_beta   108.51
_cell.angle_gamma   90.00
#
_symmetry.space_group_name_H-M   'P 1 21 1'
#
loop_
_entity.id
_entity.type
_entity.pdbx_description
1 polymer '4-AMINOBUTYRATE AMINOTRANSFERASE'
2 non-polymer "PYRIDOXAL-5'-PHOSPHATE"
3 non-polymer '(4E)-4-AMINOHEX-4-ENOIC ACID'
4 non-polymer 'FE2/S2 (INORGANIC) CLUSTER'
5 water water
#
_entity_poly.entity_id   1
_entity_poly.type   'polypeptide(L)'
_entity_poly.pdbx_seq_one_letter_code
;SQAAAKVDVEFDYDGPLMKTEVPGPRSRELMKQLNIIQNAEAVHFFCNYEESRGNYLVDVDGNRMLDLYSQISSIPIGYS
HPALVKLVQQPQNVSTFINRPALGILPPENFVEKLRESLLSVAPKGMSQLITMACGSCSNENAFKTIFMWYRSKERGQSA
FSKEELETCMINQAPGCPDYSILSFMGAFHGRTMGCLATTHSKAIHKIDIPSFDWPIAPFPRLKYPLEEFVKENQQEEAR
CLEEVEDLIVKYRKKKKTVAGIIVEPIQSEGGDNHASDDFFRKLRDISRKHGCAFLVDEVQTGGGSTGKFWAHEHWGLDD
PADVMTFSKKMMTGGFFHKEEFRPNAPYRIFNTWLGDPSKNLLLAEVINIIKREDLLSNAAHAGKVLLTGLLDLQARYPQ
FISRVRGRGTFCSFDTPDESIRNKLISIARNKGVMLGGCGDKSIRFRPTLVFRDHHAHLFLNIFSDILADFK
;
_entity_poly.pdbx_strand_id   A,B,C,D
#
# COMPACT_ATOMS: atom_id res chain seq x y z
N PHE A 11 0.90 28.91 17.38
CA PHE A 11 0.78 30.28 16.80
C PHE A 11 -0.43 31.01 17.40
N ASP A 12 -0.21 32.24 17.89
CA ASP A 12 -1.23 33.00 18.61
C ASP A 12 -0.79 34.46 18.82
N TYR A 13 -1.70 35.44 18.70
CA TYR A 13 -1.32 36.87 18.89
C TYR A 13 -0.97 37.16 20.35
N ASP A 14 -0.43 38.35 20.58
CA ASP A 14 0.05 38.75 21.91
C ASP A 14 -1.08 39.22 22.81
N GLY A 15 -2.09 39.78 22.16
CA GLY A 15 -3.25 40.31 22.85
C GLY A 15 -4.19 40.98 21.88
N PRO A 16 -5.28 41.51 22.41
CA PRO A 16 -6.28 42.18 21.58
C PRO A 16 -5.76 43.52 21.09
N LEU A 17 -6.30 43.98 19.97
CA LEU A 17 -6.03 45.33 19.50
C LEU A 17 -7.25 45.78 18.73
N MET A 18 -8.00 46.68 19.34
CA MET A 18 -9.19 47.20 18.70
C MET A 18 -8.87 48.44 17.90
N LYS A 19 -9.39 48.49 16.68
CA LYS A 19 -9.31 49.69 15.85
C LYS A 19 -10.62 50.46 15.89
N THR A 20 -11.73 49.73 15.92
CA THR A 20 -13.06 50.35 15.95
C THR A 20 -14.00 49.72 16.96
N GLU A 21 -15.14 50.38 17.11
CA GLU A 21 -16.29 49.79 17.75
C GLU A 21 -16.73 48.58 16.94
N VAL A 22 -17.45 47.69 17.60
CA VAL A 22 -17.94 46.45 17.00
C VAL A 22 -19.45 46.36 17.17
N PRO A 23 -20.18 46.12 16.09
CA PRO A 23 -19.61 45.96 14.76
C PRO A 23 -19.14 47.27 14.16
N GLY A 24 -18.11 47.14 13.36
CA GLY A 24 -17.52 48.27 12.68
C GLY A 24 -18.25 48.56 11.38
N PRO A 25 -17.85 49.62 10.70
CA PRO A 25 -18.56 50.10 9.50
C PRO A 25 -18.56 49.08 8.36
N ARG A 26 -17.42 48.42 8.18
CA ARG A 26 -17.29 47.38 7.16
C ARG A 26 -18.22 46.20 7.49
N SER A 27 -18.39 45.91 8.77
CA SER A 27 -19.33 44.85 9.21
C SER A 27 -20.76 45.27 9.01
N ARG A 28 -21.05 46.51 9.35
CA ARG A 28 -22.42 47.02 9.25
C ARG A 28 -22.85 47.08 7.79
N GLU A 29 -21.92 47.36 6.88
CA GLU A 29 -22.27 47.33 5.45
C GLU A 29 -22.62 45.91 5.06
N LEU A 30 -21.76 44.98 5.42
CA LEU A 30 -22.01 43.56 5.14
C LEU A 30 -23.32 43.07 5.75
N MET A 31 -23.58 43.43 6.99
CA MET A 31 -24.85 43.06 7.64
C MET A 31 -26.04 43.61 6.88
N LYS A 32 -25.88 44.83 6.36
CA LYS A 32 -26.90 45.48 5.53
C LYS A 32 -27.26 44.60 4.34
N GLN A 33 -26.23 44.10 3.67
CA GLN A 33 -26.38 43.29 2.46
C GLN A 33 -27.03 41.97 2.77
N LEU A 34 -26.47 41.23 3.73
CA LEU A 34 -26.98 39.90 4.05
C LEU A 34 -28.45 39.95 4.50
N ASN A 35 -28.86 41.09 5.07
CA ASN A 35 -30.21 41.28 5.56
C ASN A 35 -31.27 41.32 4.45
N ILE A 36 -30.86 41.59 3.21
CA ILE A 36 -31.79 41.54 2.07
C ILE A 36 -32.26 40.11 1.83
N ILE A 37 -31.32 39.18 1.91
CA ILE A 37 -31.58 37.79 1.56
C ILE A 37 -32.23 37.03 2.72
N GLN A 38 -31.97 37.49 3.94
CA GLN A 38 -32.44 36.78 5.12
C GLN A 38 -32.43 37.67 6.35
N ASN A 39 -33.21 37.28 7.35
CA ASN A 39 -33.17 37.99 8.62
C ASN A 39 -31.78 37.81 9.24
N ALA A 40 -31.01 38.90 9.21
CA ALA A 40 -29.60 38.89 9.61
C ALA A 40 -29.37 39.46 10.99
N GLU A 41 -30.43 39.61 11.76
CA GLU A 41 -30.36 40.32 13.04
C GLU A 41 -29.47 39.66 14.10
N ALA A 42 -29.27 38.35 14.00
CA ALA A 42 -28.48 37.66 15.02
C ALA A 42 -26.99 37.87 14.80
N VAL A 43 -26.65 38.37 13.62
CA VAL A 43 -25.25 38.58 13.26
C VAL A 43 -24.57 39.56 14.20
N HIS A 44 -23.54 39.09 14.88
CA HIS A 44 -22.70 39.95 15.73
C HIS A 44 -21.85 40.89 14.89
N PHE A 45 -21.03 40.29 14.05
CA PHE A 45 -20.15 41.01 13.13
C PHE A 45 -19.60 40.06 12.08
N PHE A 46 -18.97 40.63 11.07
CA PHE A 46 -18.37 39.82 9.99
C PHE A 46 -16.89 39.62 10.27
N CYS A 47 -16.43 38.42 9.99
CA CYS A 47 -15.07 38.02 10.36
C CYS A 47 -14.11 37.90 9.21
N ASN A 48 -12.85 37.79 9.58
CA ASN A 48 -11.76 37.54 8.65
C ASN A 48 -11.03 36.34 9.22
N TYR A 49 -11.53 35.16 8.92
CA TYR A 49 -10.97 33.97 9.55
C TYR A 49 -9.54 33.73 9.07
N GLU A 50 -9.22 34.25 7.90
CA GLU A 50 -7.87 34.14 7.33
C GLU A 50 -6.80 34.72 8.24
N GLU A 51 -7.09 35.87 8.82
CA GLU A 51 -6.16 36.58 9.71
C GLU A 51 -6.38 36.20 11.19
N SER A 52 -7.44 35.45 11.46
CA SER A 52 -7.68 34.90 12.79
C SER A 52 -6.66 33.79 13.08
N ARG A 53 -6.42 33.57 14.37
CA ARG A 53 -5.22 32.90 14.85
C ARG A 53 -5.37 32.51 16.32
N GLY A 54 -5.29 31.21 16.60
CA GLY A 54 -5.45 30.71 17.96
C GLY A 54 -6.69 31.22 18.66
N ASN A 55 -6.48 31.96 19.75
CA ASN A 55 -7.58 32.47 20.55
C ASN A 55 -8.14 33.79 20.05
N TYR A 56 -7.57 34.30 18.98
CA TYR A 56 -7.95 35.62 18.50
C TYR A 56 -8.73 35.56 17.20
N LEU A 57 -9.91 36.16 17.26
CA LEU A 57 -10.82 36.28 16.15
C LEU A 57 -10.62 37.67 15.60
N VAL A 58 -10.43 37.77 14.29
CA VAL A 58 -10.21 39.07 13.70
C VAL A 58 -11.40 39.44 12.85
N ASP A 59 -11.93 40.64 13.05
CA ASP A 59 -13.07 41.09 12.27
C ASP A 59 -12.62 41.85 11.01
N VAL A 60 -13.59 42.11 10.17
CA VAL A 60 -13.40 42.78 8.87
C VAL A 60 -13.02 44.26 8.96
N ASP A 61 -13.18 44.86 10.13
CA ASP A 61 -12.77 46.25 10.36
C ASP A 61 -11.41 46.33 11.01
N GLY A 62 -10.77 45.18 11.13
CA GLY A 62 -9.42 45.07 11.64
C GLY A 62 -9.31 44.84 13.13
N ASN A 63 -10.45 44.77 13.80
CA ASN A 63 -10.45 44.53 15.22
C ASN A 63 -9.98 43.12 15.52
N ARG A 64 -9.13 42.99 16.52
CA ARG A 64 -8.64 41.70 16.91
C ARG A 64 -9.07 41.42 18.32
N MET A 65 -9.97 40.48 18.48
CA MET A 65 -10.56 40.23 19.79
C MET A 65 -10.12 38.93 20.38
N LEU A 66 -10.06 38.94 21.69
CA LEU A 66 -9.79 37.75 22.46
C LEU A 66 -11.10 37.00 22.52
N ASP A 67 -11.14 35.86 21.86
CA ASP A 67 -12.40 35.14 21.65
C ASP A 67 -12.62 34.03 22.66
N LEU A 68 -13.52 34.29 23.61
CA LEU A 68 -13.88 33.31 24.65
C LEU A 68 -15.28 32.76 24.45
N TYR A 69 -15.73 32.83 23.21
CA TYR A 69 -17.03 32.30 22.81
C TYR A 69 -16.91 31.17 21.82
N SER A 70 -15.82 31.22 21.06
CA SER A 70 -15.36 30.15 20.16
C SER A 70 -16.43 29.58 19.22
N GLN A 71 -17.14 30.47 18.54
CA GLN A 71 -18.24 30.08 17.63
C GLN A 71 -19.24 29.22 18.39
N ILE A 72 -19.66 29.76 19.52
CA ILE A 72 -20.56 29.08 20.43
C ILE A 72 -20.02 27.71 20.79
N SER A 73 -18.74 27.67 21.10
CA SER A 73 -18.13 26.46 21.66
C SER A 73 -17.89 25.37 20.62
N SER A 74 -17.55 25.75 19.41
CA SER A 74 -17.40 24.76 18.33
C SER A 74 -16.01 24.74 17.71
N ILE A 75 -15.13 25.60 18.18
CA ILE A 75 -13.74 25.59 17.73
C ILE A 75 -12.84 24.91 18.77
N PRO A 76 -12.35 23.71 18.46
CA PRO A 76 -11.58 22.98 19.47
C PRO A 76 -10.19 23.56 19.79
N ILE A 77 -9.37 23.79 18.79
CA ILE A 77 -7.99 24.22 19.05
C ILE A 77 -7.61 25.53 18.40
N GLY A 78 -8.57 26.43 18.38
CA GLY A 78 -8.31 27.79 17.95
C GLY A 78 -8.33 27.92 16.45
N TYR A 79 -8.29 29.16 16.02
CA TYR A 79 -8.35 29.49 14.60
C TYR A 79 -7.02 29.24 13.90
N SER A 80 -7.14 28.88 12.63
CA SER A 80 -6.00 28.70 11.72
C SER A 80 -4.88 27.89 12.34
N HIS A 81 -5.26 26.80 13.01
CA HIS A 81 -4.28 25.95 13.65
C HIS A 81 -3.35 25.34 12.60
N PRO A 82 -2.06 25.53 12.79
CA PRO A 82 -1.02 25.07 11.86
C PRO A 82 -1.05 23.60 11.52
N ALA A 83 -1.49 22.76 12.44
CA ALA A 83 -1.61 21.33 12.17
C ALA A 83 -2.73 21.10 11.18
N LEU A 84 -3.79 21.88 11.30
CA LEU A 84 -4.93 21.77 10.39
C LEU A 84 -4.58 22.34 9.05
N VAL A 85 -3.77 23.39 9.06
CA VAL A 85 -3.27 23.94 7.81
C VAL A 85 -2.53 22.87 7.04
N LYS A 86 -1.63 22.19 7.74
CA LYS A 86 -0.78 21.18 7.11
C LYS A 86 -1.67 20.11 6.47
N LEU A 87 -2.70 19.66 7.17
CA LEU A 87 -3.64 18.68 6.61
C LEU A 87 -4.16 19.13 5.27
N VAL A 88 -4.66 20.35 5.24
CA VAL A 88 -5.29 20.84 4.02
C VAL A 88 -4.28 20.99 2.90
N GLN A 89 -3.02 21.16 3.28
CA GLN A 89 -1.96 21.36 2.28
C GLN A 89 -1.52 20.07 1.60
N GLN A 90 -1.81 18.94 2.21
CA GLN A 90 -1.44 17.63 1.65
C GLN A 90 -2.20 17.32 0.37
N PRO A 91 -1.48 17.08 -0.71
CA PRO A 91 -2.10 16.65 -1.97
C PRO A 91 -2.95 15.39 -1.81
N GLN A 92 -2.55 14.52 -0.91
CA GLN A 92 -3.25 13.24 -0.71
C GLN A 92 -4.65 13.42 -0.12
N ASN A 93 -4.88 14.58 0.51
CA ASN A 93 -6.17 14.87 1.16
C ASN A 93 -7.20 15.60 0.31
N VAL A 94 -6.80 16.06 -0.86
CA VAL A 94 -7.69 16.81 -1.75
C VAL A 94 -9.02 16.09 -1.97
N SER A 95 -8.93 14.81 -2.30
CA SER A 95 -10.10 13.99 -2.60
C SER A 95 -11.12 14.07 -1.47
N THR A 96 -10.65 13.89 -0.25
CA THR A 96 -11.51 13.96 0.92
C THR A 96 -12.34 15.24 0.94
N PHE A 97 -11.70 16.33 0.57
CA PHE A 97 -12.36 17.64 0.58
C PHE A 97 -13.32 17.90 -0.58
N ILE A 98 -13.24 17.11 -1.66
CA ILE A 98 -14.08 17.37 -2.85
C ILE A 98 -14.89 16.21 -3.38
N ASN A 99 -14.83 15.08 -2.68
CA ASN A 99 -15.50 13.86 -3.10
C ASN A 99 -16.30 13.37 -1.92
N ARG A 100 -17.44 13.98 -1.69
CA ARG A 100 -18.22 13.60 -0.51
C ARG A 100 -19.08 12.37 -0.75
N PRO A 101 -18.81 11.33 0.03
CA PRO A 101 -19.51 10.06 -0.11
C PRO A 101 -20.84 10.03 0.60
N ALA A 102 -21.70 9.16 0.10
CA ALA A 102 -22.88 8.72 0.83
C ALA A 102 -22.41 7.62 1.78
N LEU A 103 -21.82 8.03 2.88
CA LEU A 103 -21.13 7.14 3.83
C LEU A 103 -21.84 5.85 4.20
N GLY A 104 -23.16 5.88 4.18
CA GLY A 104 -23.96 4.74 4.57
C GLY A 104 -23.78 3.55 3.65
N ILE A 105 -23.42 3.82 2.40
CA ILE A 105 -23.31 2.78 1.36
C ILE A 105 -21.98 2.70 0.63
N LEU A 106 -21.27 3.81 0.54
CA LEU A 106 -20.01 3.82 -0.21
C LEU A 106 -18.90 4.52 0.55
N PRO A 107 -18.61 4.02 1.73
CA PRO A 107 -17.54 4.59 2.55
C PRO A 107 -16.23 4.54 1.85
N PRO A 108 -15.37 5.49 2.17
CA PRO A 108 -14.01 5.44 1.69
C PRO A 108 -13.20 4.40 2.43
N GLU A 109 -12.16 3.99 1.76
CA GLU A 109 -11.23 2.97 2.25
C GLU A 109 -10.67 3.29 3.63
N ASN A 110 -10.38 4.56 3.87
CA ASN A 110 -9.77 4.97 5.13
C ASN A 110 -10.78 5.19 6.25
N PHE A 111 -12.03 4.86 6.00
CA PHE A 111 -13.12 5.29 6.86
C PHE A 111 -13.01 4.76 8.29
N VAL A 112 -12.62 3.51 8.44
CA VAL A 112 -12.53 2.92 9.78
C VAL A 112 -11.23 3.29 10.47
N GLU A 113 -10.15 3.30 9.71
CA GLU A 113 -8.85 3.71 10.29
C GLU A 113 -8.97 5.10 10.87
N LYS A 114 -9.52 6.02 10.09
CA LYS A 114 -9.59 7.42 10.50
C LYS A 114 -10.50 7.56 11.71
N LEU A 115 -11.55 6.74 11.74
CA LEU A 115 -12.43 6.67 12.92
C LEU A 115 -11.69 6.15 14.14
N ARG A 116 -10.84 5.16 13.92
CA ARG A 116 -9.97 4.65 14.98
C ARG A 116 -8.99 5.70 15.47
N GLU A 117 -8.51 6.53 14.56
CA GLU A 117 -7.59 7.63 14.90
C GLU A 117 -8.29 8.74 15.65
N SER A 118 -9.59 8.84 15.44
CA SER A 118 -10.38 9.93 16.02
C SER A 118 -11.39 9.41 17.05
N LEU A 119 -12.68 9.55 16.75
CA LEU A 119 -13.76 9.26 17.70
C LEU A 119 -13.63 8.00 18.55
N LEU A 120 -13.24 6.89 17.92
CA LEU A 120 -13.15 5.62 18.65
C LEU A 120 -12.11 5.65 19.75
N SER A 121 -11.10 6.50 19.57
CA SER A 121 -10.05 6.69 20.56
C SER A 121 -10.50 7.47 21.80
N VAL A 122 -11.66 8.11 21.73
CA VAL A 122 -12.20 8.81 22.91
C VAL A 122 -13.58 8.29 23.28
N ALA A 123 -13.85 7.05 22.93
CA ALA A 123 -15.16 6.47 23.17
C ALA A 123 -15.50 6.49 24.66
N PRO A 124 -16.74 6.81 24.99
CA PRO A 124 -17.22 6.68 26.37
C PRO A 124 -17.22 5.25 26.85
N LYS A 125 -17.23 5.10 28.16
CA LYS A 125 -17.21 3.78 28.75
C LYS A 125 -18.51 3.06 28.46
N GLY A 126 -18.36 1.83 27.98
CA GLY A 126 -19.49 0.95 27.73
C GLY A 126 -20.09 1.04 26.35
N MET A 127 -19.66 2.02 25.57
CA MET A 127 -20.27 2.26 24.25
C MET A 127 -19.37 1.86 23.08
N SER A 128 -19.61 0.64 22.60
CA SER A 128 -18.84 0.05 21.51
C SER A 128 -19.27 0.59 20.15
N GLN A 129 -20.51 1.06 20.11
CA GLN A 129 -21.14 1.49 18.87
C GLN A 129 -21.01 2.96 18.63
N LEU A 130 -20.89 3.28 17.35
CA LEU A 130 -20.68 4.64 16.92
C LEU A 130 -21.32 4.84 15.56
N ILE A 131 -22.14 5.87 15.46
CA ILE A 131 -22.74 6.26 14.19
C ILE A 131 -22.45 7.73 13.99
N THR A 132 -22.17 8.15 12.77
CA THR A 132 -21.86 9.55 12.57
C THR A 132 -22.98 10.33 11.95
N MET A 133 -22.97 11.61 12.28
CA MET A 133 -23.95 12.57 11.80
C MET A 133 -23.29 13.91 11.51
N ALA A 134 -24.00 14.72 10.74
CA ALA A 134 -23.47 15.98 10.18
C ALA A 134 -23.49 17.11 11.19
N CYS A 135 -24.50 17.10 12.07
CA CYS A 135 -24.60 18.11 13.11
C CYS A 135 -25.21 17.56 14.40
N GLY A 136 -25.23 18.38 15.43
CA GLY A 136 -25.78 18.00 16.72
C GLY A 136 -27.28 17.77 16.72
N SER A 137 -28.00 18.56 15.93
CA SER A 137 -29.44 18.39 15.85
C SER A 137 -29.80 16.99 15.31
N CYS A 138 -29.18 16.54 14.20
CA CYS A 138 -29.48 15.17 13.73
C CYS A 138 -28.93 14.10 14.64
N SER A 139 -27.88 14.39 15.39
CA SER A 139 -27.34 13.36 16.29
C SER A 139 -28.41 12.99 17.29
N ASN A 140 -28.98 13.99 17.95
CA ASN A 140 -30.02 13.77 18.97
C ASN A 140 -31.29 13.16 18.36
N GLU A 141 -31.68 13.62 17.18
CA GLU A 141 -32.86 13.08 16.49
C GLU A 141 -32.70 11.59 16.30
N ASN A 142 -31.55 11.21 15.75
CA ASN A 142 -31.28 9.81 15.44
C ASN A 142 -31.02 8.99 16.68
N ALA A 143 -30.58 9.65 17.74
CA ALA A 143 -30.43 8.99 19.03
C ALA A 143 -31.81 8.70 19.57
N PHE A 144 -32.72 9.66 19.42
CA PHE A 144 -34.12 9.46 19.80
C PHE A 144 -34.67 8.25 19.10
N LYS A 145 -34.40 8.17 17.80
CA LYS A 145 -34.94 7.07 16.99
C LYS A 145 -34.34 5.75 17.45
N THR A 146 -33.03 5.74 17.61
CA THR A 146 -32.33 4.55 18.09
C THR A 146 -32.97 4.06 19.38
N ILE A 147 -33.25 5.00 20.27
CA ILE A 147 -33.87 4.68 21.55
C ILE A 147 -35.27 4.09 21.33
N PHE A 148 -36.12 4.76 20.58
CA PHE A 148 -37.46 4.22 20.27
C PHE A 148 -37.39 2.82 19.68
N MET A 149 -36.49 2.60 18.74
CA MET A 149 -36.33 1.30 18.09
C MET A 149 -35.95 0.21 19.08
N TRP A 150 -35.03 0.56 19.98
CA TRP A 150 -34.54 -0.36 21.02
C TRP A 150 -35.66 -0.73 21.98
N TYR A 151 -36.44 0.27 22.41
CA TYR A 151 -37.52 0.04 23.36
C TYR A 151 -38.60 -0.89 22.80
N ARG A 152 -38.90 -0.74 21.51
CA ARG A 152 -39.87 -1.60 20.83
C ARG A 152 -39.40 -3.04 20.89
N SER A 153 -38.10 -3.22 20.71
CA SER A 153 -37.53 -4.55 20.66
C SER A 153 -37.64 -5.24 22.02
N LYS A 154 -37.43 -4.49 23.11
CA LYS A 154 -37.54 -5.05 24.46
C LYS A 154 -38.91 -5.70 24.65
N GLU A 155 -39.93 -4.98 24.20
CA GLU A 155 -41.32 -5.39 24.37
C GLU A 155 -41.71 -6.51 23.41
N ARG A 156 -41.23 -6.42 22.18
CA ARG A 156 -41.60 -7.41 21.17
C ARG A 156 -40.65 -8.62 21.15
N GLY A 157 -39.73 -8.67 22.11
CA GLY A 157 -38.76 -9.76 22.23
C GLY A 157 -38.25 -10.26 20.90
N GLN A 158 -38.41 -11.57 20.65
CA GLN A 158 -38.02 -12.21 19.39
C GLN A 158 -39.15 -12.24 18.35
N SER A 159 -40.36 -11.80 18.74
CA SER A 159 -41.44 -11.56 17.77
C SER A 159 -40.98 -10.58 16.67
N ALA A 160 -41.43 -10.83 15.45
CA ALA A 160 -41.07 -10.02 14.29
C ALA A 160 -42.01 -8.82 14.14
N PHE A 161 -41.78 -8.01 13.09
CA PHE A 161 -42.70 -6.93 12.74
C PHE A 161 -44.06 -7.53 12.40
N SER A 162 -45.12 -6.86 12.84
CA SER A 162 -46.47 -7.31 12.57
C SER A 162 -47.01 -6.60 11.33
N LYS A 163 -47.96 -7.23 10.66
CA LYS A 163 -48.60 -6.61 9.48
C LYS A 163 -49.35 -5.32 9.86
N GLU A 164 -49.97 -5.31 11.04
CA GLU A 164 -50.72 -4.11 11.47
C GLU A 164 -49.72 -2.95 11.56
N GLU A 165 -48.63 -3.22 12.27
CA GLU A 165 -47.53 -2.27 12.46
C GLU A 165 -46.94 -1.79 11.16
N LEU A 166 -46.69 -2.71 10.27
CA LEU A 166 -46.10 -2.41 8.97
C LEU A 166 -46.95 -1.47 8.14
N GLU A 167 -48.25 -1.57 8.36
CA GLU A 167 -49.22 -0.76 7.63
C GLU A 167 -49.43 0.59 8.25
N THR A 168 -49.67 0.58 9.55
CA THR A 168 -49.95 1.81 10.30
C THR A 168 -48.76 2.77 10.25
N CYS A 169 -47.55 2.22 10.30
CA CYS A 169 -46.34 3.05 10.28
C CYS A 169 -46.24 3.89 9.01
N MET A 170 -46.70 3.36 7.88
CA MET A 170 -46.63 4.12 6.62
C MET A 170 -47.54 5.33 6.62
N ILE A 171 -48.57 5.28 7.45
CA ILE A 171 -49.54 6.36 7.56
C ILE A 171 -49.63 6.97 8.95
N ASN A 172 -48.47 7.12 9.56
CA ASN A 172 -48.32 7.89 10.80
C ASN A 172 -49.25 7.44 11.92
N GLN A 173 -49.42 6.14 12.07
CA GLN A 173 -50.35 5.62 13.06
C GLN A 173 -49.78 4.54 13.93
N ALA A 174 -50.32 4.44 15.14
CA ALA A 174 -50.10 3.28 16.00
C ALA A 174 -50.86 2.10 15.42
N PRO A 175 -50.38 0.88 15.65
CA PRO A 175 -49.21 0.61 16.48
C PRO A 175 -47.86 0.79 15.78
N GLY A 176 -47.88 0.93 14.47
CA GLY A 176 -46.66 1.11 13.69
C GLY A 176 -45.84 2.24 14.27
N CYS A 177 -46.50 3.38 14.47
CA CYS A 177 -45.90 4.57 15.08
C CYS A 177 -46.36 4.66 16.52
N PRO A 178 -45.50 4.23 17.43
CA PRO A 178 -45.86 4.23 18.85
C PRO A 178 -45.82 5.61 19.41
N ASP A 179 -46.66 5.76 20.42
CA ASP A 179 -46.84 7.03 21.11
C ASP A 179 -45.82 7.19 22.24
N TYR A 180 -44.61 6.68 22.02
CA TYR A 180 -43.56 6.77 23.04
C TYR A 180 -43.04 8.19 23.17
N SER A 181 -42.34 8.42 24.27
CA SER A 181 -41.84 9.74 24.62
C SER A 181 -40.41 9.68 25.07
N ILE A 182 -39.79 10.85 25.02
CA ILE A 182 -38.46 11.05 25.55
C ILE A 182 -38.60 12.11 26.61
N LEU A 183 -38.06 11.85 27.79
CA LEU A 183 -38.19 12.81 28.88
C LEU A 183 -37.04 13.78 28.86
N SER A 184 -37.37 15.05 29.01
CA SER A 184 -36.40 16.16 28.99
C SER A 184 -36.57 17.10 30.17
N PHE A 185 -35.59 17.98 30.36
CA PHE A 185 -35.56 18.88 31.51
C PHE A 185 -35.79 20.33 31.14
N MET A 186 -36.42 21.08 32.03
CA MET A 186 -36.56 22.52 31.84
C MET A 186 -35.17 23.12 31.71
N GLY A 187 -35.08 24.20 30.95
CA GLY A 187 -33.82 24.89 30.73
C GLY A 187 -32.91 24.19 29.73
N ALA A 188 -33.44 23.13 29.14
CA ALA A 188 -32.64 22.28 28.28
C ALA A 188 -32.56 22.83 26.90
N PHE A 189 -31.56 22.35 26.20
CA PHE A 189 -31.43 22.64 24.80
C PHE A 189 -30.72 21.51 24.08
N HIS A 190 -31.40 20.94 23.10
CA HIS A 190 -30.91 19.77 22.38
C HIS A 190 -31.04 19.87 20.88
N GLY A 191 -31.33 21.08 20.39
CA GLY A 191 -31.49 21.30 18.97
C GLY A 191 -32.87 21.81 18.67
N ARG A 192 -33.10 22.09 17.39
CA ARG A 192 -34.31 22.81 16.96
C ARG A 192 -35.14 22.18 15.84
N THR A 193 -34.67 21.07 15.29
CA THR A 193 -35.53 20.28 14.42
C THR A 193 -36.69 19.82 15.28
N MET A 194 -37.77 19.42 14.65
CA MET A 194 -39.03 19.27 15.38
C MET A 194 -39.03 18.25 16.52
N GLY A 195 -38.12 17.29 16.42
CA GLY A 195 -37.99 16.27 17.45
C GLY A 195 -37.17 16.76 18.63
N CYS A 196 -35.97 17.24 18.34
CA CYS A 196 -35.09 17.84 19.37
C CYS A 196 -35.83 18.90 20.10
N LEU A 197 -36.51 19.71 19.31
CA LEU A 197 -37.19 20.88 19.80
C LEU A 197 -38.17 20.56 20.92
N ALA A 198 -38.80 19.40 20.86
CA ALA A 198 -39.75 19.00 21.91
C ALA A 198 -39.03 18.85 23.25
N THR A 199 -37.77 18.43 23.19
CA THR A 199 -36.95 18.22 24.39
C THR A 199 -36.16 19.46 24.81
N THR A 200 -36.22 20.51 23.99
CA THR A 200 -35.62 21.79 24.30
C THR A 200 -36.60 22.61 25.12
N HIS A 201 -36.09 23.34 26.12
CA HIS A 201 -36.93 24.17 26.98
C HIS A 201 -36.14 25.35 27.49
N SER A 202 -35.59 26.05 26.51
CA SER A 202 -34.62 27.09 26.76
C SER A 202 -35.27 28.46 26.81
N LYS A 203 -35.91 28.82 25.72
CA LYS A 203 -36.38 30.19 25.53
C LYS A 203 -37.59 30.20 24.60
N ALA A 204 -38.63 30.90 25.01
CA ALA A 204 -39.88 30.89 24.25
C ALA A 204 -39.70 31.21 22.76
N ILE A 205 -38.81 32.13 22.44
CA ILE A 205 -38.64 32.49 21.02
C ILE A 205 -38.19 31.30 20.18
N HIS A 206 -37.47 30.37 20.81
CA HIS A 206 -37.03 29.14 20.14
C HIS A 206 -38.14 28.15 19.87
N LYS A 207 -39.18 28.17 20.68
CA LYS A 207 -40.23 27.14 20.62
C LYS A 207 -41.53 27.61 20.04
N ILE A 208 -41.81 28.89 20.17
CA ILE A 208 -43.14 29.41 19.90
C ILE A 208 -43.56 29.22 18.44
N ASP A 209 -44.82 28.85 18.28
CA ASP A 209 -45.51 28.63 16.98
C ASP A 209 -45.19 27.30 16.31
N ILE A 210 -44.32 26.52 16.93
CA ILE A 210 -43.93 25.23 16.37
C ILE A 210 -44.64 24.11 17.08
N PRO A 211 -45.31 23.25 16.34
CA PRO A 211 -45.93 22.07 16.93
C PRO A 211 -44.89 21.26 17.65
N SER A 212 -45.34 20.51 18.62
CA SER A 212 -44.42 19.82 19.51
C SER A 212 -44.96 18.44 19.86
N PHE A 213 -44.28 17.80 20.78
CA PHE A 213 -44.70 16.49 21.26
C PHE A 213 -45.09 16.61 22.71
N ASP A 214 -46.14 15.90 23.10
CA ASP A 214 -46.53 15.86 24.51
C ASP A 214 -45.66 14.86 25.25
N TRP A 215 -44.47 15.32 25.62
CA TRP A 215 -43.51 14.49 26.33
C TRP A 215 -43.26 15.10 27.69
N PRO A 216 -42.91 14.29 28.68
CA PRO A 216 -42.70 14.81 30.03
C PRO A 216 -41.52 15.74 30.14
N ILE A 217 -41.73 16.79 30.92
CA ILE A 217 -40.70 17.78 31.20
C ILE A 217 -40.51 17.86 32.69
N ALA A 218 -39.25 17.71 33.10
CA ALA A 218 -38.90 17.64 34.52
C ALA A 218 -38.02 18.81 34.89
N PRO A 219 -38.05 19.20 36.17
CA PRO A 219 -37.19 20.30 36.62
C PRO A 219 -35.76 19.85 36.67
N PHE A 220 -34.91 20.80 36.33
CA PHE A 220 -33.49 20.61 36.44
C PHE A 220 -33.06 21.37 37.68
N PRO A 221 -32.25 20.73 38.51
CA PRO A 221 -31.87 21.34 39.79
C PRO A 221 -31.34 22.73 39.57
N ARG A 222 -31.59 23.60 40.54
CA ARG A 222 -31.13 24.97 40.50
C ARG A 222 -30.38 25.23 41.79
N LEU A 223 -29.07 25.35 41.67
CA LEU A 223 -28.20 25.42 42.83
C LEU A 223 -28.09 26.85 43.35
N LYS A 224 -27.75 26.96 44.62
CA LYS A 224 -27.58 28.23 45.32
C LYS A 224 -26.10 28.41 45.60
N TYR A 225 -25.63 29.64 45.47
CA TYR A 225 -24.21 29.91 45.60
C TYR A 225 -23.97 30.94 46.70
N PRO A 226 -22.82 30.86 47.38
CA PRO A 226 -21.79 29.83 47.13
C PRO A 226 -22.19 28.43 47.68
N LEU A 227 -21.70 27.39 47.00
CA LEU A 227 -22.09 26.00 47.26
C LEU A 227 -21.72 25.48 48.65
N GLU A 228 -20.55 25.91 49.15
CA GLU A 228 -20.13 25.65 50.53
C GLU A 228 -21.24 25.98 51.57
N GLU A 229 -21.93 27.08 51.37
CA GLU A 229 -22.94 27.56 52.32
C GLU A 229 -24.37 27.01 52.10
N PHE A 230 -24.61 26.34 50.98
CA PHE A 230 -25.95 25.83 50.63
C PHE A 230 -26.07 24.31 50.48
N VAL A 231 -25.08 23.60 50.97
CA VAL A 231 -25.05 22.14 50.87
C VAL A 231 -26.41 21.46 51.04
N LYS A 232 -27.07 21.69 52.17
CA LYS A 232 -28.36 21.03 52.45
C LYS A 232 -29.42 21.38 51.42
N GLU A 233 -29.63 22.66 51.25
CA GLU A 233 -30.61 23.20 50.32
C GLU A 233 -30.39 22.61 48.94
N ASN A 234 -29.15 22.69 48.48
CA ASN A 234 -28.76 22.14 47.19
C ASN A 234 -28.92 20.63 47.11
N GLN A 235 -28.69 19.96 48.23
CA GLN A 235 -28.98 18.53 48.36
C GLN A 235 -30.48 18.29 48.12
N GLN A 236 -31.29 19.05 48.86
CA GLN A 236 -32.76 18.90 48.85
C GLN A 236 -33.39 19.21 47.48
N GLU A 237 -32.85 20.24 46.83
CA GLU A 237 -33.32 20.68 45.51
C GLU A 237 -33.13 19.56 44.50
N GLU A 238 -31.94 18.99 44.49
CA GLU A 238 -31.60 17.87 43.60
C GLU A 238 -32.54 16.70 43.83
N ALA A 239 -32.71 16.31 45.08
CA ALA A 239 -33.62 15.22 45.46
C ALA A 239 -35.05 15.47 45.00
N ARG A 240 -35.50 16.71 45.17
CA ARG A 240 -36.85 17.08 44.76
C ARG A 240 -36.99 16.82 43.26
N CYS A 241 -35.98 17.29 42.52
CA CYS A 241 -35.97 17.14 41.07
C CYS A 241 -35.99 15.67 40.67
N LEU A 242 -35.08 14.91 41.24
CA LEU A 242 -35.04 13.46 41.01
C LEU A 242 -36.37 12.77 41.28
N GLU A 243 -37.02 13.18 42.36
CA GLU A 243 -38.33 12.59 42.69
C GLU A 243 -39.32 12.96 41.59
N GLU A 244 -39.25 14.20 41.12
CA GLU A 244 -40.15 14.70 40.06
C GLU A 244 -39.97 13.98 38.73
N VAL A 245 -38.74 13.58 38.44
CA VAL A 245 -38.47 12.80 37.23
C VAL A 245 -39.22 11.49 37.33
N GLU A 246 -38.94 10.77 38.39
CA GLU A 246 -39.55 9.46 38.60
C GLU A 246 -41.05 9.48 38.46
N ASP A 247 -41.70 10.41 39.15
CA ASP A 247 -43.16 10.52 39.05
C ASP A 247 -43.54 10.68 37.59
N LEU A 248 -42.88 11.62 36.94
CA LEU A 248 -43.17 11.92 35.54
C LEU A 248 -43.18 10.66 34.68
N ILE A 249 -42.15 9.85 34.83
CA ILE A 249 -42.05 8.60 34.08
C ILE A 249 -43.29 7.74 34.32
N VAL A 250 -43.62 7.59 35.59
CA VAL A 250 -44.78 6.80 36.03
C VAL A 250 -46.06 7.34 35.41
N LYS A 251 -46.24 8.64 35.54
CA LYS A 251 -47.40 9.35 35.02
C LYS A 251 -47.65 9.01 33.55
N TYR A 252 -46.56 9.02 32.80
CA TYR A 252 -46.59 8.81 31.36
C TYR A 252 -46.72 7.36 30.96
N ARG A 253 -46.25 6.48 31.83
CA ARG A 253 -46.45 5.03 31.64
C ARG A 253 -47.95 4.80 31.69
N LYS A 254 -48.58 5.51 32.62
CA LYS A 254 -50.04 5.44 32.81
C LYS A 254 -50.80 6.18 31.70
N LYS A 255 -50.25 7.28 31.21
CA LYS A 255 -50.85 7.99 30.07
C LYS A 255 -50.70 7.17 28.79
N LYS A 256 -50.01 6.05 28.89
CA LYS A 256 -49.71 5.16 27.76
C LYS A 256 -48.91 5.91 26.69
N LYS A 257 -48.03 6.77 27.20
CA LYS A 257 -47.07 7.53 26.43
C LYS A 257 -45.70 7.20 27.01
N THR A 258 -45.45 5.90 27.12
CA THR A 258 -44.23 5.39 27.77
C THR A 258 -43.02 6.23 27.47
N VAL A 259 -42.24 6.44 28.51
CA VAL A 259 -40.96 7.12 28.40
C VAL A 259 -39.90 6.11 27.99
N ALA A 260 -39.50 6.17 26.73
CA ALA A 260 -38.49 5.27 26.19
C ALA A 260 -37.09 5.68 26.57
N GLY A 261 -36.86 6.98 26.69
CA GLY A 261 -35.56 7.51 27.03
C GLY A 261 -35.58 8.82 27.75
N ILE A 262 -34.47 9.12 28.42
CA ILE A 262 -34.26 10.40 29.07
C ILE A 262 -33.04 11.06 28.48
N ILE A 263 -33.19 12.34 28.17
CA ILE A 263 -32.07 13.11 27.66
C ILE A 263 -31.77 14.26 28.61
N VAL A 264 -30.48 14.47 28.82
CA VAL A 264 -30.02 15.52 29.72
C VAL A 264 -28.64 16.01 29.29
N GLU A 265 -28.33 17.26 29.59
CA GLU A 265 -26.98 17.78 29.35
C GLU A 265 -26.20 17.70 30.65
N PRO A 266 -24.93 17.30 30.59
CA PRO A 266 -24.09 17.31 31.79
C PRO A 266 -24.10 18.66 32.48
N ILE A 267 -24.19 19.69 31.66
CA ILE A 267 -24.40 21.07 32.07
C ILE A 267 -25.35 21.70 31.08
N GLN A 268 -26.42 22.30 31.56
CA GLN A 268 -27.35 22.98 30.65
C GLN A 268 -26.67 24.25 30.16
N SER A 269 -26.53 24.39 28.85
CA SER A 269 -25.80 25.52 28.28
C SER A 269 -26.67 26.72 27.90
N GLU A 270 -27.38 26.61 26.78
CA GLU A 270 -28.22 27.72 26.26
C GLU A 270 -29.25 28.17 27.30
N GLY A 271 -29.72 27.22 28.09
CA GLY A 271 -30.67 27.53 29.16
C GLY A 271 -30.11 28.33 30.32
N GLY A 272 -28.80 28.54 30.33
CA GLY A 272 -28.15 29.42 31.29
C GLY A 272 -27.09 28.75 32.17
N ASP A 273 -26.21 27.98 31.54
CA ASP A 273 -25.16 27.25 32.26
C ASP A 273 -25.59 26.76 33.63
N ASN A 274 -26.48 25.79 33.63
CA ASN A 274 -27.01 25.20 34.85
C ASN A 274 -26.26 23.93 35.21
N HIS A 275 -25.70 23.91 36.41
CA HIS A 275 -24.95 22.75 36.91
C HIS A 275 -25.74 21.98 37.93
N ALA A 276 -25.29 20.74 38.11
CA ALA A 276 -25.82 19.87 39.14
C ALA A 276 -24.67 19.01 39.64
N SER A 277 -24.91 18.30 40.72
CA SER A 277 -23.85 17.48 41.31
C SER A 277 -23.67 16.23 40.47
N ASP A 278 -22.47 15.68 40.52
CA ASP A 278 -22.21 14.36 39.91
C ASP A 278 -23.07 13.31 40.57
N ASP A 279 -23.28 13.48 41.87
CA ASP A 279 -24.21 12.63 42.59
C ASP A 279 -25.58 12.69 41.95
N PHE A 280 -26.02 13.90 41.58
CA PHE A 280 -27.33 14.07 40.94
C PHE A 280 -27.41 13.21 39.68
N PHE A 281 -26.47 13.43 38.78
CA PHE A 281 -26.41 12.65 37.53
C PHE A 281 -26.27 11.15 37.73
N ARG A 282 -25.53 10.77 38.75
CA ARG A 282 -25.35 9.35 39.05
C ARG A 282 -26.70 8.73 39.39
N LYS A 283 -27.48 9.45 40.21
CA LYS A 283 -28.81 8.99 40.61
C LYS A 283 -29.79 8.99 39.46
N LEU A 284 -29.72 10.03 38.63
CA LEU A 284 -30.58 10.15 37.47
C LEU A 284 -30.33 8.96 36.55
N ARG A 285 -29.06 8.58 36.44
CA ARG A 285 -28.69 7.41 35.61
C ARG A 285 -29.33 6.13 36.13
N ASP A 286 -29.39 5.97 37.45
CA ASP A 286 -30.01 4.79 38.05
C ASP A 286 -31.51 4.80 37.81
N ILE A 287 -32.13 5.96 37.97
CA ILE A 287 -33.57 6.07 37.78
C ILE A 287 -33.93 5.59 36.40
N SER A 288 -33.21 6.12 35.42
CA SER A 288 -33.39 5.74 34.02
C SER A 288 -33.35 4.22 33.90
N ARG A 289 -32.31 3.63 34.48
CA ARG A 289 -32.09 2.20 34.38
C ARG A 289 -33.24 1.45 35.00
N LYS A 290 -33.61 1.88 36.20
CA LYS A 290 -34.70 1.27 36.99
C LYS A 290 -36.00 1.16 36.18
N HIS A 291 -36.28 2.17 35.35
CA HIS A 291 -37.53 2.22 34.54
C HIS A 291 -37.41 1.80 33.10
N GLY A 292 -36.28 1.20 32.75
CA GLY A 292 -36.04 0.74 31.40
C GLY A 292 -35.95 1.88 30.41
N CYS A 293 -35.62 3.05 30.93
CA CYS A 293 -35.44 4.24 30.10
C CYS A 293 -34.02 4.26 29.60
N ALA A 294 -33.85 4.45 28.31
CA ALA A 294 -32.52 4.63 27.75
C ALA A 294 -32.03 5.96 28.27
N PHE A 295 -30.79 6.02 28.72
CA PHE A 295 -30.24 7.25 29.29
C PHE A 295 -29.36 7.92 28.25
N LEU A 296 -29.86 9.04 27.75
CA LEU A 296 -29.23 9.79 26.67
C LEU A 296 -28.55 11.04 27.21
N VAL A 297 -27.24 11.05 27.14
CA VAL A 297 -26.46 12.20 27.56
C VAL A 297 -26.03 12.99 26.32
N ASP A 298 -26.34 14.28 26.34
CA ASP A 298 -26.07 15.15 25.21
C ASP A 298 -24.86 15.99 25.54
N GLU A 299 -23.72 15.52 25.04
CA GLU A 299 -22.42 16.20 25.20
C GLU A 299 -22.06 17.03 24.00
N VAL A 300 -23.06 17.43 23.25
CA VAL A 300 -22.84 18.27 22.07
C VAL A 300 -22.04 19.55 22.39
N GLN A 301 -22.37 20.20 23.50
CA GLN A 301 -21.66 21.42 23.88
C GLN A 301 -20.59 21.17 24.94
N THR A 302 -20.91 20.34 25.92
CA THR A 302 -19.93 20.01 26.98
C THR A 302 -18.81 19.08 26.56
N GLY A 303 -19.00 18.38 25.44
CA GLY A 303 -18.02 17.42 24.98
C GLY A 303 -16.87 18.14 24.30
N GLY A 304 -15.69 17.57 24.42
CA GLY A 304 -14.51 18.11 23.75
C GLY A 304 -13.40 18.62 24.64
N GLY A 305 -13.42 18.24 25.91
CA GLY A 305 -12.31 18.55 26.82
C GLY A 305 -12.38 19.80 27.67
N SER A 306 -13.18 20.77 27.26
CA SER A 306 -13.21 22.08 27.94
C SER A 306 -13.48 22.01 29.45
N THR A 307 -14.14 20.97 29.93
CA THR A 307 -14.36 20.85 31.39
C THR A 307 -13.25 20.10 32.11
N GLY A 308 -12.15 19.84 31.43
CA GLY A 308 -11.01 19.14 32.04
C GLY A 308 -10.99 17.66 31.76
N LYS A 309 -12.07 17.13 31.21
CA LYS A 309 -12.11 15.74 30.75
C LYS A 309 -12.81 15.72 29.42
N PHE A 310 -12.40 14.80 28.55
CA PHE A 310 -12.93 14.81 27.19
C PHE A 310 -14.45 14.92 27.15
N TRP A 311 -15.12 14.03 27.85
CA TRP A 311 -16.57 14.10 28.00
C TRP A 311 -16.89 14.51 29.42
N ALA A 312 -17.77 15.49 29.56
CA ALA A 312 -18.20 15.96 30.88
C ALA A 312 -18.69 14.83 31.79
N HIS A 313 -19.42 13.86 31.25
CA HIS A 313 -20.00 12.79 32.09
C HIS A 313 -18.92 11.99 32.82
N GLU A 314 -17.74 11.94 32.24
CA GLU A 314 -16.58 11.28 32.87
C GLU A 314 -16.37 11.68 34.33
N HIS A 315 -16.67 12.93 34.65
CA HIS A 315 -16.53 13.42 36.02
C HIS A 315 -17.41 12.62 36.99
N TRP A 316 -18.52 12.09 36.48
CA TRP A 316 -19.48 11.31 37.29
C TRP A 316 -18.88 9.99 37.80
N GLY A 317 -17.76 9.59 37.22
CA GLY A 317 -17.05 8.39 37.63
C GLY A 317 -17.73 7.04 37.45
N LEU A 318 -18.70 6.94 36.55
CA LEU A 318 -19.42 5.67 36.38
C LEU A 318 -18.88 4.81 35.26
N ASP A 319 -18.95 3.51 35.49
CA ASP A 319 -18.56 2.53 34.47
C ASP A 319 -19.63 2.38 33.40
N ASP A 320 -20.86 2.75 33.73
CA ASP A 320 -21.99 2.65 32.82
C ASP A 320 -22.69 3.99 32.97
N PRO A 321 -22.09 5.02 32.40
CA PRO A 321 -22.59 6.39 32.57
C PRO A 321 -23.85 6.64 31.80
N ALA A 322 -24.05 5.85 30.76
CA ALA A 322 -25.13 6.11 29.82
C ALA A 322 -25.28 5.01 28.77
N ASP A 323 -26.39 5.11 28.05
CA ASP A 323 -26.70 4.17 26.97
C ASP A 323 -26.38 4.77 25.61
N VAL A 324 -26.63 6.07 25.50
CA VAL A 324 -26.37 6.84 24.28
C VAL A 324 -25.76 8.18 24.65
N MET A 325 -24.78 8.60 23.86
CA MET A 325 -24.13 9.90 24.04
C MET A 325 -23.96 10.63 22.72
N THR A 326 -24.54 11.82 22.61
CA THR A 326 -24.46 12.59 21.36
C THR A 326 -23.39 13.63 21.49
N PHE A 327 -22.81 13.95 20.35
CA PHE A 327 -21.79 14.99 20.29
C PHE A 327 -21.86 15.70 18.96
N SER A 328 -21.14 16.80 18.91
CA SER A 328 -20.98 17.60 17.70
C SER A 328 -20.07 18.76 18.06
N LYS A 329 -20.20 19.85 17.31
CA LYS A 329 -19.52 21.12 17.59
C LYS A 329 -18.01 20.99 17.58
N LYS A 330 -17.42 20.98 18.76
CA LYS A 330 -15.98 20.84 18.91
C LYS A 330 -15.42 19.63 18.19
N MET A 331 -16.21 18.58 18.15
CA MET A 331 -15.79 17.33 17.51
C MET A 331 -15.77 17.44 15.99
N MET A 332 -16.15 18.61 15.48
CA MET A 332 -16.15 18.95 14.03
C MET A 332 -17.27 18.25 13.27
N THR A 333 -17.48 17.00 13.61
CA THR A 333 -18.55 16.20 13.06
C THR A 333 -19.52 15.91 14.18
N GLY A 334 -20.73 15.54 13.80
CA GLY A 334 -21.73 15.11 14.76
C GLY A 334 -21.71 13.60 14.87
N GLY A 335 -22.63 13.07 15.66
CA GLY A 335 -22.82 11.64 15.78
C GLY A 335 -23.21 11.23 17.19
N PHE A 336 -23.28 9.94 17.44
CA PHE A 336 -23.48 9.44 18.80
C PHE A 336 -22.91 8.05 19.04
N PHE A 337 -22.25 7.92 20.18
CA PHE A 337 -21.82 6.62 20.66
C PHE A 337 -23.01 5.95 21.30
N HIS A 338 -22.91 4.64 21.46
CA HIS A 338 -23.95 3.88 22.16
C HIS A 338 -23.58 2.43 22.43
N LYS A 339 -24.37 1.83 23.31
CA LYS A 339 -24.13 0.45 23.71
C LYS A 339 -24.50 -0.51 22.62
N GLU A 340 -23.78 -1.63 22.61
CA GLU A 340 -24.00 -2.71 21.65
C GLU A 340 -25.49 -3.04 21.55
N GLU A 341 -26.13 -3.07 22.71
CA GLU A 341 -27.55 -3.44 22.82
C GLU A 341 -28.50 -2.48 22.08
N PHE A 342 -28.03 -1.27 21.81
CA PHE A 342 -28.85 -0.27 21.09
C PHE A 342 -28.67 -0.30 19.59
N ARG A 343 -27.72 -1.11 19.18
CA ARG A 343 -27.45 -1.31 17.77
C ARG A 343 -28.71 -1.66 16.99
N PRO A 344 -29.05 -0.82 16.02
CA PRO A 344 -30.18 -1.10 15.15
C PRO A 344 -30.13 -2.52 14.61
N ASN A 345 -31.29 -3.13 14.63
CA ASN A 345 -31.46 -4.53 14.23
C ASN A 345 -31.34 -4.76 12.71
N ALA A 346 -31.54 -3.70 11.95
CA ALA A 346 -31.51 -3.77 10.49
C ALA A 346 -31.07 -2.44 9.91
N PRO A 347 -30.52 -2.45 8.70
CA PRO A 347 -30.06 -1.23 8.09
C PRO A 347 -31.24 -0.40 7.63
N TYR A 348 -30.92 0.78 7.14
CA TYR A 348 -31.92 1.70 6.59
C TYR A 348 -32.97 2.21 7.57
N ARG A 349 -32.66 2.11 8.85
CA ARG A 349 -33.53 2.67 9.89
C ARG A 349 -32.89 3.93 10.44
N ILE A 350 -31.66 3.78 10.89
CA ILE A 350 -30.84 4.92 11.25
C ILE A 350 -29.90 5.15 10.09
N PHE A 351 -30.18 6.21 9.35
CA PHE A 351 -29.55 6.41 8.07
C PHE A 351 -29.88 7.79 7.54
N ASN A 352 -28.97 8.28 6.73
CA ASN A 352 -29.21 9.46 5.92
C ASN A 352 -28.13 9.52 4.81
N THR A 353 -28.20 10.52 3.96
CA THR A 353 -27.36 10.58 2.76
C THR A 353 -25.88 10.59 3.10
N TRP A 354 -25.47 11.61 3.83
CA TRP A 354 -24.05 11.87 4.07
C TRP A 354 -23.51 11.29 5.36
N LEU A 355 -24.38 11.17 6.35
CA LEU A 355 -24.01 10.61 7.66
C LEU A 355 -22.68 11.08 8.19
N GLY A 356 -22.43 12.38 8.07
CA GLY A 356 -21.17 12.92 8.51
C GLY A 356 -20.42 13.45 7.31
N ASP A 357 -19.10 13.45 7.38
CA ASP A 357 -18.30 14.01 6.31
C ASP A 357 -16.84 13.70 6.59
N PRO A 358 -16.25 12.82 5.80
CA PRO A 358 -14.87 12.37 6.02
C PRO A 358 -13.88 13.52 6.12
N SER A 359 -14.17 14.63 5.46
CA SER A 359 -13.33 15.81 5.60
C SER A 359 -13.26 16.24 7.07
N LYS A 360 -14.39 16.23 7.76
CA LYS A 360 -14.37 16.59 9.19
C LYS A 360 -13.59 15.58 10.02
N ASN A 361 -13.77 14.30 9.72
CA ASN A 361 -13.06 13.26 10.45
C ASN A 361 -11.55 13.44 10.30
N LEU A 362 -11.13 13.84 9.11
CA LEU A 362 -9.71 14.04 8.84
C LEU A 362 -9.14 15.05 9.82
N LEU A 363 -9.85 16.18 9.90
CA LEU A 363 -9.47 17.27 10.79
C LEU A 363 -9.56 16.83 12.22
N LEU A 364 -10.68 16.18 12.55
CA LEU A 364 -10.92 15.74 13.92
C LEU A 364 -9.78 14.86 14.42
N ALA A 365 -9.36 13.89 13.61
CA ALA A 365 -8.27 12.99 14.03
C ALA A 365 -7.05 13.76 14.48
N GLU A 366 -6.75 14.85 13.79
CA GLU A 366 -5.59 15.67 14.11
C GLU A 366 -5.82 16.48 15.39
N VAL A 367 -7.00 17.07 15.49
CA VAL A 367 -7.39 17.83 16.68
C VAL A 367 -7.20 17.00 17.93
N ILE A 368 -7.71 15.78 17.89
CA ILE A 368 -7.60 14.86 19.02
C ILE A 368 -6.15 14.62 19.34
N ASN A 369 -5.36 14.42 18.32
CA ASN A 369 -3.94 14.19 18.51
C ASN A 369 -3.30 15.36 19.24
N ILE A 370 -3.60 16.56 18.77
CA ILE A 370 -3.12 17.79 19.41
C ILE A 370 -3.55 17.84 20.87
N ILE A 371 -4.83 17.59 21.09
CA ILE A 371 -5.37 17.60 22.46
C ILE A 371 -4.57 16.68 23.36
N LYS A 372 -4.17 15.53 22.84
CA LYS A 372 -3.39 14.58 23.64
C LYS A 372 -1.92 14.97 23.77
N ARG A 373 -1.26 15.20 22.65
CA ARG A 373 0.18 15.55 22.66
C ARG A 373 0.47 16.80 23.52
N GLU A 374 -0.43 17.79 23.43
CA GLU A 374 -0.27 19.09 24.14
C GLU A 374 -0.95 19.15 25.50
N ASP A 375 -1.46 18.02 25.95
CA ASP A 375 -2.05 17.89 27.29
C ASP A 375 -3.16 18.92 27.55
N LEU A 376 -4.02 19.11 26.57
CA LEU A 376 -5.06 20.17 26.63
C LEU A 376 -6.21 19.97 27.62
N LEU A 377 -6.53 18.74 27.96
CA LEU A 377 -7.58 18.47 28.95
C LEU A 377 -7.18 19.06 30.29
N SER A 378 -5.95 18.76 30.66
CA SER A 378 -5.37 19.26 31.91
C SER A 378 -5.26 20.76 31.88
N ASN A 379 -4.79 21.30 30.77
CA ASN A 379 -4.68 22.76 30.64
C ASN A 379 -6.02 23.40 30.89
N ALA A 380 -7.05 22.80 30.32
CA ALA A 380 -8.39 23.34 30.42
C ALA A 380 -8.74 23.45 31.89
N ALA A 381 -8.52 22.36 32.62
CA ALA A 381 -8.72 22.33 34.06
C ALA A 381 -7.94 23.44 34.74
N HIS A 382 -6.68 23.58 34.38
CA HIS A 382 -5.81 24.53 35.07
C HIS A 382 -6.23 25.95 34.78
N ALA A 383 -6.31 26.27 33.49
CA ALA A 383 -6.68 27.61 33.04
C ALA A 383 -8.08 27.97 33.50
N GLY A 384 -8.90 26.94 33.64
CA GLY A 384 -10.25 27.09 34.12
C GLY A 384 -10.22 27.60 35.54
N LYS A 385 -9.49 26.90 36.39
CA LYS A 385 -9.29 27.32 37.78
C LYS A 385 -8.85 28.75 37.90
N VAL A 386 -7.82 29.13 37.15
CA VAL A 386 -7.36 30.52 37.19
C VAL A 386 -8.52 31.45 36.90
N LEU A 387 -9.21 31.12 35.82
CA LEU A 387 -10.35 31.90 35.36
C LEU A 387 -11.41 31.99 36.44
N LEU A 388 -11.81 30.83 36.94
CA LEU A 388 -12.90 30.77 37.92
C LEU A 388 -12.49 31.49 39.19
N THR A 389 -11.21 31.47 39.49
CA THR A 389 -10.70 32.14 40.69
C THR A 389 -10.86 33.63 40.55
N GLY A 390 -10.41 34.14 39.42
CA GLY A 390 -10.56 35.56 39.10
C GLY A 390 -12.01 35.97 39.16
N LEU A 391 -12.87 35.15 38.57
CA LEU A 391 -14.30 35.43 38.59
C LEU A 391 -14.75 35.61 40.02
N LEU A 392 -14.42 34.65 40.87
CA LEU A 392 -14.79 34.74 42.28
C LEU A 392 -14.31 36.01 42.92
N ASP A 393 -13.09 36.41 42.58
CA ASP A 393 -12.54 37.65 43.11
C ASP A 393 -13.40 38.85 42.66
N LEU A 394 -13.71 38.92 41.39
CA LEU A 394 -14.58 39.99 40.87
C LEU A 394 -15.95 40.00 41.53
N GLN A 395 -16.48 38.81 41.78
CA GLN A 395 -17.77 38.67 42.46
C GLN A 395 -17.76 39.30 43.83
N ALA A 396 -16.64 39.15 44.51
CA ALA A 396 -16.46 39.68 45.85
C ALA A 396 -16.43 41.19 45.78
N ARG A 397 -15.68 41.68 44.81
CA ARG A 397 -15.50 43.11 44.62
C ARG A 397 -16.70 43.82 43.99
N TYR A 398 -17.55 43.08 43.30
CA TYR A 398 -18.67 43.69 42.57
C TYR A 398 -19.96 42.87 42.65
N PRO A 399 -20.47 42.67 43.86
CA PRO A 399 -21.75 41.96 44.04
C PRO A 399 -22.94 42.65 43.39
N GLN A 400 -22.84 43.95 43.18
CA GLN A 400 -23.91 44.70 42.51
C GLN A 400 -24.07 44.28 41.06
N PHE A 401 -23.05 43.60 40.53
CA PHE A 401 -23.07 43.15 39.12
C PHE A 401 -22.91 41.66 38.92
N ILE A 402 -22.10 41.05 39.76
CA ILE A 402 -21.71 39.65 39.56
C ILE A 402 -22.31 38.78 40.62
N SER A 403 -22.94 37.71 40.21
CA SER A 403 -23.35 36.69 41.16
C SER A 403 -23.34 35.30 40.57
N ARG A 404 -23.33 34.33 41.47
CA ARG A 404 -23.44 32.91 41.12
C ARG A 404 -22.34 32.41 40.22
N VAL A 405 -21.14 32.89 40.50
CA VAL A 405 -19.98 32.46 39.74
C VAL A 405 -19.83 30.96 39.87
N ARG A 406 -19.69 30.32 38.72
CA ARG A 406 -19.67 28.88 38.67
C ARG A 406 -18.90 28.37 37.49
N GLY A 407 -18.64 27.07 37.53
CA GLY A 407 -17.99 26.42 36.41
C GLY A 407 -17.26 25.14 36.74
N ARG A 408 -16.82 24.52 35.66
CA ARG A 408 -15.97 23.35 35.71
C ARG A 408 -15.06 23.43 34.50
N GLY A 409 -13.77 23.27 34.73
CA GLY A 409 -12.81 23.49 33.67
C GLY A 409 -12.96 24.94 33.28
N THR A 410 -12.84 25.25 32.00
CA THR A 410 -13.09 26.62 31.54
C THR A 410 -14.57 26.89 31.23
N PHE A 411 -15.40 25.89 31.47
CA PHE A 411 -16.85 25.97 31.23
C PHE A 411 -17.51 26.80 32.34
N CYS A 412 -17.21 28.08 32.34
CA CYS A 412 -17.62 28.98 33.43
C CYS A 412 -18.72 29.93 33.05
N SER A 413 -19.22 30.60 34.08
CA SER A 413 -20.27 31.61 33.92
C SER A 413 -20.59 32.32 35.22
N PHE A 414 -21.29 33.44 35.08
CA PHE A 414 -21.87 34.14 36.22
C PHE A 414 -23.15 34.82 35.78
N ASP A 415 -23.90 35.28 36.76
CA ASP A 415 -25.18 35.97 36.52
C ASP A 415 -25.04 37.45 36.79
N THR A 416 -25.81 38.21 36.04
CA THR A 416 -25.90 39.65 36.24
C THR A 416 -27.32 39.98 36.65
N PRO A 417 -27.56 41.17 37.17
CA PRO A 417 -28.88 41.48 37.73
C PRO A 417 -29.98 41.37 36.69
N ASP A 418 -29.75 41.88 35.50
CA ASP A 418 -30.73 41.72 34.43
C ASP A 418 -30.11 41.60 33.05
N GLU A 419 -30.98 41.30 32.10
CA GLU A 419 -30.60 41.09 30.72
C GLU A 419 -29.98 42.32 30.06
N SER A 420 -30.36 43.51 30.52
CA SER A 420 -29.84 44.73 29.91
C SER A 420 -28.38 44.94 30.30
N ILE A 421 -28.10 44.85 31.59
CA ILE A 421 -26.72 44.88 32.12
C ILE A 421 -25.91 43.76 31.51
N ARG A 422 -26.51 42.57 31.46
CA ARG A 422 -25.84 41.39 30.90
C ARG A 422 -25.38 41.74 29.50
N ASN A 423 -26.30 42.30 28.74
CA ASN A 423 -26.00 42.67 27.36
C ASN A 423 -25.02 43.81 27.30
N LYS A 424 -25.11 44.73 28.25
CA LYS A 424 -24.22 45.88 28.22
C LYS A 424 -22.80 45.42 28.48
N LEU A 425 -22.60 44.55 29.46
CA LEU A 425 -21.26 44.11 29.82
C LEU A 425 -20.60 43.39 28.66
N ILE A 426 -21.39 42.59 27.97
CA ILE A 426 -20.87 41.85 26.81
C ILE A 426 -20.45 42.83 25.74
N SER A 427 -21.32 43.80 25.54
CA SER A 427 -21.12 44.82 24.54
C SER A 427 -19.83 45.61 24.84
N ILE A 428 -19.69 46.06 26.09
CA ILE A 428 -18.49 46.79 26.51
C ILE A 428 -17.24 45.94 26.27
N ALA A 429 -17.30 44.69 26.70
CA ALA A 429 -16.13 43.81 26.67
C ALA A 429 -15.68 43.60 25.26
N ARG A 430 -16.66 43.47 24.38
CA ARG A 430 -16.37 43.23 22.98
C ARG A 430 -15.59 44.40 22.38
N ASN A 431 -16.05 45.61 22.63
CA ASN A 431 -15.32 46.82 22.19
C ASN A 431 -13.98 46.96 22.87
N LYS A 432 -13.82 46.31 24.01
CA LYS A 432 -12.55 46.34 24.76
C LYS A 432 -11.61 45.22 24.36
N GLY A 433 -12.10 44.32 23.52
CA GLY A 433 -11.26 43.29 22.94
C GLY A 433 -11.48 41.88 23.42
N VAL A 434 -12.60 41.65 24.09
CA VAL A 434 -12.96 40.31 24.55
C VAL A 434 -14.37 39.96 24.13
N MET A 435 -14.49 38.76 23.61
CA MET A 435 -15.79 38.24 23.22
C MET A 435 -16.26 37.26 24.25
N LEU A 436 -17.41 37.58 24.81
CA LEU A 436 -18.06 36.72 25.78
C LEU A 436 -19.36 36.30 25.16
N GLY A 437 -19.91 35.24 25.73
CA GLY A 437 -21.20 34.77 25.28
C GLY A 437 -22.17 34.97 26.41
N GLY A 438 -23.45 35.02 26.06
CA GLY A 438 -24.51 35.01 27.06
C GLY A 438 -25.29 33.73 26.95
N CYS A 439 -26.06 33.44 27.99
CA CYS A 439 -26.99 32.32 28.00
C CYS A 439 -28.05 32.62 29.04
N GLY A 440 -29.21 31.99 28.93
CA GLY A 440 -30.34 32.28 29.80
C GLY A 440 -30.76 33.74 29.65
N ASP A 441 -31.43 34.30 30.66
CA ASP A 441 -31.78 35.74 30.61
C ASP A 441 -30.60 36.62 30.87
N LYS A 442 -29.89 36.32 31.96
CA LYS A 442 -28.96 37.28 32.51
C LYS A 442 -27.59 36.73 32.85
N SER A 443 -27.19 35.66 32.19
CA SER A 443 -25.89 35.07 32.46
C SER A 443 -24.89 35.36 31.37
N ILE A 444 -23.64 35.50 31.79
CA ILE A 444 -22.53 35.59 30.86
C ILE A 444 -21.80 34.27 30.98
N ARG A 445 -21.35 33.77 29.84
CA ARG A 445 -20.79 32.43 29.75
C ARG A 445 -19.44 32.47 29.03
N PHE A 446 -18.61 31.52 29.37
CA PHE A 446 -17.29 31.38 28.74
C PHE A 446 -17.18 30.08 28.00
N ARG A 447 -16.70 30.15 26.77
CA ARG A 447 -16.42 28.94 26.00
C ARG A 447 -15.12 29.13 25.23
N PRO A 448 -14.02 29.14 25.95
CA PRO A 448 -12.71 29.30 25.33
C PRO A 448 -12.33 28.05 24.59
N THR A 449 -11.59 28.22 23.50
CA THR A 449 -11.08 27.08 22.77
C THR A 449 -10.08 26.42 23.68
N LEU A 450 -9.67 25.21 23.34
CA LEU A 450 -8.75 24.46 24.19
C LEU A 450 -7.29 24.96 24.15
N VAL A 451 -6.98 26.02 23.39
CA VAL A 451 -5.66 26.67 23.50
C VAL A 451 -5.71 27.96 24.32
N PHE A 452 -6.74 28.10 25.14
CA PHE A 452 -6.88 29.21 26.08
C PHE A 452 -6.13 28.79 27.32
N ARG A 453 -5.23 29.67 27.78
CA ARG A 453 -4.31 29.36 28.88
C ARG A 453 -4.54 30.32 30.04
N ASP A 454 -3.81 30.09 31.13
CA ASP A 454 -3.97 30.91 32.31
C ASP A 454 -3.75 32.40 32.03
N HIS A 455 -2.77 32.76 31.20
CA HIS A 455 -2.48 34.17 30.90
C HIS A 455 -3.56 34.82 30.03
N HIS A 456 -4.26 34.03 29.23
CA HIS A 456 -5.45 34.48 28.51
C HIS A 456 -6.59 34.79 29.48
N ALA A 457 -6.69 34.00 30.55
CA ALA A 457 -7.61 34.27 31.63
C ALA A 457 -7.28 35.59 32.34
N HIS A 458 -5.99 35.86 32.51
CA HIS A 458 -5.52 37.11 33.12
C HIS A 458 -5.69 38.30 32.19
N LEU A 459 -5.67 38.03 30.89
CA LEU A 459 -5.83 39.10 29.91
C LEU A 459 -7.25 39.56 29.96
N PHE A 460 -8.17 38.60 30.11
CA PHE A 460 -9.59 38.88 30.22
C PHE A 460 -9.95 39.55 31.54
N LEU A 461 -9.45 38.97 32.63
CA LEU A 461 -9.77 39.41 33.98
C LEU A 461 -9.41 40.86 34.18
N ASN A 462 -8.33 41.28 33.54
CA ASN A 462 -7.84 42.65 33.66
C ASN A 462 -8.65 43.61 32.81
N ILE A 463 -8.99 43.22 31.59
CA ILE A 463 -9.83 44.05 30.75
C ILE A 463 -11.20 44.27 31.42
N PHE A 464 -11.73 43.19 31.99
CA PHE A 464 -13.08 43.15 32.53
C PHE A 464 -13.17 43.76 33.95
N SER A 465 -12.04 43.75 34.67
CA SER A 465 -11.96 44.47 35.94
C SER A 465 -12.14 45.97 35.68
N ASP A 466 -11.32 46.50 34.78
CA ASP A 466 -11.37 47.91 34.41
C ASP A 466 -12.77 48.29 33.94
N ILE A 467 -13.41 47.40 33.19
CA ILE A 467 -14.77 47.62 32.71
C ILE A 467 -15.72 47.79 33.89
N LEU A 468 -15.67 46.83 34.82
CA LEU A 468 -16.62 46.80 35.93
C LEU A 468 -16.48 48.01 36.84
N ALA A 469 -15.28 48.57 36.91
CA ALA A 469 -14.99 49.70 37.76
C ALA A 469 -15.73 50.95 37.28
N ASP A 470 -15.49 51.35 36.04
CA ASP A 470 -16.18 52.53 35.49
C ASP A 470 -17.59 52.24 34.89
N PHE A 471 -18.11 51.04 35.15
CA PHE A 471 -19.51 50.71 34.85
C PHE A 471 -20.39 51.27 35.96
N PHE B 11 -11.96 15.65 -17.08
CA PHE B 11 -11.20 14.38 -16.86
C PHE B 11 -12.16 13.18 -16.74
N ASP B 12 -11.92 12.14 -17.57
CA ASP B 12 -12.78 10.94 -17.63
C ASP B 12 -11.97 9.68 -18.03
N TYR B 13 -12.22 8.54 -17.38
CA TYR B 13 -11.68 7.28 -17.94
C TYR B 13 -12.39 6.93 -19.24
N ASP B 14 -11.86 5.94 -19.94
CA ASP B 14 -12.38 5.54 -21.25
C ASP B 14 -13.60 4.65 -21.14
N GLY B 15 -13.64 3.90 -20.05
CA GLY B 15 -14.72 2.96 -19.79
C GLY B 15 -14.42 2.16 -18.53
N PRO B 16 -15.33 1.28 -18.19
CA PRO B 16 -15.20 0.44 -17.01
C PRO B 16 -14.14 -0.61 -17.21
N LEU B 17 -13.55 -1.05 -16.11
CA LEU B 17 -12.64 -2.21 -16.12
C LEU B 17 -12.76 -2.89 -14.80
N MET B 18 -13.40 -4.05 -14.81
CA MET B 18 -13.57 -4.82 -13.59
C MET B 18 -12.42 -5.80 -13.41
N LYS B 19 -11.89 -5.84 -12.20
CA LYS B 19 -10.90 -6.85 -11.84
C LYS B 19 -11.55 -7.98 -11.06
N THR B 20 -12.50 -7.62 -10.19
CA THR B 20 -13.21 -8.60 -9.36
C THR B 20 -14.71 -8.43 -9.31
N GLU B 21 -15.34 -9.41 -8.66
CA GLU B 21 -16.71 -9.32 -8.22
C GLU B 21 -16.81 -8.24 -7.15
N VAL B 22 -17.98 -7.63 -7.07
CA VAL B 22 -18.24 -6.51 -6.16
C VAL B 22 -19.37 -6.89 -5.21
N PRO B 23 -19.14 -6.74 -3.90
CA PRO B 23 -17.89 -6.25 -3.34
C PRO B 23 -16.77 -7.27 -3.43
N GLY B 24 -15.57 -6.74 -3.58
CA GLY B 24 -14.38 -7.56 -3.66
C GLY B 24 -13.86 -7.89 -2.28
N PRO B 25 -12.81 -8.69 -2.22
CA PRO B 25 -12.28 -9.20 -0.95
C PRO B 25 -11.78 -8.09 -0.03
N ARG B 26 -11.11 -7.11 -0.61
CA ARG B 26 -10.61 -5.95 0.14
C ARG B 26 -11.79 -5.16 0.73
N SER B 27 -12.89 -5.09 -0.01
CA SER B 27 -14.11 -4.42 0.47
C SER B 27 -14.79 -5.22 1.56
N ARG B 28 -14.85 -6.53 1.37
CA ARG B 28 -15.50 -7.40 2.34
C ARG B 28 -14.74 -7.41 3.65
N GLU B 29 -13.41 -7.30 3.60
CA GLU B 29 -12.64 -7.19 4.85
C GLU B 29 -13.01 -5.90 5.55
N LEU B 30 -12.99 -4.80 4.82
CA LEU B 30 -13.37 -3.49 5.37
C LEU B 30 -14.78 -3.50 5.93
N MET B 31 -15.72 -4.07 5.20
CA MET B 31 -17.11 -4.17 5.68
C MET B 31 -17.16 -4.96 6.99
N LYS B 32 -16.33 -6.00 7.08
CA LYS B 32 -16.23 -6.83 8.28
C LYS B 32 -15.89 -5.95 9.50
N GLN B 33 -14.89 -5.08 9.30
CA GLN B 33 -14.38 -4.20 10.36
C GLN B 33 -15.41 -3.19 10.77
N LEU B 34 -15.99 -2.46 9.82
CA LEU B 34 -16.99 -1.42 10.13
C LEU B 34 -18.22 -1.99 10.85
N ASN B 35 -18.53 -3.26 10.57
CA ASN B 35 -19.66 -3.96 11.20
C ASN B 35 -19.50 -4.22 12.70
N ILE B 36 -18.33 -3.92 13.27
CA ILE B 36 -18.13 -4.01 14.72
C ILE B 36 -18.65 -2.74 15.39
N ILE B 37 -18.25 -1.61 14.80
CA ILE B 37 -18.63 -0.26 15.23
C ILE B 37 -20.12 0.03 15.03
N GLN B 38 -20.72 -0.56 14.00
CA GLN B 38 -22.08 -0.19 13.61
C GLN B 38 -22.68 -1.19 12.63
N ASN B 39 -24.01 -1.17 12.52
CA ASN B 39 -24.67 -1.98 11.51
C ASN B 39 -24.25 -1.47 10.13
N ALA B 40 -23.43 -2.27 9.46
CA ALA B 40 -22.79 -1.89 8.19
C ALA B 40 -23.44 -2.54 6.98
N GLU B 41 -24.63 -3.09 7.17
CA GLU B 41 -25.27 -3.90 6.14
C GLU B 41 -25.64 -3.15 4.87
N ALA B 42 -25.84 -1.85 4.96
CA ALA B 42 -26.25 -1.08 3.79
C ALA B 42 -25.06 -0.81 2.86
N VAL B 43 -23.87 -1.03 3.38
CA VAL B 43 -22.64 -0.77 2.62
C VAL B 43 -22.58 -1.60 1.36
N HIS B 44 -22.52 -0.93 0.21
CA HIS B 44 -22.34 -1.60 -1.07
C HIS B 44 -20.92 -2.13 -1.20
N PHE B 45 -19.98 -1.21 -1.11
CA PHE B 45 -18.56 -1.52 -1.19
C PHE B 45 -17.74 -0.32 -0.72
N PHE B 46 -16.45 -0.54 -0.53
CA PHE B 46 -15.54 0.52 -0.10
C PHE B 46 -14.84 1.11 -1.31
N CYS B 47 -14.70 2.43 -1.28
CA CYS B 47 -14.21 3.16 -2.44
C CYS B 47 -12.80 3.71 -2.29
N ASN B 48 -12.29 4.16 -3.43
CA ASN B 48 -11.01 4.82 -3.51
C ASN B 48 -11.28 6.10 -4.27
N TYR B 49 -11.74 7.11 -3.55
CA TYR B 49 -12.19 8.32 -4.24
C TYR B 49 -11.00 9.04 -4.89
N GLU B 50 -9.80 8.78 -4.35
CA GLU B 50 -8.56 9.36 -4.89
C GLU B 50 -8.36 9.02 -6.35
N GLU B 51 -8.61 7.76 -6.70
CA GLU B 51 -8.43 7.26 -8.07
C GLU B 51 -9.72 7.37 -8.92
N SER B 52 -10.82 7.80 -8.32
CA SER B 52 -12.01 8.09 -9.10
C SER B 52 -11.78 9.40 -9.88
N ARG B 53 -12.30 9.45 -11.11
CA ARG B 53 -12.39 10.69 -11.91
C ARG B 53 -13.68 10.69 -12.72
N GLY B 54 -14.22 11.87 -12.99
CA GLY B 54 -15.48 12.03 -13.69
C GLY B 54 -16.59 11.05 -13.30
N ASN B 55 -17.06 10.29 -14.28
CA ASN B 55 -18.20 9.37 -14.11
C ASN B 55 -17.82 8.02 -13.55
N TYR B 56 -16.54 7.83 -13.27
CA TYR B 56 -16.06 6.53 -12.83
C TYR B 56 -15.65 6.52 -11.36
N LEU B 57 -16.29 5.61 -10.66
CA LEU B 57 -16.06 5.35 -9.25
C LEU B 57 -15.12 4.18 -9.18
N VAL B 58 -14.05 4.29 -8.42
CA VAL B 58 -13.09 3.20 -8.34
C VAL B 58 -13.16 2.60 -6.96
N ASP B 59 -13.30 1.29 -6.88
CA ASP B 59 -13.35 0.61 -5.59
C ASP B 59 -11.96 0.17 -5.12
N VAL B 60 -11.91 -0.25 -3.88
CA VAL B 60 -10.66 -0.67 -3.20
C VAL B 60 -10.05 -1.98 -3.71
N ASP B 61 -10.80 -2.72 -4.50
CA ASP B 61 -10.30 -3.94 -5.13
C ASP B 61 -9.85 -3.69 -6.55
N GLY B 62 -9.87 -2.43 -6.93
CA GLY B 62 -9.38 -1.99 -8.22
C GLY B 62 -10.43 -1.92 -9.31
N ASN B 63 -11.65 -2.27 -8.96
CA ASN B 63 -12.73 -2.23 -9.94
C ASN B 63 -13.05 -0.79 -10.29
N ARG B 64 -13.23 -0.55 -11.56
CA ARG B 64 -13.59 0.78 -12.02
C ARG B 64 -14.94 0.74 -12.68
N MET B 65 -15.91 1.33 -12.03
CA MET B 65 -17.28 1.23 -12.49
C MET B 65 -17.80 2.52 -13.04
N LEU B 66 -18.69 2.36 -14.01
CA LEU B 66 -19.39 3.48 -14.58
C LEU B 66 -20.50 3.79 -13.60
N ASP B 67 -20.41 4.94 -12.96
CA ASP B 67 -21.29 5.26 -11.83
C ASP B 67 -22.48 6.13 -12.25
N LEU B 68 -23.65 5.50 -12.30
CA LEU B 68 -24.91 6.18 -12.66
C LEU B 68 -25.83 6.31 -11.46
N TYR B 69 -25.23 6.27 -10.29
CA TYR B 69 -25.95 6.43 -9.04
C TYR B 69 -25.49 7.67 -8.29
N SER B 70 -24.25 8.05 -8.52
CA SER B 70 -23.63 9.30 -8.08
C SER B 70 -23.81 9.64 -6.59
N GLN B 71 -23.54 8.67 -5.73
CA GLN B 71 -23.72 8.82 -4.27
C GLN B 71 -25.15 9.25 -3.98
N ILE B 72 -26.05 8.46 -4.54
CA ILE B 72 -27.49 8.73 -4.45
C ILE B 72 -27.80 10.14 -4.90
N SER B 73 -27.20 10.53 -6.02
CA SER B 73 -27.56 11.79 -6.69
C SER B 73 -27.00 13.01 -5.99
N SER B 74 -25.82 12.91 -5.43
CA SER B 74 -25.25 14.01 -4.65
C SER B 74 -23.92 14.53 -5.19
N ILE B 75 -23.42 13.91 -6.26
CA ILE B 75 -22.21 14.39 -6.91
C ILE B 75 -22.57 15.17 -8.18
N PRO B 76 -22.39 16.49 -8.17
CA PRO B 76 -22.82 17.30 -9.32
C PRO B 76 -21.99 17.13 -10.59
N ILE B 77 -20.68 17.28 -10.50
CA ILE B 77 -19.84 17.26 -11.71
C ILE B 77 -18.75 16.19 -11.70
N GLY B 78 -19.09 15.05 -11.14
CA GLY B 78 -18.22 13.90 -11.19
C GLY B 78 -17.14 13.97 -10.13
N TYR B 79 -16.44 12.86 -10.02
CA TYR B 79 -15.38 12.71 -9.02
C TYR B 79 -14.11 13.42 -9.44
N SER B 80 -13.39 13.88 -8.42
CA SER B 80 -12.06 14.51 -8.57
C SER B 80 -12.02 15.53 -9.68
N HIS B 81 -13.05 16.36 -9.75
CA HIS B 81 -13.12 17.38 -10.79
C HIS B 81 -11.99 18.38 -10.61
N PRO B 82 -11.22 18.56 -11.68
CA PRO B 82 -10.03 19.41 -11.69
C PRO B 82 -10.25 20.85 -11.25
N ALA B 83 -11.43 21.39 -11.47
CA ALA B 83 -11.74 22.74 -11.02
C ALA B 83 -11.83 22.75 -9.51
N LEU B 84 -12.38 21.67 -8.95
CA LEU B 84 -12.51 21.55 -7.50
C LEU B 84 -11.15 21.29 -6.89
N VAL B 85 -10.33 20.54 -7.60
CA VAL B 85 -8.96 20.32 -7.14
C VAL B 85 -8.27 21.66 -6.99
N LYS B 86 -8.38 22.48 -8.03
CA LYS B 86 -7.69 23.76 -8.06
C LYS B 86 -8.13 24.61 -6.85
N LEU B 87 -9.42 24.64 -6.56
CA LEU B 87 -9.92 25.34 -5.36
C LEU B 87 -9.17 24.93 -4.12
N VAL B 88 -9.12 23.63 -3.89
CA VAL B 88 -8.52 23.12 -2.67
C VAL B 88 -7.03 23.42 -2.62
N GLN B 89 -6.43 23.59 -3.79
CA GLN B 89 -4.99 23.85 -3.87
C GLN B 89 -4.60 25.28 -3.53
N GLN B 90 -5.56 26.19 -3.61
CA GLN B 90 -5.32 27.61 -3.31
C GLN B 90 -5.00 27.82 -1.85
N PRO B 91 -3.84 28.41 -1.57
CA PRO B 91 -3.48 28.79 -0.20
C PRO B 91 -4.51 29.71 0.45
N GLN B 92 -5.15 30.55 -0.34
CA GLN B 92 -6.12 31.52 0.17
C GLN B 92 -7.39 30.85 0.72
N ASN B 93 -7.63 29.62 0.30
CA ASN B 93 -8.84 28.86 0.71
C ASN B 93 -8.69 27.97 1.93
N VAL B 94 -7.47 27.80 2.41
CA VAL B 94 -7.19 26.95 3.56
C VAL B 94 -8.10 27.26 4.75
N SER B 95 -8.19 28.54 5.07
CA SER B 95 -8.98 29.01 6.22
C SER B 95 -10.41 28.50 6.14
N THR B 96 -11.01 28.64 4.97
CA THR B 96 -12.39 28.17 4.76
C THR B 96 -12.56 26.72 5.16
N PHE B 97 -11.56 25.91 4.83
CA PHE B 97 -11.60 24.48 5.12
C PHE B 97 -11.33 24.10 6.58
N ILE B 98 -10.75 25.00 7.37
CA ILE B 98 -10.38 24.64 8.76
C ILE B 98 -10.89 25.58 9.86
N ASN B 99 -11.66 26.57 9.46
CA ASN B 99 -12.15 27.58 10.39
C ASN B 99 -13.64 27.67 10.20
N ARG B 100 -14.37 26.72 10.77
CA ARG B 100 -15.81 26.70 10.53
C ARG B 100 -16.56 27.64 11.44
N PRO B 101 -17.24 28.61 10.84
CA PRO B 101 -17.97 29.61 11.60
C PRO B 101 -19.34 29.16 12.04
N ALA B 102 -19.80 29.78 13.12
CA ALA B 102 -21.21 29.75 13.49
C ALA B 102 -21.91 30.82 12.66
N LEU B 103 -22.17 30.46 11.41
CA LEU B 103 -22.66 31.39 10.38
C LEU B 103 -23.75 32.36 10.79
N GLY B 104 -24.58 31.93 11.72
CA GLY B 104 -25.71 32.73 12.17
C GLY B 104 -25.30 34.03 12.84
N ILE B 105 -24.11 34.03 13.42
CA ILE B 105 -23.61 35.17 14.21
C ILE B 105 -22.26 35.74 13.78
N LEU B 106 -21.41 34.92 13.20
CA LEU B 106 -20.06 35.37 12.83
C LEU B 106 -19.67 34.95 11.44
N PRO B 107 -20.47 35.35 10.46
CA PRO B 107 -20.19 35.04 9.07
C PRO B 107 -18.87 35.55 8.64
N PRO B 108 -18.26 34.88 7.69
CA PRO B 108 -17.05 35.39 7.07
C PRO B 108 -17.36 36.52 6.13
N GLU B 109 -16.34 37.31 5.91
CA GLU B 109 -16.39 38.48 5.05
C GLU B 109 -16.91 38.18 3.65
N ASN B 110 -16.51 37.05 3.11
CA ASN B 110 -16.89 36.68 1.74
C ASN B 110 -18.27 36.03 1.64
N PHE B 111 -18.99 36.01 2.75
CA PHE B 111 -20.18 35.15 2.86
C PHE B 111 -21.26 35.50 1.84
N VAL B 112 -21.48 36.78 1.63
CA VAL B 112 -22.55 37.20 0.72
C VAL B 112 -22.10 37.15 -0.72
N GLU B 113 -20.86 37.57 -0.97
CA GLU B 113 -20.30 37.49 -2.33
C GLU B 113 -20.38 36.07 -2.84
N LYS B 114 -19.91 35.14 -2.03
CA LYS B 114 -19.83 33.73 -2.45
C LYS B 114 -21.24 33.17 -2.66
N LEU B 115 -22.17 33.64 -1.85
CA LEU B 115 -23.59 33.30 -2.04
C LEU B 115 -24.11 33.86 -3.35
N ARG B 116 -23.71 35.08 -3.66
CA ARG B 116 -24.05 35.68 -4.95
C ARG B 116 -23.46 34.91 -6.12
N GLU B 117 -22.26 34.39 -5.92
CA GLU B 117 -21.57 33.60 -6.95
C GLU B 117 -22.24 32.23 -7.13
N SER B 118 -22.89 31.77 -6.07
CA SER B 118 -23.47 30.44 -6.07
C SER B 118 -25.02 30.50 -6.01
N LEU B 119 -25.59 30.02 -4.91
CA LEU B 119 -27.05 29.86 -4.77
C LEU B 119 -27.94 30.98 -5.30
N LEU B 120 -27.57 32.22 -5.00
CA LEU B 120 -28.40 33.36 -5.40
C LEU B 120 -28.48 33.51 -6.90
N SER B 121 -27.46 33.02 -7.59
CA SER B 121 -27.43 33.03 -9.05
C SER B 121 -28.37 32.02 -9.70
N VAL B 122 -28.87 31.06 -8.93
CA VAL B 122 -29.84 30.09 -9.47
C VAL B 122 -31.15 30.13 -8.68
N ALA B 123 -31.44 31.26 -8.07
CA ALA B 123 -32.64 31.39 -7.25
C ALA B 123 -33.89 31.08 -8.06
N PRO B 124 -34.84 30.38 -7.45
CA PRO B 124 -36.15 30.18 -8.07
C PRO B 124 -36.91 31.48 -8.21
N LYS B 125 -37.89 31.45 -9.10
CA LYS B 125 -38.68 32.64 -9.36
C LYS B 125 -39.53 32.97 -8.15
N GLY B 126 -39.45 34.24 -7.77
CA GLY B 126 -40.27 34.75 -6.69
C GLY B 126 -39.66 34.67 -5.31
N MET B 127 -38.54 33.96 -5.18
CA MET B 127 -37.93 33.72 -3.87
C MET B 127 -36.66 34.53 -3.64
N SER B 128 -36.83 35.66 -2.99
CA SER B 128 -35.73 36.58 -2.69
C SER B 128 -34.90 36.11 -1.49
N GLN B 129 -35.53 35.30 -0.65
CA GLN B 129 -34.94 34.86 0.60
C GLN B 129 -34.24 33.54 0.49
N LEU B 130 -33.17 33.44 1.25
CA LEU B 130 -32.33 32.26 1.23
C LEU B 130 -31.73 32.06 2.61
N ILE B 131 -31.88 30.85 3.12
CA ILE B 131 -31.25 30.44 4.38
C ILE B 131 -30.49 29.17 4.13
N THR B 132 -29.33 29.02 4.73
CA THR B 132 -28.57 27.82 4.46
C THR B 132 -28.63 26.81 5.58
N MET B 133 -28.47 25.56 5.18
CA MET B 133 -28.49 24.42 6.08
C MET B 133 -27.46 23.41 5.65
N ALA B 134 -27.10 22.54 6.59
CA ALA B 134 -26.02 21.59 6.37
C ALA B 134 -26.48 20.43 5.50
N CYS B 135 -27.78 20.12 5.56
CA CYS B 135 -28.30 18.95 4.86
C CYS B 135 -29.76 19.08 4.40
N GLY B 136 -30.29 17.99 3.85
CA GLY B 136 -31.65 17.95 3.34
C GLY B 136 -32.73 17.85 4.40
N SER B 137 -32.47 17.08 5.47
CA SER B 137 -33.44 16.91 6.53
C SER B 137 -33.59 18.18 7.36
N CYS B 138 -32.49 18.82 7.79
CA CYS B 138 -32.64 20.14 8.45
C CYS B 138 -33.24 21.21 7.53
N SER B 139 -32.99 21.11 6.23
CA SER B 139 -33.58 22.05 5.28
C SER B 139 -35.08 22.00 5.38
N ASN B 140 -35.63 20.80 5.15
CA ASN B 140 -37.08 20.58 5.21
C ASN B 140 -37.66 20.87 6.59
N GLU B 141 -36.94 20.46 7.64
CA GLU B 141 -37.38 20.70 9.02
C GLU B 141 -37.58 22.18 9.23
N ASN B 142 -36.56 22.94 8.85
CA ASN B 142 -36.60 24.39 9.06
C ASN B 142 -37.55 25.09 8.12
N ALA B 143 -37.81 24.46 6.99
CA ALA B 143 -38.81 24.98 6.06
C ALA B 143 -40.18 24.77 6.69
N PHE B 144 -40.37 23.60 7.30
CA PHE B 144 -41.59 23.33 8.05
C PHE B 144 -41.81 24.42 9.09
N LYS B 145 -40.76 24.73 9.83
CA LYS B 145 -40.85 25.71 10.91
C LYS B 145 -41.18 27.07 10.34
N THR B 146 -40.45 27.46 9.32
CA THR B 146 -40.69 28.73 8.64
C THR B 146 -42.15 28.84 8.24
N ILE B 147 -42.69 27.75 7.70
CA ILE B 147 -44.08 27.72 7.29
C ILE B 147 -45.01 27.89 8.49
N PHE B 148 -44.82 27.09 9.54
CA PHE B 148 -45.63 27.25 10.75
C PHE B 148 -45.60 28.66 11.30
N MET B 149 -44.40 29.25 11.34
CA MET B 149 -44.22 30.62 11.85
C MET B 149 -45.00 31.64 11.03
N TRP B 150 -44.94 31.47 9.72
CA TRP B 150 -45.63 32.36 8.78
C TRP B 150 -47.15 32.24 8.95
N TYR B 151 -47.62 31.01 9.15
CA TYR B 151 -49.04 30.77 9.31
C TYR B 151 -49.60 31.34 10.61
N ARG B 152 -48.92 31.20 11.74
CA ARG B 152 -49.40 31.86 12.97
C ARG B 152 -49.31 33.38 12.78
N SER B 153 -48.36 33.82 11.96
CA SER B 153 -48.16 35.23 11.70
C SER B 153 -49.34 35.83 10.92
N LYS B 154 -49.97 35.02 10.07
CA LYS B 154 -51.17 35.43 9.39
C LYS B 154 -52.25 35.72 10.41
N GLU B 155 -52.47 34.77 11.31
CA GLU B 155 -53.57 34.79 12.26
C GLU B 155 -53.39 35.82 13.38
N ARG B 156 -52.18 35.92 13.89
CA ARG B 156 -51.84 36.84 14.96
C ARG B 156 -51.82 38.28 14.45
N GLY B 157 -51.46 38.43 13.18
CA GLY B 157 -51.29 39.75 12.58
C GLY B 157 -49.98 40.37 13.03
N GLN B 158 -49.82 41.67 12.75
CA GLN B 158 -48.62 42.40 13.19
C GLN B 158 -48.85 42.88 14.61
N SER B 159 -48.87 41.95 15.54
CA SER B 159 -49.09 42.20 16.94
C SER B 159 -48.11 41.37 17.79
N ALA B 160 -48.19 41.52 19.10
CA ALA B 160 -47.26 40.87 20.02
C ALA B 160 -47.64 39.43 20.28
N PHE B 161 -46.69 38.70 20.88
CA PHE B 161 -46.89 37.32 21.34
C PHE B 161 -47.74 37.36 22.59
N SER B 162 -48.61 36.38 22.79
CA SER B 162 -49.44 36.43 23.98
C SER B 162 -48.70 35.75 25.13
N LYS B 163 -49.03 36.15 26.35
CA LYS B 163 -48.43 35.52 27.54
C LYS B 163 -48.80 34.04 27.64
N GLU B 164 -50.02 33.69 27.25
CA GLU B 164 -50.44 32.28 27.32
C GLU B 164 -49.53 31.47 26.40
N GLU B 165 -49.40 31.95 25.17
CA GLU B 165 -48.55 31.36 24.13
C GLU B 165 -47.10 31.23 24.58
N LEU B 166 -46.59 32.31 25.14
CA LEU B 166 -45.21 32.36 25.60
C LEU B 166 -44.90 31.32 26.66
N GLU B 167 -45.92 30.99 27.42
CA GLU B 167 -45.80 30.04 28.51
C GLU B 167 -45.97 28.61 28.05
N THR B 168 -47.04 28.39 27.31
CA THR B 168 -47.37 27.06 26.82
C THR B 168 -46.30 26.51 25.90
N CYS B 169 -45.71 27.39 25.08
CA CYS B 169 -44.67 26.96 24.14
C CYS B 169 -43.46 26.34 24.84
N MET B 170 -43.13 26.85 26.03
CA MET B 170 -41.96 26.32 26.76
C MET B 170 -42.19 24.90 27.26
N ILE B 171 -43.46 24.54 27.40
CA ILE B 171 -43.84 23.20 27.87
C ILE B 171 -44.69 22.44 26.88
N ASN B 172 -44.33 22.56 25.61
CA ASN B 172 -44.88 21.72 24.55
C ASN B 172 -46.41 21.72 24.48
N GLN B 173 -47.00 22.88 24.65
CA GLN B 173 -48.46 22.98 24.68
C GLN B 173 -49.02 24.08 23.82
N ALA B 174 -50.26 23.85 23.38
CA ALA B 174 -51.05 24.90 22.76
C ALA B 174 -51.48 25.86 23.86
N PRO B 175 -51.69 27.13 23.52
CA PRO B 175 -51.60 27.64 22.14
C PRO B 175 -50.19 27.95 21.66
N GLY B 176 -49.24 27.98 22.58
CA GLY B 176 -47.86 28.27 22.23
C GLY B 176 -47.39 27.37 21.10
N CYS B 177 -47.63 26.07 21.28
CA CYS B 177 -47.32 25.05 20.29
C CYS B 177 -48.60 24.65 19.58
N PRO B 178 -48.83 25.19 18.40
CA PRO B 178 -50.05 24.92 17.67
C PRO B 178 -50.02 23.54 17.07
N ASP B 179 -51.22 23.02 16.93
CA ASP B 179 -51.43 21.69 16.41
C ASP B 179 -51.54 21.70 14.89
N TYR B 180 -50.75 22.56 14.24
CA TYR B 180 -50.76 22.66 12.79
C TYR B 180 -50.10 21.47 12.14
N SER B 181 -50.36 21.32 10.86
CA SER B 181 -49.89 20.18 10.09
C SER B 181 -49.31 20.59 8.77
N ILE B 182 -48.52 19.69 8.22
CA ILE B 182 -47.99 19.83 6.89
C ILE B 182 -48.51 18.66 6.10
N LEU B 183 -49.05 18.91 4.93
CA LEU B 183 -49.63 17.83 4.15
C LEU B 183 -48.58 17.25 3.23
N SER B 184 -48.53 15.93 3.19
CA SER B 184 -47.56 15.18 2.38
C SER B 184 -48.23 14.09 1.54
N PHE B 185 -47.47 13.52 0.61
CA PHE B 185 -47.99 12.53 -0.33
C PHE B 185 -47.44 11.14 -0.09
N MET B 186 -48.26 10.13 -0.37
CA MET B 186 -47.79 8.75 -0.32
C MET B 186 -46.63 8.60 -1.29
N GLY B 187 -45.71 7.71 -0.96
CA GLY B 187 -44.53 7.45 -1.77
C GLY B 187 -43.45 8.50 -1.62
N ALA B 188 -43.69 9.42 -0.71
CA ALA B 188 -42.82 10.58 -0.57
C ALA B 188 -41.64 10.25 0.27
N PHE B 189 -40.64 11.10 0.13
CA PHE B 189 -39.49 11.04 0.98
C PHE B 189 -38.84 12.41 1.12
N HIS B 190 -38.78 12.87 2.36
CA HIS B 190 -38.29 14.21 2.68
C HIS B 190 -37.28 14.26 3.80
N GLY B 191 -36.77 13.10 4.17
CA GLY B 191 -35.82 13.02 5.26
C GLY B 191 -36.35 12.16 6.39
N ARG B 192 -35.51 11.99 7.40
CA ARG B 192 -35.76 10.99 8.46
C ARG B 192 -35.70 11.49 9.89
N THR B 193 -35.33 12.74 10.09
CA THR B 193 -35.51 13.35 11.41
C THR B 193 -37.00 13.33 11.69
N MET B 194 -37.38 13.47 12.94
CA MET B 194 -38.76 13.14 13.34
C MET B 194 -39.85 13.97 12.68
N GLY B 195 -39.48 15.16 12.22
CA GLY B 195 -40.42 16.04 11.54
C GLY B 195 -40.58 15.66 10.08
N CYS B 196 -39.46 15.61 9.37
CA CYS B 196 -39.43 15.17 7.96
C CYS B 196 -40.12 13.86 7.84
N LEU B 197 -39.76 12.99 8.76
CA LEU B 197 -40.20 11.61 8.75
C LEU B 197 -41.71 11.48 8.70
N ALA B 198 -42.42 12.40 9.34
CA ALA B 198 -43.89 12.36 9.31
C ALA B 198 -44.41 12.55 7.89
N THR B 199 -43.68 13.34 7.11
CA THR B 199 -44.07 13.63 5.72
C THR B 199 -43.48 12.64 4.70
N THR B 200 -42.64 11.74 5.18
CA THR B 200 -42.09 10.66 4.37
C THR B 200 -43.05 9.48 4.39
N HIS B 201 -43.21 8.83 3.25
CA HIS B 201 -44.11 7.68 3.12
C HIS B 201 -43.62 6.73 2.05
N SER B 202 -42.37 6.36 2.25
CA SER B 202 -41.59 5.63 1.26
C SER B 202 -41.65 4.13 1.51
N LYS B 203 -41.18 3.74 2.68
CA LYS B 203 -40.95 2.34 2.96
C LYS B 203 -41.08 2.08 4.46
N ALA B 204 -41.82 1.04 4.82
CA ALA B 204 -42.11 0.78 6.24
C ALA B 204 -40.85 0.71 7.11
N ILE B 205 -39.77 0.15 6.59
CA ILE B 205 -38.55 0.04 7.42
C ILE B 205 -38.03 1.42 7.85
N HIS B 206 -38.28 2.43 7.01
CA HIS B 206 -37.87 3.83 7.34
C HIS B 206 -38.70 4.45 8.45
N LYS B 207 -39.94 4.02 8.59
CA LYS B 207 -40.89 4.69 9.50
C LYS B 207 -41.17 3.92 10.77
N ILE B 208 -41.05 2.61 10.70
CA ILE B 208 -41.58 1.76 11.76
C ILE B 208 -40.88 1.99 13.11
N ASP B 209 -41.70 1.99 14.15
CA ASP B 209 -41.28 2.16 15.57
C ASP B 209 -41.01 3.59 15.98
N ILE B 210 -41.11 4.50 15.04
CA ILE B 210 -40.84 5.92 15.31
C ILE B 210 -42.13 6.69 15.46
N PRO B 211 -42.29 7.40 16.58
CA PRO B 211 -43.46 8.24 16.75
C PRO B 211 -43.52 9.23 15.62
N SER B 212 -44.73 9.69 15.34
CA SER B 212 -44.97 10.50 14.17
C SER B 212 -45.96 11.61 14.49
N PHE B 213 -46.38 12.30 13.44
CA PHE B 213 -47.36 13.35 13.57
C PHE B 213 -48.61 12.95 12.82
N ASP B 214 -49.76 13.26 13.38
CA ASP B 214 -51.02 13.00 12.67
C ASP B 214 -51.27 14.12 11.67
N TRP B 215 -50.64 13.98 10.53
CA TRP B 215 -50.76 14.96 9.44
C TRP B 215 -51.39 14.28 8.24
N PRO B 216 -52.09 15.03 7.41
CA PRO B 216 -52.76 14.44 6.25
C PRO B 216 -51.80 13.91 5.22
N ILE B 217 -52.16 12.74 4.70
CA ILE B 217 -51.40 12.08 3.65
C ILE B 217 -52.31 11.88 2.46
N ALA B 218 -51.84 12.34 1.32
CA ALA B 218 -52.62 12.34 0.08
C ALA B 218 -51.98 11.44 -0.95
N PRO B 219 -52.78 10.90 -1.87
CA PRO B 219 -52.23 10.06 -2.93
C PRO B 219 -51.47 10.89 -3.92
N PHE B 220 -50.39 10.31 -4.40
CA PHE B 220 -49.62 10.90 -5.46
C PHE B 220 -49.95 10.14 -6.74
N PRO B 221 -50.16 10.86 -7.84
CA PRO B 221 -50.48 10.23 -9.12
C PRO B 221 -49.62 9.01 -9.49
N ARG B 222 -50.27 7.95 -9.96
CA ARG B 222 -49.62 6.73 -10.41
C ARG B 222 -49.88 6.55 -11.90
N LEU B 223 -49.01 7.12 -12.72
CA LEU B 223 -49.22 7.14 -14.15
C LEU B 223 -49.03 5.76 -14.79
N LYS B 224 -49.92 5.44 -15.73
CA LYS B 224 -49.86 4.21 -16.49
C LYS B 224 -49.12 4.46 -17.79
N TYR B 225 -48.15 3.60 -18.09
CA TYR B 225 -47.31 3.75 -19.28
C TYR B 225 -47.67 2.69 -20.35
N PRO B 226 -47.45 2.97 -21.64
CA PRO B 226 -46.85 4.23 -22.11
C PRO B 226 -47.84 5.37 -22.11
N LEU B 227 -47.32 6.59 -22.02
CA LEU B 227 -48.14 7.79 -21.78
C LEU B 227 -49.07 8.10 -22.96
N GLU B 228 -48.55 7.94 -24.17
CA GLU B 228 -49.35 8.06 -25.40
C GLU B 228 -50.71 7.31 -25.31
N GLU B 229 -50.68 6.09 -24.76
CA GLU B 229 -51.85 5.21 -24.72
C GLU B 229 -52.82 5.47 -23.56
N PHE B 230 -52.43 6.28 -22.59
CA PHE B 230 -53.21 6.43 -21.34
C PHE B 230 -53.63 7.84 -20.95
N VAL B 231 -53.54 8.76 -21.90
CA VAL B 231 -53.88 10.16 -21.67
C VAL B 231 -55.07 10.37 -20.73
N LYS B 232 -56.24 9.83 -21.09
CA LYS B 232 -57.46 10.03 -20.29
C LYS B 232 -57.31 9.51 -18.88
N GLU B 233 -56.94 8.25 -18.78
CA GLU B 233 -56.76 7.56 -17.50
C GLU B 233 -55.83 8.36 -16.61
N ASN B 234 -54.69 8.71 -17.19
CA ASN B 234 -53.69 9.50 -16.48
C ASN B 234 -54.18 10.90 -16.12
N GLN B 235 -55.01 11.47 -16.99
CA GLN B 235 -55.72 12.71 -16.67
C GLN B 235 -56.59 12.52 -15.43
N GLN B 236 -57.40 11.47 -15.47
CA GLN B 236 -58.40 11.18 -14.41
C GLN B 236 -57.74 10.87 -13.06
N GLU B 237 -56.64 10.13 -13.10
CA GLU B 237 -55.87 9.74 -11.91
C GLU B 237 -55.36 10.99 -11.19
N GLU B 238 -54.76 11.88 -11.96
CA GLU B 238 -54.26 13.15 -11.43
C GLU B 238 -55.37 13.95 -10.77
N ALA B 239 -56.48 14.10 -11.48
CA ALA B 239 -57.65 14.84 -10.95
C ALA B 239 -58.17 14.23 -9.66
N ARG B 240 -58.21 12.90 -9.63
CA ARG B 240 -58.69 12.19 -8.44
C ARG B 240 -57.79 12.57 -7.26
N CYS B 241 -56.50 12.53 -7.51
CA CYS B 241 -55.49 12.86 -6.49
C CYS B 241 -55.67 14.28 -6.00
N LEU B 242 -55.71 15.22 -6.94
CA LEU B 242 -55.94 16.63 -6.62
C LEU B 242 -57.19 16.84 -5.79
N GLU B 243 -58.26 16.14 -6.13
CA GLU B 243 -59.51 16.25 -5.38
C GLU B 243 -59.26 15.75 -3.95
N GLU B 244 -58.53 14.65 -3.83
CA GLU B 244 -58.22 14.04 -2.53
C GLU B 244 -57.37 14.95 -1.64
N VAL B 245 -56.50 15.73 -2.25
CA VAL B 245 -55.69 16.70 -1.48
C VAL B 245 -56.63 17.70 -0.86
N GLU B 246 -57.42 18.34 -1.70
CA GLU B 246 -58.34 19.38 -1.25
C GLU B 246 -59.21 18.92 -0.10
N ASP B 247 -59.85 17.76 -0.25
CA ASP B 247 -60.68 17.24 0.84
C ASP B 247 -59.85 17.15 2.11
N LEU B 248 -58.69 16.54 1.97
CA LEU B 248 -57.79 16.35 3.12
C LEU B 248 -57.58 17.64 3.89
N ILE B 249 -57.25 18.71 3.17
CA ILE B 249 -57.04 20.01 3.77
C ILE B 249 -58.26 20.41 4.59
N VAL B 250 -59.41 20.31 3.95
CA VAL B 250 -60.69 20.65 4.57
C VAL B 250 -60.92 19.84 5.83
N LYS B 251 -60.75 18.53 5.70
CA LYS B 251 -60.92 17.59 6.79
C LYS B 251 -60.14 18.01 8.03
N TYR B 252 -58.92 18.42 7.78
CA TYR B 252 -57.98 18.80 8.84
C TYR B 252 -58.20 20.19 9.40
N ARG B 253 -58.77 21.05 8.57
CA ARG B 253 -59.20 22.37 9.03
C ARG B 253 -60.27 22.14 10.08
N LYS B 254 -61.13 21.16 9.79
CA LYS B 254 -62.22 20.78 10.70
C LYS B 254 -61.72 19.99 11.91
N LYS B 255 -60.69 19.17 11.71
CA LYS B 255 -60.06 18.46 12.85
C LYS B 255 -59.30 19.44 13.76
N LYS B 256 -59.26 20.71 13.34
CA LYS B 256 -58.53 21.77 14.03
C LYS B 256 -57.05 21.42 14.11
N LYS B 257 -56.60 20.81 13.03
CA LYS B 257 -55.20 20.49 12.79
C LYS B 257 -54.83 21.13 11.46
N THR B 258 -55.13 22.41 11.37
CA THR B 258 -54.94 23.17 10.14
C THR B 258 -53.69 22.79 9.38
N VAL B 259 -53.86 22.69 8.07
CA VAL B 259 -52.76 22.45 7.16
C VAL B 259 -52.09 23.77 6.83
N ALA B 260 -50.93 23.98 7.43
CA ALA B 260 -50.16 25.21 7.21
C ALA B 260 -49.40 25.19 5.89
N GLY B 261 -48.96 24.00 5.50
CA GLY B 261 -48.20 23.86 4.27
C GLY B 261 -48.33 22.50 3.61
N ILE B 262 -47.99 22.47 2.33
CA ILE B 262 -47.94 21.24 1.56
C ILE B 262 -46.55 21.06 1.03
N ILE B 263 -46.04 19.84 1.18
CA ILE B 263 -44.73 19.50 0.66
C ILE B 263 -44.86 18.40 -0.36
N VAL B 264 -44.12 18.54 -1.45
CA VAL B 264 -44.15 17.57 -2.55
C VAL B 264 -42.81 17.59 -3.28
N GLU B 265 -42.45 16.46 -3.86
CA GLU B 265 -41.26 16.40 -4.71
C GLU B 265 -41.69 16.55 -6.16
N PRO B 266 -40.95 17.31 -6.96
CA PRO B 266 -41.25 17.40 -8.39
C PRO B 266 -41.34 16.03 -9.04
N ILE B 267 -40.50 15.13 -8.54
CA ILE B 267 -40.54 13.72 -8.86
C ILE B 267 -40.27 12.97 -7.57
N GLN B 268 -41.12 12.01 -7.23
CA GLN B 268 -40.87 11.20 -6.03
C GLN B 268 -39.72 10.25 -6.32
N SER B 269 -38.67 10.33 -5.52
CA SER B 269 -37.45 9.55 -5.79
C SER B 269 -37.39 8.21 -5.06
N GLU B 270 -37.09 8.24 -3.77
CA GLU B 270 -36.94 7.01 -2.97
C GLU B 270 -38.19 6.15 -3.04
N GLY B 271 -39.34 6.80 -3.13
CA GLY B 271 -40.61 6.10 -3.24
C GLY B 271 -40.84 5.37 -4.55
N GLY B 272 -39.93 5.56 -5.51
CA GLY B 272 -39.93 4.80 -6.75
C GLY B 272 -40.06 5.62 -8.01
N ASP B 273 -39.29 6.70 -8.10
CA ASP B 273 -39.33 7.62 -9.26
C ASP B 273 -40.72 7.78 -9.85
N ASN B 274 -41.58 8.43 -9.08
CA ASN B 274 -42.95 8.68 -9.49
C ASN B 274 -43.10 10.07 -10.10
N HIS B 275 -43.59 10.10 -11.34
CA HIS B 275 -43.80 11.35 -12.05
C HIS B 275 -45.26 11.72 -12.12
N ALA B 276 -45.47 12.99 -12.40
CA ALA B 276 -46.79 13.54 -12.64
C ALA B 276 -46.66 14.63 -13.68
N SER B 277 -47.78 15.10 -14.18
CA SER B 277 -47.74 16.11 -15.23
C SER B 277 -47.41 17.46 -14.61
N ASP B 278 -46.84 18.34 -15.43
CA ASP B 278 -46.64 19.73 -15.01
C ASP B 278 -47.97 20.38 -14.72
N ASP B 279 -48.96 19.99 -15.50
CA ASP B 279 -50.33 20.44 -15.25
C ASP B 279 -50.74 20.04 -13.84
N PHE B 280 -50.41 18.83 -13.43
CA PHE B 280 -50.75 18.35 -12.08
C PHE B 280 -50.17 19.30 -11.04
N PHE B 281 -48.86 19.50 -11.09
CA PHE B 281 -48.17 20.40 -10.16
C PHE B 281 -48.66 21.83 -10.21
N ARG B 282 -49.03 22.29 -11.40
CA ARG B 282 -49.54 23.64 -11.54
C ARG B 282 -50.83 23.78 -10.75
N LYS B 283 -51.69 22.78 -10.87
CA LYS B 283 -52.98 22.77 -10.15
C LYS B 283 -52.80 22.62 -8.66
N LEU B 284 -51.86 21.76 -8.27
CA LEU B 284 -51.56 21.54 -6.87
C LEU B 284 -51.10 22.84 -6.25
N ARG B 285 -50.31 23.61 -7.00
CA ARG B 285 -49.85 24.91 -6.54
C ARG B 285 -51.00 25.87 -6.29
N ASP B 286 -52.01 25.84 -7.15
CA ASP B 286 -53.20 26.70 -6.97
C ASP B 286 -53.98 26.29 -5.76
N ILE B 287 -54.16 24.98 -5.58
CA ILE B 287 -54.92 24.46 -4.45
C ILE B 287 -54.32 24.99 -3.17
N SER B 288 -53.01 24.82 -3.06
CA SER B 288 -52.25 25.31 -1.92
C SER B 288 -52.59 26.75 -1.66
N ARG B 289 -52.50 27.55 -2.72
CA ARG B 289 -52.71 28.99 -2.62
C ARG B 289 -54.13 29.28 -2.14
N LYS B 290 -55.07 28.62 -2.78
CA LYS B 290 -56.50 28.78 -2.49
C LYS B 290 -56.81 28.60 -0.99
N HIS B 291 -56.11 27.67 -0.35
CA HIS B 291 -56.36 27.36 1.07
C HIS B 291 -55.38 27.97 2.07
N GLY B 292 -54.57 28.91 1.59
CA GLY B 292 -53.60 29.57 2.43
C GLY B 292 -52.50 28.64 2.90
N CYS B 293 -52.30 27.56 2.17
CA CYS B 293 -51.25 26.59 2.47
C CYS B 293 -49.98 27.07 1.81
N ALA B 294 -48.90 27.09 2.58
CA ALA B 294 -47.60 27.38 2.00
C ALA B 294 -47.25 26.20 1.12
N PHE B 295 -46.76 26.47 -0.07
CA PHE B 295 -46.44 25.40 -1.02
C PHE B 295 -44.94 25.15 -1.01
N LEU B 296 -44.58 24.01 -0.45
CA LEU B 296 -43.20 23.61 -0.23
C LEU B 296 -42.76 22.57 -1.24
N VAL B 297 -41.86 22.97 -2.11
CA VAL B 297 -41.31 22.05 -3.11
C VAL B 297 -39.94 21.60 -2.65
N ASP B 298 -39.77 20.28 -2.60
CA ASP B 298 -38.54 19.66 -2.12
C ASP B 298 -37.74 19.20 -3.32
N GLU B 299 -36.79 20.03 -3.70
CA GLU B 299 -35.87 19.77 -4.82
C GLU B 299 -34.53 19.23 -4.34
N VAL B 300 -34.53 18.64 -3.16
CA VAL B 300 -33.31 18.07 -2.61
C VAL B 300 -32.64 17.07 -3.55
N GLN B 301 -33.44 16.22 -4.18
CA GLN B 301 -32.88 15.22 -5.10
C GLN B 301 -33.01 15.64 -6.57
N THR B 302 -34.16 16.22 -6.92
CA THR B 302 -34.39 16.69 -8.31
C THR B 302 -33.63 17.95 -8.67
N GLY B 303 -33.19 18.68 -7.68
CA GLY B 303 -32.50 19.95 -7.92
C GLY B 303 -31.07 19.70 -8.34
N GLY B 304 -30.56 20.59 -9.19
CA GLY B 304 -29.17 20.51 -9.61
C GLY B 304 -28.93 20.23 -11.09
N GLY B 305 -29.95 20.42 -11.92
CA GLY B 305 -29.79 20.35 -13.37
C GLY B 305 -30.05 19.04 -14.07
N SER B 306 -30.00 17.94 -13.35
CA SER B 306 -30.11 16.61 -13.98
C SER B 306 -31.36 16.39 -14.82
N THR B 307 -32.44 17.13 -14.57
CA THR B 307 -33.64 17.00 -15.42
C THR B 307 -33.66 17.95 -16.60
N GLY B 308 -32.54 18.60 -16.88
CA GLY B 308 -32.45 19.52 -18.01
C GLY B 308 -32.68 20.98 -17.65
N LYS B 309 -33.13 21.21 -16.42
CA LYS B 309 -33.27 22.57 -15.88
C LYS B 309 -32.78 22.56 -14.46
N PHE B 310 -32.18 23.66 -14.02
CA PHE B 310 -31.55 23.66 -12.70
C PHE B 310 -32.48 23.10 -11.63
N TRP B 311 -33.66 23.67 -11.52
CA TRP B 311 -34.68 23.15 -10.62
C TRP B 311 -35.76 22.50 -11.44
N ALA B 312 -36.14 21.29 -11.05
CA ALA B 312 -37.22 20.55 -11.72
C ALA B 312 -38.51 21.36 -11.87
N HIS B 313 -38.89 22.12 -10.85
CA HIS B 313 -40.18 22.84 -10.88
C HIS B 313 -40.24 23.83 -12.07
N GLU B 314 -39.07 24.30 -12.48
CA GLU B 314 -38.95 25.20 -13.65
C GLU B 314 -39.73 24.71 -14.86
N HIS B 315 -39.79 23.38 -15.04
CA HIS B 315 -40.53 22.79 -16.17
C HIS B 315 -42.01 23.16 -16.12
N TRP B 316 -42.51 23.40 -14.91
CA TRP B 316 -43.93 23.75 -14.70
C TRP B 316 -44.30 25.12 -15.31
N GLY B 317 -43.29 25.90 -15.64
CA GLY B 317 -43.46 27.21 -16.28
C GLY B 317 -44.18 28.30 -15.50
N LEU B 318 -44.20 28.22 -14.17
CA LEU B 318 -44.92 29.22 -13.38
C LEU B 318 -44.04 30.34 -12.87
N ASP B 319 -44.63 31.53 -12.82
CA ASP B 319 -43.96 32.69 -12.23
C ASP B 319 -43.94 32.66 -10.72
N ASP B 320 -44.85 31.90 -10.15
CA ASP B 320 -44.97 31.76 -8.70
C ASP B 320 -45.14 30.27 -8.48
N PRO B 321 -44.05 29.54 -8.64
CA PRO B 321 -44.08 28.08 -8.58
C PRO B 321 -44.27 27.56 -7.18
N ALA B 322 -43.90 28.38 -6.21
CA ALA B 322 -43.85 27.93 -4.84
C ALA B 322 -43.54 29.05 -3.85
N ASP B 323 -43.71 28.73 -2.58
CA ASP B 323 -43.43 29.66 -1.50
C ASP B 323 -42.10 29.35 -0.84
N VAL B 324 -41.79 28.06 -0.76
CA VAL B 324 -40.53 27.57 -0.18
C VAL B 324 -39.99 26.42 -1.03
N MET B 325 -38.69 26.43 -1.24
CA MET B 325 -38.02 25.36 -1.99
C MET B 325 -36.75 24.89 -1.28
N THR B 326 -36.71 23.61 -0.94
CA THR B 326 -35.55 23.06 -0.23
C THR B 326 -34.64 22.37 -1.22
N PHE B 327 -33.35 22.39 -0.87
CA PHE B 327 -32.36 21.71 -1.67
C PHE B 327 -31.25 21.18 -0.79
N SER B 328 -30.43 20.36 -1.41
CA SER B 328 -29.24 19.80 -0.77
C SER B 328 -28.55 18.93 -1.82
N LYS B 329 -27.79 17.96 -1.34
CA LYS B 329 -27.18 16.93 -2.18
C LYS B 329 -26.24 17.50 -3.22
N LYS B 330 -26.69 17.55 -4.46
CA LYS B 330 -25.91 18.08 -5.56
C LYS B 330 -25.39 19.48 -5.30
N MET B 331 -26.19 20.25 -4.56
CA MET B 331 -25.83 21.64 -4.26
C MET B 331 -24.71 21.74 -3.22
N MET B 332 -24.26 20.58 -2.75
CA MET B 332 -23.14 20.43 -1.79
C MET B 332 -23.54 20.85 -0.37
N THR B 333 -24.27 21.93 -0.30
CA THR B 333 -24.82 22.43 0.94
C THR B 333 -26.33 22.30 0.87
N GLY B 334 -26.94 22.33 2.04
CA GLY B 334 -28.38 22.30 2.13
C GLY B 334 -28.90 23.73 2.23
N GLY B 335 -30.21 23.85 2.40
CA GLY B 335 -30.84 25.15 2.63
C GLY B 335 -32.20 25.23 1.98
N PHE B 336 -32.79 26.41 2.02
CA PHE B 336 -34.03 26.64 1.28
C PHE B 336 -34.25 28.10 0.88
N PHE B 337 -34.66 28.28 -0.36
CA PHE B 337 -35.11 29.58 -0.84
C PHE B 337 -36.54 29.78 -0.36
N HIS B 338 -36.97 31.03 -0.36
CA HIS B 338 -38.36 31.35 -0.02
C HIS B 338 -38.74 32.79 -0.29
N LYS B 339 -40.04 33.02 -0.27
CA LYS B 339 -40.58 34.34 -0.53
C LYS B 339 -40.33 35.29 0.61
N GLU B 340 -40.20 36.56 0.26
CA GLU B 340 -39.97 37.64 1.23
C GLU B 340 -40.96 37.51 2.38
N GLU B 341 -42.20 37.20 2.02
CA GLU B 341 -43.30 37.14 3.00
C GLU B 341 -43.12 36.02 4.05
N PHE B 342 -42.26 35.06 3.76
CA PHE B 342 -41.99 33.94 4.69
C PHE B 342 -40.83 34.22 5.64
N ARG B 343 -40.17 35.32 5.36
CA ARG B 343 -39.05 35.78 6.17
C ARG B 343 -39.42 35.82 7.66
N PRO B 344 -38.70 35.05 8.46
CA PRO B 344 -38.91 35.08 9.90
C PRO B 344 -38.91 36.50 10.42
N ASN B 345 -39.86 36.74 11.30
CA ASN B 345 -40.10 38.06 11.89
C ASN B 345 -39.03 38.50 12.90
N ALA B 346 -38.30 37.54 13.43
CA ALA B 346 -37.27 37.80 14.44
C ALA B 346 -36.19 36.75 14.37
N PRO B 347 -34.98 37.08 14.81
CA PRO B 347 -33.89 36.12 14.75
C PRO B 347 -34.08 35.05 15.80
N TYR B 348 -33.18 34.08 15.78
CA TYR B 348 -33.16 32.99 16.75
C TYR B 348 -34.37 32.08 16.73
N ARG B 349 -35.12 32.11 15.63
CA ARG B 349 -36.24 31.18 15.44
C ARG B 349 -35.86 30.11 14.44
N ILE B 350 -35.44 30.56 13.28
CA ILE B 350 -34.81 29.67 12.31
C ILE B 350 -33.31 29.88 12.44
N PHE B 351 -32.67 28.90 13.02
CA PHE B 351 -31.29 29.05 13.43
C PHE B 351 -30.71 27.72 13.87
N ASN B 352 -29.41 27.62 13.72
CA ASN B 352 -28.64 26.53 14.30
C ASN B 352 -27.16 26.93 14.31
N THR B 353 -26.31 26.07 14.82
CA THR B 353 -24.90 26.41 15.06
C THR B 353 -24.18 26.82 13.79
N TRP B 354 -24.14 25.87 12.84
CA TRP B 354 -23.31 26.02 11.65
C TRP B 354 -24.05 26.57 10.44
N LEU B 355 -25.34 26.30 10.38
CA LEU B 355 -26.19 26.78 9.28
C LEU B 355 -25.56 26.65 7.91
N GLY B 356 -24.94 25.52 7.64
CA GLY B 356 -24.27 25.33 6.38
C GLY B 356 -22.78 25.20 6.62
N ASP B 357 -21.99 25.58 5.65
CA ASP B 357 -20.54 25.43 5.75
C ASP B 357 -19.87 26.11 4.58
N PRO B 358 -19.20 27.23 4.84
CA PRO B 358 -18.61 28.04 3.77
C PRO B 358 -17.70 27.24 2.85
N SER B 359 -17.10 26.18 3.37
CA SER B 359 -16.30 25.29 2.54
C SER B 359 -17.17 24.72 1.40
N LYS B 360 -18.39 24.31 1.72
CA LYS B 360 -19.28 23.80 0.66
C LYS B 360 -19.66 24.88 -0.33
N ASN B 361 -19.94 26.08 0.16
CA ASN B 361 -20.30 27.19 -0.73
C ASN B 361 -19.17 27.49 -1.71
N LEU B 362 -17.94 27.38 -1.23
CA LEU B 362 -16.78 27.64 -2.05
C LEU B 362 -16.82 26.74 -3.27
N LEU B 363 -16.98 25.45 -2.97
CA LEU B 363 -17.04 24.41 -4.00
C LEU B 363 -18.25 24.62 -4.87
N LEU B 364 -19.38 24.86 -4.24
CA LEU B 364 -20.63 25.04 -4.97
C LEU B 364 -20.51 26.15 -6.01
N ALA B 365 -19.96 27.29 -5.62
CA ALA B 365 -19.83 28.41 -6.56
C ALA B 365 -19.11 27.99 -7.83
N GLU B 366 -18.11 27.12 -7.69
CA GLU B 366 -17.35 26.67 -8.85
C GLU B 366 -18.16 25.67 -9.68
N VAL B 367 -18.81 24.75 -8.99
CA VAL B 367 -19.68 23.77 -9.65
C VAL B 367 -20.67 24.46 -10.57
N ILE B 368 -21.34 25.46 -10.01
CA ILE B 368 -22.35 26.22 -10.75
C ILE B 368 -21.72 26.85 -11.97
N ASN B 369 -20.54 27.39 -11.79
CA ASN B 369 -19.82 28.01 -12.89
C ASN B 369 -19.57 27.01 -14.01
N ILE B 370 -19.08 25.84 -13.63
CA ILE B 370 -18.86 24.73 -14.56
C ILE B 370 -20.15 24.39 -15.28
N ILE B 371 -21.22 24.23 -14.51
CA ILE B 371 -22.52 23.88 -15.08
C ILE B 371 -22.92 24.86 -16.16
N LYS B 372 -22.62 26.13 -15.93
CA LYS B 372 -22.97 27.16 -16.91
C LYS B 372 -22.01 27.22 -18.08
N ARG B 373 -20.71 27.35 -17.79
CA ARG B 373 -19.69 27.44 -18.86
C ARG B 373 -19.73 26.23 -19.82
N GLU B 374 -19.96 25.04 -19.27
CA GLU B 374 -19.97 23.77 -20.03
C GLU B 374 -21.35 23.34 -20.53
N ASP B 375 -22.34 24.21 -20.33
CA ASP B 375 -23.70 23.98 -20.83
C ASP B 375 -24.29 22.63 -20.37
N LEU B 376 -24.10 22.32 -19.10
CA LEU B 376 -24.49 21.00 -18.55
C LEU B 376 -25.99 20.72 -18.41
N LEU B 377 -26.80 21.75 -18.25
CA LEU B 377 -28.26 21.57 -18.18
C LEU B 377 -28.77 20.97 -19.46
N SER B 378 -28.33 21.58 -20.55
CA SER B 378 -28.68 21.11 -21.90
C SER B 378 -28.16 19.73 -22.16
N ASN B 379 -26.91 19.49 -21.78
CA ASN B 379 -26.31 18.17 -21.95
C ASN B 379 -27.16 17.12 -21.26
N ALA B 380 -27.60 17.46 -20.06
CA ALA B 380 -28.38 16.53 -19.26
C ALA B 380 -29.61 16.15 -20.06
N ALA B 381 -30.29 17.16 -20.58
CA ALA B 381 -31.45 16.94 -21.44
C ALA B 381 -31.10 16.03 -22.62
N HIS B 382 -29.99 16.32 -23.27
CA HIS B 382 -29.64 15.59 -24.48
C HIS B 382 -29.27 14.15 -24.18
N ALA B 383 -28.33 14.00 -23.26
CA ALA B 383 -27.84 12.67 -22.86
C ALA B 383 -28.97 11.86 -22.25
N GLY B 384 -29.91 12.58 -21.63
CA GLY B 384 -31.08 11.97 -21.03
C GLY B 384 -31.90 11.31 -22.10
N LYS B 385 -32.24 12.10 -23.12
CA LYS B 385 -32.96 11.58 -24.29
C LYS B 385 -32.33 10.34 -24.86
N VAL B 386 -31.04 10.37 -25.12
CA VAL B 386 -30.36 9.20 -25.65
C VAL B 386 -30.62 8.01 -24.74
N LEU B 387 -30.40 8.26 -23.46
CA LEU B 387 -30.59 7.24 -22.44
C LEU B 387 -32.01 6.70 -22.47
N LEU B 388 -32.96 7.61 -22.38
CA LEU B 388 -34.37 7.23 -22.29
C LEU B 388 -34.80 6.51 -23.56
N THR B 389 -34.17 6.86 -24.67
CA THR B 389 -34.49 6.24 -25.95
C THR B 389 -34.06 4.79 -25.93
N GLY B 390 -32.82 4.58 -25.52
CA GLY B 390 -32.28 3.25 -25.38
C GLY B 390 -33.13 2.43 -24.45
N LEU B 391 -33.52 3.02 -23.34
CA LEU B 391 -34.36 2.32 -22.37
C LEU B 391 -35.61 1.84 -23.06
N LEU B 392 -36.28 2.73 -23.78
CA LEU B 392 -37.49 2.36 -24.52
C LEU B 392 -37.24 1.21 -25.46
N ASP B 393 -36.10 1.24 -26.13
CA ASP B 393 -35.75 0.18 -27.06
C ASP B 393 -35.64 -1.16 -26.30
N LEU B 394 -34.93 -1.16 -25.19
CA LEU B 394 -34.80 -2.37 -24.35
C LEU B 394 -36.14 -2.88 -23.86
N GLN B 395 -37.01 -1.94 -23.50
CA GLN B 395 -38.37 -2.26 -23.05
C GLN B 395 -39.15 -3.04 -24.10
N ALA B 396 -38.94 -2.64 -25.34
CA ALA B 396 -39.61 -3.25 -26.47
C ALA B 396 -39.09 -4.67 -26.63
N ARG B 397 -37.79 -4.79 -26.56
CA ARG B 397 -37.11 -6.07 -26.73
C ARG B 397 -37.24 -7.02 -25.55
N TYR B 398 -37.53 -6.49 -24.37
CA TYR B 398 -37.55 -7.30 -23.15
C TYR B 398 -38.66 -6.93 -22.19
N PRO B 399 -39.91 -7.04 -22.64
CA PRO B 399 -41.07 -6.77 -21.78
C PRO B 399 -41.18 -7.67 -20.58
N GLN B 400 -40.58 -8.85 -20.67
CA GLN B 400 -40.58 -9.81 -19.56
C GLN B 400 -39.77 -9.27 -18.37
N PHE B 401 -38.95 -8.27 -18.62
CA PHE B 401 -38.11 -7.67 -17.58
C PHE B 401 -38.31 -6.19 -17.36
N ILE B 402 -38.55 -5.47 -18.44
CA ILE B 402 -38.57 -4.01 -18.39
C ILE B 402 -39.97 -3.49 -18.59
N SER B 403 -40.40 -2.61 -17.71
CA SER B 403 -41.63 -1.91 -17.96
C SER B 403 -41.63 -0.50 -17.37
N ARG B 404 -42.55 0.30 -17.88
CA ARG B 404 -42.80 1.66 -17.39
C ARG B 404 -41.59 2.58 -17.47
N VAL B 405 -40.87 2.45 -18.57
CA VAL B 405 -39.72 3.29 -18.80
C VAL B 405 -40.15 4.74 -18.79
N ARG B 406 -39.45 5.53 -18.02
CA ARG B 406 -39.84 6.91 -17.79
C ARG B 406 -38.65 7.77 -17.45
N GLY B 407 -38.90 9.06 -17.49
CA GLY B 407 -37.88 10.01 -17.10
C GLY B 407 -38.01 11.39 -17.68
N ARG B 408 -37.15 12.24 -17.15
CA ARG B 408 -36.99 13.60 -17.62
C ARG B 408 -35.53 13.95 -17.43
N GLY B 409 -34.90 14.46 -18.47
CA GLY B 409 -33.47 14.67 -18.46
C GLY B 409 -32.86 13.30 -18.27
N THR B 410 -31.79 13.20 -17.48
CA THR B 410 -31.22 11.89 -17.17
C THR B 410 -31.88 11.24 -15.95
N PHE B 411 -32.88 11.91 -15.40
CA PHE B 411 -33.63 11.43 -14.21
C PHE B 411 -34.60 10.31 -14.64
N CYS B 412 -34.01 9.18 -15.01
CA CYS B 412 -34.77 8.08 -15.60
C CYS B 412 -34.95 6.89 -14.68
N SER B 413 -35.79 5.97 -15.14
CA SER B 413 -36.06 4.73 -14.41
C SER B 413 -36.97 3.79 -15.19
N PHE B 414 -36.99 2.56 -14.74
CA PHE B 414 -37.95 1.58 -15.22
C PHE B 414 -38.28 0.61 -14.10
N ASP B 415 -39.32 -0.17 -14.31
CA ASP B 415 -39.76 -1.17 -13.34
C ASP B 415 -39.42 -2.58 -13.83
N THR B 416 -39.16 -3.44 -12.86
CA THR B 416 -38.95 -4.85 -13.12
C THR B 416 -40.05 -5.62 -12.45
N PRO B 417 -40.23 -6.89 -12.80
CA PRO B 417 -41.37 -7.65 -12.30
C PRO B 417 -41.38 -7.74 -10.79
N ASP B 418 -40.24 -8.02 -10.18
CA ASP B 418 -40.17 -8.02 -8.72
C ASP B 418 -38.83 -7.55 -8.17
N GLU B 419 -38.81 -7.40 -6.86
CA GLU B 419 -37.65 -6.92 -6.13
C GLU B 419 -36.42 -7.81 -6.26
N SER B 420 -36.64 -9.11 -6.47
CA SER B 420 -35.51 -10.03 -6.58
C SER B 420 -34.78 -9.84 -7.91
N ILE B 421 -35.54 -9.84 -9.00
CA ILE B 421 -35.01 -9.53 -10.33
C ILE B 421 -34.40 -8.14 -10.33
N ARG B 422 -35.10 -7.18 -9.72
CA ARG B 422 -34.62 -5.81 -9.65
C ARG B 422 -33.24 -5.83 -9.05
N ASN B 423 -33.13 -6.55 -7.95
CA ASN B 423 -31.86 -6.63 -7.24
C ASN B 423 -30.84 -7.40 -8.03
N LYS B 424 -31.30 -8.41 -8.75
CA LYS B 424 -30.37 -9.23 -9.51
C LYS B 424 -29.76 -8.41 -10.63
N LEU B 425 -30.59 -7.66 -11.34
CA LEU B 425 -30.11 -6.87 -12.48
C LEU B 425 -29.08 -5.85 -12.04
N ILE B 426 -29.32 -5.24 -10.89
CA ILE B 426 -28.40 -4.25 -10.35
C ILE B 426 -27.08 -4.91 -10.03
N SER B 427 -27.22 -6.07 -9.41
CA SER B 427 -26.08 -6.86 -8.98
C SER B 427 -25.24 -7.25 -10.19
N ILE B 428 -25.89 -7.79 -11.21
CA ILE B 428 -25.20 -8.18 -12.46
C ILE B 428 -24.46 -6.98 -13.05
N ALA B 429 -25.18 -5.86 -13.15
CA ALA B 429 -24.67 -4.67 -13.84
C ALA B 429 -23.44 -4.17 -13.14
N ARG B 430 -23.49 -4.21 -11.83
CA ARG B 430 -22.39 -3.73 -11.02
C ARG B 430 -21.12 -4.54 -11.29
N ASN B 431 -21.24 -5.86 -11.30
CA ASN B 431 -20.11 -6.72 -11.67
C ASN B 431 -19.68 -6.54 -13.11
N LYS B 432 -20.57 -6.00 -13.94
CA LYS B 432 -20.27 -5.76 -15.35
C LYS B 432 -19.70 -4.37 -15.58
N GLY B 433 -19.70 -3.56 -14.54
CA GLY B 433 -19.05 -2.26 -14.59
C GLY B 433 -19.96 -1.05 -14.60
N VAL B 434 -21.21 -1.25 -14.24
CA VAL B 434 -22.16 -0.16 -14.14
C VAL B 434 -22.88 -0.18 -12.82
N MET B 435 -22.95 0.98 -12.21
CA MET B 435 -23.67 1.13 -10.96
C MET B 435 -24.99 1.78 -11.22
N LEU B 436 -26.03 1.07 -10.84
CA LEU B 436 -27.37 1.57 -10.94
C LEU B 436 -27.91 1.66 -9.54
N GLY B 437 -28.98 2.43 -9.41
CA GLY B 437 -29.63 2.54 -8.14
C GLY B 437 -31.00 1.92 -8.27
N GLY B 438 -31.56 1.53 -7.13
CA GLY B 438 -32.93 1.11 -7.09
C GLY B 438 -33.76 2.09 -6.28
N CYS B 439 -35.07 2.01 -6.44
CA CYS B 439 -36.01 2.81 -5.66
C CYS B 439 -37.34 2.07 -5.66
N GLY B 440 -38.19 2.34 -4.68
CA GLY B 440 -39.44 1.61 -4.54
C GLY B 440 -39.17 0.12 -4.33
N ASP B 441 -40.15 -0.74 -4.63
CA ASP B 441 -39.93 -2.19 -4.54
C ASP B 441 -39.09 -2.71 -5.67
N LYS B 442 -39.49 -2.34 -6.88
CA LYS B 442 -38.98 -3.05 -8.05
C LYS B 442 -38.51 -2.15 -9.18
N SER B 443 -38.10 -0.95 -8.85
CA SER B 443 -37.63 -0.04 -9.90
C SER B 443 -36.13 0.14 -9.86
N ILE B 444 -35.57 0.32 -11.05
CA ILE B 444 -34.18 0.68 -11.20
C ILE B 444 -34.18 2.13 -11.62
N ARG B 445 -33.24 2.87 -11.07
CA ARG B 445 -33.20 4.32 -11.24
C ARG B 445 -31.82 4.79 -11.68
N PHE B 446 -31.81 5.90 -12.40
CA PHE B 446 -30.55 6.49 -12.86
C PHE B 446 -30.35 7.85 -12.25
N ARG B 447 -29.16 8.09 -11.74
CA ARG B 447 -28.78 9.41 -11.25
C ARG B 447 -27.36 9.72 -11.64
N PRO B 448 -27.14 9.95 -12.93
CA PRO B 448 -25.81 10.26 -13.43
C PRO B 448 -25.41 11.65 -13.03
N THR B 449 -24.12 11.82 -12.80
CA THR B 449 -23.62 13.15 -12.51
C THR B 449 -23.80 13.97 -13.77
N LEU B 450 -23.67 15.28 -13.66
CA LEU B 450 -23.89 16.15 -14.80
C LEU B 450 -22.77 16.15 -15.86
N VAL B 451 -21.67 15.43 -15.64
CA VAL B 451 -20.66 15.24 -16.70
C VAL B 451 -20.86 13.89 -17.40
N PHE B 452 -22.04 13.31 -17.19
CA PHE B 452 -22.50 12.12 -17.91
C PHE B 452 -22.87 12.52 -19.33
N ARG B 453 -21.96 12.28 -20.26
CA ARG B 453 -22.21 12.55 -21.68
C ARG B 453 -23.06 11.44 -22.27
N ASP B 454 -23.61 11.70 -23.45
CA ASP B 454 -24.43 10.72 -24.15
C ASP B 454 -23.63 9.49 -24.64
N HIS B 455 -22.31 9.60 -24.72
CA HIS B 455 -21.48 8.46 -25.06
C HIS B 455 -21.38 7.46 -23.89
N HIS B 456 -21.56 7.96 -22.67
CA HIS B 456 -21.76 7.09 -21.51
C HIS B 456 -23.17 6.48 -21.56
N ALA B 457 -24.14 7.24 -22.06
CA ALA B 457 -25.50 6.71 -22.26
C ALA B 457 -25.47 5.51 -23.20
N HIS B 458 -24.65 5.57 -24.25
CA HIS B 458 -24.51 4.45 -25.17
C HIS B 458 -23.76 3.34 -24.47
N LEU B 459 -22.64 3.69 -23.85
CA LEU B 459 -21.80 2.73 -23.16
C LEU B 459 -22.61 1.87 -22.20
N PHE B 460 -23.50 2.51 -21.45
CA PHE B 460 -24.39 1.80 -20.55
C PHE B 460 -25.33 0.92 -21.38
N LEU B 461 -25.95 1.51 -22.38
CA LEU B 461 -26.94 0.81 -23.19
C LEU B 461 -26.37 -0.43 -23.89
N ASN B 462 -25.11 -0.40 -24.27
CA ASN B 462 -24.49 -1.48 -25.03
C ASN B 462 -24.07 -2.61 -24.11
N ILE B 463 -23.73 -2.25 -22.88
CA ILE B 463 -23.39 -3.22 -21.84
C ILE B 463 -24.64 -3.92 -21.32
N PHE B 464 -25.59 -3.12 -20.86
CA PHE B 464 -26.85 -3.59 -20.28
C PHE B 464 -27.69 -4.36 -21.30
N SER B 465 -27.56 -3.99 -22.56
CA SER B 465 -28.22 -4.73 -23.64
C SER B 465 -27.78 -6.18 -23.63
N ASP B 466 -26.47 -6.39 -23.54
CA ASP B 466 -25.90 -7.74 -23.52
C ASP B 466 -26.19 -8.47 -22.23
N ILE B 467 -26.36 -7.74 -21.13
CA ILE B 467 -26.81 -8.32 -19.86
C ILE B 467 -28.20 -8.95 -20.02
N LEU B 468 -29.07 -8.30 -20.78
CA LEU B 468 -30.45 -8.76 -20.98
C LEU B 468 -30.55 -10.02 -21.83
N ALA B 469 -29.75 -10.09 -22.89
CA ALA B 469 -29.74 -11.26 -23.76
C ALA B 469 -29.29 -12.51 -23.00
N ASP B 470 -28.41 -12.29 -22.02
CA ASP B 470 -27.84 -13.37 -21.22
C ASP B 470 -28.69 -13.68 -19.97
N PHE B 471 -29.58 -12.75 -19.61
CA PHE B 471 -30.45 -12.87 -18.43
C PHE B 471 -31.65 -13.78 -18.70
N PHE C 11 23.68 11.27 -1.20
CA PHE C 11 22.60 11.40 -0.18
C PHE C 11 22.92 10.65 1.15
N ASP C 12 22.17 10.98 2.21
CA ASP C 12 22.35 10.39 3.54
C ASP C 12 21.33 10.97 4.53
N TYR C 13 20.65 10.13 5.31
CA TYR C 13 19.76 10.61 6.41
C TYR C 13 20.59 11.18 7.57
N ASP C 14 19.90 11.79 8.52
CA ASP C 14 20.54 12.47 9.65
C ASP C 14 20.94 11.48 10.74
N GLY C 15 20.17 10.42 10.83
CA GLY C 15 20.38 9.40 11.83
C GLY C 15 19.28 8.36 11.78
N PRO C 16 19.36 7.39 12.66
CA PRO C 16 18.38 6.31 12.71
C PRO C 16 17.07 6.81 13.27
N LEU C 17 15.99 6.13 12.90
CA LEU C 17 14.68 6.37 13.51
C LEU C 17 13.92 5.08 13.46
N MET C 18 13.77 4.47 14.63
CA MET C 18 13.05 3.20 14.73
C MET C 18 11.59 3.47 15.02
N LYS C 19 10.74 2.78 14.30
CA LYS C 19 9.30 2.79 14.58
C LYS C 19 8.90 1.53 15.34
N THR C 20 9.50 0.41 14.97
CA THR C 20 9.20 -0.88 15.61
C THR C 20 10.41 -1.70 15.97
N GLU C 21 10.12 -2.78 16.69
CA GLU C 21 11.05 -3.87 16.89
C GLU C 21 11.36 -4.48 15.51
N VAL C 22 12.54 -5.10 15.40
CA VAL C 22 13.01 -5.70 14.15
C VAL C 22 13.32 -7.18 14.38
N PRO C 23 12.75 -8.07 13.56
CA PRO C 23 11.86 -7.70 12.48
C PRO C 23 10.50 -7.26 12.95
N GLY C 24 9.94 -6.36 12.16
CA GLY C 24 8.62 -5.83 12.44
C GLY C 24 7.55 -6.74 11.86
N PRO C 25 6.29 -6.39 12.11
CA PRO C 25 5.16 -7.24 11.72
C PRO C 25 5.05 -7.44 10.22
N ARG C 26 5.28 -6.36 9.47
CA ARG C 26 5.26 -6.43 8.00
C ARG C 26 6.38 -7.35 7.51
N SER C 27 7.52 -7.35 8.18
CA SER C 27 8.63 -8.25 7.85
C SER C 27 8.31 -9.69 8.21
N ARG C 28 7.72 -9.88 9.37
CA ARG C 28 7.39 -11.22 9.83
C ARG C 28 6.33 -11.85 8.94
N GLU C 29 5.41 -11.06 8.41
CA GLU C 29 4.44 -11.61 7.45
C GLU C 29 5.17 -12.07 6.21
N LEU C 30 6.02 -11.20 5.67
CA LEU C 30 6.82 -11.54 4.48
C LEU C 30 7.68 -12.77 4.71
N MET C 31 8.35 -12.84 5.86
CA MET C 31 9.17 -14.01 6.19
C MET C 31 8.31 -15.27 6.22
N LYS C 32 7.08 -15.13 6.72
CA LYS C 32 6.12 -16.24 6.77
C LYS C 32 5.90 -16.81 5.36
N GLN C 33 5.69 -15.90 4.41
CA GLN C 33 5.39 -16.26 3.02
C GLN C 33 6.59 -16.89 2.36
N LEU C 34 7.73 -16.22 2.45
CA LEU C 34 8.97 -16.74 1.89
C LEU C 34 9.30 -18.10 2.46
N ASN C 35 8.90 -18.38 3.69
CA ASN C 35 9.23 -19.66 4.31
C ASN C 35 8.48 -20.84 3.67
N ILE C 36 7.40 -20.58 2.93
CA ILE C 36 6.71 -21.62 2.18
C ILE C 36 7.59 -22.12 1.04
N ILE C 37 8.22 -21.17 0.35
CA ILE C 37 8.98 -21.41 -0.88
C ILE C 37 10.36 -22.02 -0.61
N GLN C 38 10.90 -21.77 0.57
CA GLN C 38 12.28 -22.13 0.92
C GLN C 38 12.54 -21.93 2.40
N ASN C 39 13.58 -22.57 2.90
CA ASN C 39 14.00 -22.31 4.28
C ASN C 39 14.46 -20.85 4.38
N ALA C 40 13.64 -20.05 5.06
CA ALA C 40 13.82 -18.59 5.14
C ALA C 40 14.39 -18.14 6.48
N GLU C 41 14.93 -19.08 7.24
CA GLU C 41 15.34 -18.79 8.62
C GLU C 41 16.49 -17.80 8.75
N ALA C 42 17.31 -17.68 7.72
CA ALA C 42 18.47 -16.77 7.81
C ALA C 42 18.06 -15.31 7.63
N VAL C 43 16.84 -15.12 7.14
CA VAL C 43 16.33 -13.78 6.85
C VAL C 43 16.26 -12.94 8.12
N HIS C 44 17.00 -11.83 8.11
CA HIS C 44 16.96 -10.86 9.21
C HIS C 44 15.64 -10.10 9.21
N PHE C 45 15.39 -9.44 8.09
CA PHE C 45 14.17 -8.67 7.87
C PHE C 45 14.03 -8.31 6.39
N PHE C 46 12.86 -7.81 6.02
CA PHE C 46 12.61 -7.40 4.64
C PHE C 46 12.83 -5.91 4.49
N CYS C 47 13.43 -5.53 3.38
CA CYS C 47 13.89 -4.16 3.17
C CYS C 47 13.06 -3.38 2.16
N ASN C 48 13.32 -2.09 2.18
CA ASN C 48 12.74 -1.15 1.23
C ASN C 48 13.92 -0.39 0.68
N TYR C 49 14.56 -0.97 -0.32
CA TYR C 49 15.79 -0.39 -0.82
C TYR C 49 15.51 0.96 -1.50
N GLU C 50 14.28 1.12 -1.96
CA GLU C 50 13.85 2.37 -2.61
C GLU C 50 14.03 3.59 -1.71
N GLU C 51 13.67 3.43 -0.44
CA GLU C 51 13.75 4.50 0.57
C GLU C 51 15.07 4.46 1.33
N SER C 52 15.82 3.36 1.18
CA SER C 52 17.13 3.25 1.77
C SER C 52 18.03 4.22 1.04
N ARG C 53 19.11 4.63 1.69
CA ARG C 53 19.87 5.79 1.26
C ARG C 53 21.18 5.90 2.03
N GLY C 54 22.28 6.00 1.29
CA GLY C 54 23.60 6.11 1.87
C GLY C 54 23.90 5.02 2.88
N ASN C 55 24.16 5.42 4.12
CA ASN C 55 24.47 4.47 5.18
C ASN C 55 23.25 3.91 5.87
N TYR C 56 22.07 4.34 5.42
CA TYR C 56 20.85 3.94 6.10
C TYR C 56 20.02 2.98 5.26
N LEU C 57 19.74 1.84 5.89
CA LEU C 57 18.91 0.79 5.33
C LEU C 57 17.55 0.97 5.93
N VAL C 58 16.53 0.97 5.10
CA VAL C 58 15.17 1.17 5.59
C VAL C 58 14.40 -0.11 5.44
N ASP C 59 13.76 -0.55 6.51
CA ASP C 59 12.97 -1.78 6.43
C ASP C 59 11.51 -1.49 6.08
N VAL C 60 10.79 -2.57 5.81
CA VAL C 60 9.39 -2.52 5.39
C VAL C 60 8.38 -2.09 6.46
N ASP C 61 8.83 -2.04 7.71
CA ASP C 61 8.00 -1.55 8.81
C ASP C 61 8.31 -0.12 9.14
N GLY C 62 9.15 0.49 8.30
CA GLY C 62 9.49 1.90 8.40
C GLY C 62 10.71 2.20 9.24
N ASN C 63 11.33 1.17 9.79
CA ASN C 63 12.52 1.37 10.59
C ASN C 63 13.66 1.82 9.73
N ARG C 64 14.40 2.80 10.20
CA ARG C 64 15.55 3.28 9.47
C ARG C 64 16.79 3.06 10.30
N MET C 65 17.61 2.14 9.85
CA MET C 65 18.77 1.73 10.64
C MET C 65 20.06 2.19 10.04
N LEU C 66 21.00 2.43 10.94
CA LEU C 66 22.34 2.77 10.57
C LEU C 66 23.01 1.46 10.24
N ASP C 67 23.33 1.27 8.97
CA ASP C 67 23.77 -0.04 8.47
C ASP C 67 25.28 -0.16 8.39
N LEU C 68 25.85 -0.91 9.33
CA LEU C 68 27.30 -1.15 9.39
C LEU C 68 27.63 -2.58 9.04
N TYR C 69 26.74 -3.19 8.29
CA TYR C 69 26.93 -4.55 7.81
C TYR C 69 26.98 -4.62 6.30
N SER C 70 26.32 -3.65 5.69
CA SER C 70 26.38 -3.37 4.23
C SER C 70 26.18 -4.58 3.32
N GLN C 71 25.14 -5.35 3.59
CA GLN C 71 24.83 -6.58 2.83
C GLN C 71 26.05 -7.50 2.86
N ILE C 72 26.51 -7.73 4.08
CA ILE C 72 27.70 -8.53 4.30
C ILE C 72 28.86 -7.99 3.49
N SER C 73 29.04 -6.69 3.52
CA SER C 73 30.22 -6.05 2.95
C SER C 73 30.22 -6.02 1.44
N SER C 74 29.06 -5.83 0.84
CA SER C 74 28.95 -5.88 -0.62
C SER C 74 28.42 -4.59 -1.24
N ILE C 75 28.11 -3.61 -0.41
CA ILE C 75 27.67 -2.30 -0.92
C ILE C 75 28.82 -1.30 -0.81
N PRO C 76 29.40 -0.90 -1.93
CA PRO C 76 30.58 -0.03 -1.87
C PRO C 76 30.29 1.40 -1.42
N ILE C 77 29.35 2.10 -2.05
CA ILE C 77 29.16 3.52 -1.74
C ILE C 77 27.75 3.84 -1.26
N GLY C 78 27.18 2.93 -0.50
CA GLY C 78 25.91 3.19 0.13
C GLY C 78 24.75 2.97 -0.80
N TYR C 79 23.57 2.99 -0.21
CA TYR C 79 22.32 2.74 -0.93
C TYR C 79 21.90 3.94 -1.76
N SER C 80 21.24 3.63 -2.86
CA SER C 80 20.64 4.62 -3.77
C SER C 80 21.55 5.79 -4.07
N HIS C 81 22.81 5.47 -4.34
CA HIS C 81 23.79 6.51 -4.64
C HIS C 81 23.42 7.24 -5.92
N PRO C 82 23.31 8.56 -5.82
CA PRO C 82 22.88 9.42 -6.91
C PRO C 82 23.66 9.27 -8.20
N ALA C 83 24.94 8.93 -8.12
CA ALA C 83 25.74 8.73 -9.31
C ALA C 83 25.28 7.47 -10.02
N LEU C 84 24.90 6.48 -9.23
CA LEU C 84 24.41 5.21 -9.78
C LEU C 84 23.02 5.40 -10.34
N VAL C 85 22.24 6.23 -9.68
CA VAL C 85 20.93 6.57 -10.20
C VAL C 85 21.07 7.16 -11.60
N LYS C 86 21.98 8.12 -11.71
CA LYS C 86 22.17 8.82 -12.98
C LYS C 86 22.51 7.81 -14.08
N LEU C 87 23.41 6.88 -13.79
CA LEU C 87 23.73 5.82 -14.76
C LEU C 87 22.51 5.14 -15.28
N VAL C 88 21.68 4.68 -14.36
CA VAL C 88 20.51 3.90 -14.77
C VAL C 88 19.54 4.76 -15.55
N GLN C 89 19.58 6.06 -15.34
CA GLN C 89 18.65 6.98 -16.00
C GLN C 89 19.03 7.26 -17.45
N GLN C 90 20.28 7.02 -17.81
CA GLN C 90 20.76 7.25 -19.18
C GLN C 90 20.09 6.30 -20.17
N PRO C 91 19.44 6.86 -21.18
CA PRO C 91 18.89 6.05 -22.27
C PRO C 91 19.92 5.18 -22.96
N GLN C 92 21.16 5.67 -23.02
CA GLN C 92 22.24 4.95 -23.72
C GLN C 92 22.64 3.67 -23.00
N ASN C 93 22.32 3.57 -21.72
CA ASN C 93 22.67 2.40 -20.89
C ASN C 93 21.63 1.28 -20.83
N VAL C 94 20.45 1.53 -21.35
CA VAL C 94 19.35 0.55 -21.30
C VAL C 94 19.78 -0.83 -21.79
N SER C 95 20.44 -0.82 -22.95
CA SER C 95 20.88 -2.07 -23.60
C SER C 95 21.71 -2.91 -22.65
N THR C 96 22.67 -2.27 -22.00
CA THR C 96 23.53 -2.96 -21.04
C THR C 96 22.71 -3.73 -20.00
N PHE C 97 21.64 -3.11 -19.54
CA PHE C 97 20.80 -3.71 -18.51
C PHE C 97 19.85 -4.80 -19.00
N ILE C 98 19.62 -4.91 -20.30
CA ILE C 98 18.64 -5.90 -20.82
C ILE C 98 19.14 -6.83 -21.92
N ASN C 99 20.41 -6.71 -22.26
CA ASN C 99 21.00 -7.49 -23.35
C ASN C 99 22.25 -8.12 -22.79
N ARG C 100 22.08 -9.21 -22.05
CA ARG C 100 23.25 -9.82 -21.42
C ARG C 100 24.00 -10.74 -22.36
N PRO C 101 25.25 -10.42 -22.59
CA PRO C 101 26.08 -11.18 -23.51
C PRO C 101 26.71 -12.39 -22.89
N ALA C 102 27.02 -13.35 -23.75
CA ALA C 102 27.94 -14.43 -23.41
C ALA C 102 29.36 -13.88 -23.62
N LEU C 103 29.81 -13.12 -22.65
CA LEU C 103 31.06 -12.34 -22.73
C LEU C 103 32.26 -13.04 -23.31
N GLY C 104 32.32 -14.35 -23.12
CA GLY C 104 33.46 -15.13 -23.59
C GLY C 104 33.60 -15.13 -25.09
N ILE C 105 32.49 -14.94 -25.79
CA ILE C 105 32.47 -15.03 -27.25
C ILE C 105 31.89 -13.82 -27.99
N LEU C 106 31.01 -13.07 -27.35
CA LEU C 106 30.37 -11.93 -28.02
C LEU C 106 30.34 -10.71 -27.14
N PRO C 107 31.52 -10.26 -26.73
CA PRO C 107 31.64 -9.08 -25.90
C PRO C 107 31.07 -7.88 -26.57
N PRO C 108 30.58 -6.94 -25.79
CA PRO C 108 30.16 -5.67 -26.33
C PRO C 108 31.36 -4.81 -26.67
N GLU C 109 31.09 -3.88 -27.56
CA GLU C 109 32.07 -2.94 -28.07
C GLU C 109 32.81 -2.19 -26.98
N ASN C 110 32.08 -1.81 -25.94
CA ASN C 110 32.66 -1.01 -24.85
C ASN C 110 33.38 -1.83 -23.80
N PHE C 111 33.51 -3.12 -24.06
CA PHE C 111 33.92 -4.06 -23.02
C PHE C 111 35.28 -3.77 -22.43
N VAL C 112 36.23 -3.42 -23.29
CA VAL C 112 37.59 -3.16 -22.81
C VAL C 112 37.74 -1.77 -22.24
N GLU C 113 37.12 -0.79 -22.88
CA GLU C 113 37.15 0.58 -22.36
C GLU C 113 36.61 0.60 -20.94
N LYS C 114 35.45 -0.01 -20.75
CA LYS C 114 34.79 0.04 -19.44
C LYS C 114 35.62 -0.70 -18.40
N LEU C 115 36.30 -1.76 -18.84
CA LEU C 115 37.25 -2.46 -17.98
C LEU C 115 38.43 -1.56 -17.61
N ARG C 116 38.90 -0.81 -18.58
CA ARG C 116 39.95 0.18 -18.32
C ARG C 116 39.49 1.26 -17.36
N GLU C 117 38.22 1.65 -17.46
CA GLU C 117 37.65 2.65 -16.55
C GLU C 117 37.47 2.10 -15.15
N SER C 118 37.34 0.78 -15.06
CA SER C 118 37.05 0.14 -13.78
C SER C 118 38.23 -0.73 -13.32
N LEU C 119 38.02 -2.04 -13.27
CA LEU C 119 38.98 -2.99 -12.69
C LEU C 119 40.45 -2.80 -13.03
N LEU C 120 40.74 -2.54 -14.29
CA LEU C 120 42.14 -2.41 -14.72
C LEU C 120 42.82 -1.22 -14.08
N SER C 121 42.03 -0.21 -13.72
CA SER C 121 42.54 0.98 -13.05
C SER C 121 42.93 0.73 -11.59
N VAL C 122 42.52 -0.39 -11.02
CA VAL C 122 42.91 -0.72 -9.65
C VAL C 122 43.65 -2.05 -9.59
N ALA C 123 44.26 -2.43 -10.69
CA ALA C 123 44.94 -3.73 -10.76
C ALA C 123 46.02 -3.84 -9.70
N PRO C 124 46.13 -5.02 -9.09
CA PRO C 124 47.24 -5.29 -8.17
C PRO C 124 48.57 -5.28 -8.88
N LYS C 125 49.62 -5.13 -8.10
CA LYS C 125 50.96 -5.06 -8.64
C LYS C 125 51.35 -6.42 -9.19
N GLY C 126 51.85 -6.39 -10.42
CA GLY C 126 52.37 -7.58 -11.07
C GLY C 126 51.36 -8.36 -11.89
N MET C 127 50.08 -8.02 -11.77
CA MET C 127 49.02 -8.79 -12.42
C MET C 127 48.39 -8.08 -13.62
N SER C 128 48.91 -8.43 -14.78
CA SER C 128 48.47 -7.84 -16.06
C SER C 128 47.17 -8.44 -16.54
N GLN C 129 46.90 -9.66 -16.08
CA GLN C 129 45.76 -10.45 -16.54
C GLN C 129 44.56 -10.29 -15.66
N LEU C 130 43.42 -10.33 -16.30
CA LEU C 130 42.14 -10.13 -15.66
C LEU C 130 41.07 -10.95 -16.34
N ILE C 131 40.34 -11.73 -15.56
CA ILE C 131 39.21 -12.49 -16.06
C ILE C 131 38.02 -12.17 -15.20
N THR C 132 36.84 -12.06 -15.77
CA THR C 132 35.70 -11.71 -14.93
C THR C 132 34.80 -12.89 -14.65
N MET C 133 34.16 -12.78 -13.51
CA MET C 133 33.22 -13.78 -13.02
C MET C 133 32.03 -13.10 -12.33
N ALA C 134 30.97 -13.84 -12.09
CA ALA C 134 29.75 -13.24 -11.52
C ALA C 134 29.72 -13.20 -10.00
N CYS C 135 30.50 -14.04 -9.34
CA CYS C 135 30.47 -14.08 -7.88
C CYS C 135 31.80 -14.52 -7.25
N GLY C 136 31.91 -14.31 -5.95
CA GLY C 136 33.10 -14.72 -5.22
C GLY C 136 33.49 -16.18 -5.39
N SER C 137 32.50 -17.06 -5.45
CA SER C 137 32.79 -18.48 -5.42
C SER C 137 33.31 -18.98 -6.77
N CYS C 138 32.67 -18.61 -7.88
CA CYS C 138 33.22 -19.03 -9.17
C CYS C 138 34.50 -18.31 -9.50
N SER C 139 34.80 -17.21 -8.81
CA SER C 139 36.08 -16.56 -9.01
C SER C 139 37.17 -17.45 -8.42
N ASN C 140 37.01 -17.82 -7.16
CA ASN C 140 37.96 -18.71 -6.49
C ASN C 140 38.06 -20.07 -7.19
N GLU C 141 36.92 -20.62 -7.61
CA GLU C 141 36.89 -21.90 -8.31
C GLU C 141 37.76 -21.83 -9.54
N ASN C 142 37.55 -20.78 -10.33
CA ASN C 142 38.29 -20.61 -11.58
C ASN C 142 39.73 -20.22 -11.35
N ALA C 143 39.99 -19.61 -10.21
CA ALA C 143 41.36 -19.30 -9.84
C ALA C 143 42.05 -20.60 -9.49
N PHE C 144 41.34 -21.49 -8.80
CA PHE C 144 41.86 -22.82 -8.50
C PHE C 144 42.24 -23.51 -9.79
N LYS C 145 41.36 -23.44 -10.77
CA LYS C 145 41.57 -24.13 -12.05
C LYS C 145 42.76 -23.53 -12.75
N THR C 146 42.79 -22.21 -12.83
CA THR C 146 43.90 -21.50 -13.44
C THR C 146 45.22 -21.96 -12.83
N ILE C 147 45.23 -22.07 -11.50
CA ILE C 147 46.41 -22.52 -10.79
C ILE C 147 46.77 -23.95 -11.18
N PHE C 148 45.82 -24.88 -11.10
CA PHE C 148 46.08 -26.27 -11.52
C PHE C 148 46.64 -26.34 -12.94
N MET C 149 46.04 -25.59 -13.86
CA MET C 149 46.46 -25.58 -15.27
C MET C 149 47.89 -25.10 -15.41
N TRP C 150 48.23 -24.06 -14.67
CA TRP C 150 49.57 -23.47 -14.69
C TRP C 150 50.60 -24.46 -14.15
N TYR C 151 50.25 -25.19 -13.09
CA TYR C 151 51.17 -26.16 -12.52
C TYR C 151 51.45 -27.30 -13.47
N ARG C 152 50.41 -27.84 -14.09
CA ARG C 152 50.56 -28.96 -15.02
C ARG C 152 51.44 -28.58 -16.19
N SER C 153 51.38 -27.32 -16.62
CA SER C 153 52.16 -26.89 -17.78
C SER C 153 53.61 -26.55 -17.42
N LYS C 154 53.90 -26.25 -16.15
CA LYS C 154 55.27 -26.15 -15.67
C LYS C 154 55.91 -27.51 -15.77
N GLU C 155 55.18 -28.51 -15.28
CA GLU C 155 55.68 -29.88 -15.21
C GLU C 155 55.90 -30.51 -16.57
N ARG C 156 55.02 -30.21 -17.53
CA ARG C 156 55.08 -30.87 -18.83
C ARG C 156 55.90 -30.09 -19.85
N GLY C 157 56.07 -28.79 -19.59
CA GLY C 157 56.86 -27.91 -20.44
C GLY C 157 56.43 -27.95 -21.89
N GLN C 158 57.43 -27.94 -22.78
CA GLN C 158 57.26 -28.07 -24.24
C GLN C 158 56.18 -29.08 -24.69
N SER C 159 56.11 -30.21 -23.98
CA SER C 159 55.17 -31.32 -24.26
C SER C 159 53.70 -30.94 -24.53
N ALA C 160 53.08 -31.66 -25.47
CA ALA C 160 51.66 -31.51 -25.77
C ALA C 160 50.84 -32.37 -24.82
N PHE C 161 49.53 -32.14 -24.78
CA PHE C 161 48.65 -33.00 -24.01
C PHE C 161 48.88 -34.43 -24.52
N SER C 162 48.98 -35.37 -23.59
CA SER C 162 49.22 -36.76 -23.94
C SER C 162 47.89 -37.43 -24.19
N LYS C 163 47.90 -38.50 -24.98
CA LYS C 163 46.68 -39.27 -25.26
C LYS C 163 46.12 -39.90 -23.99
N GLU C 164 47.00 -40.35 -23.09
CA GLU C 164 46.52 -40.97 -21.84
C GLU C 164 45.72 -39.92 -21.06
N GLU C 165 46.33 -38.75 -20.91
CA GLU C 165 45.73 -37.60 -20.24
C GLU C 165 44.41 -37.19 -20.85
N LEU C 166 44.41 -37.10 -22.16
CA LEU C 166 43.22 -36.69 -22.91
C LEU C 166 42.04 -37.62 -22.71
N GLU C 167 42.36 -38.87 -22.45
CA GLU C 167 41.35 -39.91 -22.24
C GLU C 167 40.88 -39.97 -20.80
N THR C 168 41.84 -40.02 -19.90
CA THR C 168 41.53 -40.14 -18.47
C THR C 168 40.75 -38.92 -17.97
N CYS C 169 41.07 -37.75 -18.48
CA CYS C 169 40.40 -36.52 -18.05
C CYS C 169 38.89 -36.57 -18.32
N MET C 170 38.47 -37.21 -19.42
CA MET C 170 37.04 -37.28 -19.74
C MET C 170 36.28 -38.15 -18.76
N ILE C 171 36.99 -39.04 -18.09
CA ILE C 171 36.38 -39.95 -17.12
C ILE C 171 36.98 -39.80 -15.72
N ASN C 172 37.22 -38.55 -15.34
CA ASN C 172 37.55 -38.21 -13.96
C ASN C 172 38.74 -39.00 -13.40
N GLN C 173 39.76 -39.18 -14.21
CA GLN C 173 40.90 -39.99 -13.79
C GLN C 173 42.24 -39.34 -14.05
N ALA C 174 43.21 -39.72 -13.23
CA ALA C 174 44.60 -39.42 -13.50
C ALA C 174 45.07 -40.31 -14.65
N PRO C 175 46.04 -39.85 -15.44
CA PRO C 175 46.73 -38.58 -15.22
C PRO C 175 46.02 -37.34 -15.75
N GLY C 176 44.98 -37.54 -16.53
CA GLY C 176 44.21 -36.44 -17.07
C GLY C 176 43.77 -35.49 -15.97
N CYS C 177 43.18 -36.08 -14.93
CA CYS C 177 42.75 -35.35 -13.74
C CYS C 177 43.75 -35.59 -12.64
N PRO C 178 44.64 -34.62 -12.42
CA PRO C 178 45.67 -34.79 -11.42
C PRO C 178 45.12 -34.62 -10.03
N ASP C 179 45.79 -35.29 -9.14
CA ASP C 179 45.43 -35.31 -7.73
C ASP C 179 46.07 -34.14 -6.98
N TYR C 180 46.17 -32.99 -7.64
CA TYR C 180 46.75 -31.80 -7.02
C TYR C 180 45.83 -31.21 -5.97
N SER C 181 46.41 -30.36 -5.15
CA SER C 181 45.72 -29.76 -4.03
C SER C 181 45.96 -28.28 -3.94
N ILE C 182 45.06 -27.63 -3.22
CA ILE C 182 45.22 -26.23 -2.88
C ILE C 182 45.25 -26.17 -1.37
N LEU C 183 46.23 -25.48 -0.82
CA LEU C 183 46.37 -25.43 0.62
C LEU C 183 45.58 -24.24 1.16
N SER C 184 44.84 -24.49 2.22
CA SER C 184 43.99 -23.49 2.87
C SER C 184 44.20 -23.44 4.38
N PHE C 185 43.64 -22.43 5.01
CA PHE C 185 43.83 -22.19 6.45
C PHE C 185 42.58 -22.41 7.27
N MET C 186 42.75 -22.88 8.50
CA MET C 186 41.63 -23.00 9.42
C MET C 186 41.01 -21.61 9.60
N GLY C 187 39.72 -21.59 9.83
CA GLY C 187 38.98 -20.34 10.02
C GLY C 187 38.68 -19.62 8.72
N ALA C 188 39.04 -20.26 7.63
CA ALA C 188 38.95 -19.62 6.32
C ALA C 188 37.57 -19.73 5.76
N PHE C 189 37.33 -18.87 4.81
CA PHE C 189 36.12 -18.92 4.04
C PHE C 189 36.32 -18.35 2.64
N HIS C 190 36.07 -19.20 1.66
CA HIS C 190 36.32 -18.87 0.26
C HIS C 190 35.18 -19.19 -0.67
N GLY C 191 34.03 -19.50 -0.09
CA GLY C 191 32.87 -19.86 -0.88
C GLY C 191 32.39 -21.25 -0.54
N ARG C 192 31.30 -21.65 -1.18
CA ARG C 192 30.58 -22.87 -0.81
C ARG C 192 30.28 -23.87 -1.91
N THR C 193 30.60 -23.52 -3.15
CA THR C 193 30.61 -24.53 -4.21
C THR C 193 31.65 -25.58 -3.81
N MET C 194 31.56 -26.76 -4.38
CA MET C 194 32.27 -27.91 -3.84
C MET C 194 33.77 -27.77 -3.80
N GLY C 195 34.31 -26.94 -4.66
CA GLY C 195 35.74 -26.71 -4.71
C GLY C 195 36.19 -25.71 -3.66
N CYS C 196 35.57 -24.54 -3.67
CA CYS C 196 35.82 -23.50 -2.65
C CYS C 196 35.67 -24.09 -1.28
N LEU C 197 34.59 -24.84 -1.16
CA LEU C 197 34.17 -25.40 0.10
C LEU C 197 35.27 -26.22 0.77
N ALA C 198 36.08 -26.91 -0.04
CA ALA C 198 37.18 -27.69 0.52
C ALA C 198 38.20 -26.80 1.23
N THR C 199 38.34 -25.58 0.72
CA THR C 199 39.29 -24.61 1.29
C THR C 199 38.68 -23.72 2.36
N THR C 200 37.37 -23.85 2.57
CA THR C 200 36.66 -23.15 3.64
C THR C 200 36.75 -23.98 4.92
N HIS C 201 36.93 -23.30 6.04
CA HIS C 201 37.03 -23.98 7.35
C HIS C 201 36.52 -23.07 8.44
N SER C 202 35.31 -22.63 8.20
CA SER C 202 34.67 -21.59 9.00
C SER C 202 33.80 -22.18 10.10
N LYS C 203 32.82 -22.96 9.70
CA LYS C 203 31.78 -23.39 10.61
C LYS C 203 31.19 -24.72 10.15
N ALA C 204 31.07 -25.67 11.06
CA ALA C 204 30.64 -27.02 10.69
C ALA C 204 29.33 -27.03 9.89
N ILE C 205 28.39 -26.16 10.20
CA ILE C 205 27.11 -26.18 9.48
C ILE C 205 27.32 -25.91 7.99
N HIS C 206 28.35 -25.15 7.65
CA HIS C 206 28.68 -24.85 6.25
C HIS C 206 29.26 -26.03 5.50
N LYS C 207 29.90 -26.93 6.21
CA LYS C 207 30.65 -28.02 5.56
C LYS C 207 30.00 -29.38 5.67
N ILE C 208 29.23 -29.58 6.72
CA ILE C 208 28.79 -30.91 7.08
C ILE C 208 27.90 -31.55 5.99
N ASP C 209 28.14 -32.83 5.77
CA ASP C 209 27.40 -33.70 4.83
C ASP C 209 27.82 -33.53 3.37
N ILE C 210 28.74 -32.61 3.12
CA ILE C 210 29.21 -32.35 1.77
C ILE C 210 30.56 -32.99 1.52
N PRO C 211 30.66 -33.81 0.48
CA PRO C 211 31.94 -34.39 0.11
C PRO C 211 32.95 -33.29 -0.12
N SER C 212 34.21 -33.62 0.07
CA SER C 212 35.24 -32.63 0.06
C SER C 212 36.47 -33.15 -0.62
N PHE C 213 37.54 -32.39 -0.53
CA PHE C 213 38.82 -32.78 -1.10
C PHE C 213 39.82 -32.95 0.03
N ASP C 214 40.67 -33.97 -0.08
CA ASP C 214 41.73 -34.16 0.91
C ASP C 214 42.88 -33.24 0.57
N TRP C 215 42.75 -32.00 1.00
CA TRP C 215 43.76 -30.96 0.77
C TRP C 215 44.29 -30.50 2.12
N PRO C 216 45.53 -30.05 2.17
CA PRO C 216 46.13 -29.63 3.42
C PRO C 216 45.48 -28.41 4.02
N ILE C 217 45.32 -28.47 5.33
CA ILE C 217 44.76 -27.36 6.10
C ILE C 217 45.76 -26.96 7.15
N ALA C 218 46.07 -25.67 7.16
CA ALA C 218 47.10 -25.11 8.03
C ALA C 218 46.50 -24.15 9.03
N PRO C 219 47.14 -23.98 10.18
CA PRO C 219 46.64 -23.04 11.17
C PRO C 219 46.87 -21.63 10.70
N PHE C 220 45.91 -20.79 11.03
CA PHE C 220 46.03 -19.37 10.79
C PHE C 220 46.33 -18.75 12.15
N PRO C 221 47.28 -17.83 12.25
CA PRO C 221 47.67 -17.31 13.58
C PRO C 221 46.46 -16.81 14.39
N ARG C 222 46.37 -17.18 15.68
CA ARG C 222 45.39 -16.60 16.60
C ARG C 222 46.10 -15.64 17.54
N LEU C 223 45.98 -14.36 17.24
CA LEU C 223 46.67 -13.33 18.00
C LEU C 223 46.04 -13.14 19.37
N LYS C 224 46.87 -12.83 20.36
CA LYS C 224 46.40 -12.43 21.68
C LYS C 224 46.44 -10.90 21.74
N TYR C 225 45.53 -10.31 22.52
CA TYR C 225 45.39 -8.85 22.61
C TYR C 225 45.44 -8.37 24.07
N PRO C 226 45.94 -7.16 24.34
CA PRO C 226 46.39 -6.20 23.31
C PRO C 226 47.79 -6.47 22.73
N LEU C 227 47.95 -6.19 21.45
CA LEU C 227 49.16 -6.55 20.68
C LEU C 227 50.45 -6.01 21.29
N GLU C 228 50.41 -4.78 21.80
CA GLU C 228 51.51 -4.18 22.57
C GLU C 228 52.06 -5.12 23.65
N GLU C 229 51.16 -5.72 24.43
CA GLU C 229 51.52 -6.64 25.52
C GLU C 229 51.86 -8.05 25.05
N PHE C 230 51.78 -8.32 23.75
CA PHE C 230 52.02 -9.71 23.27
C PHE C 230 52.97 -9.90 22.11
N VAL C 231 53.74 -8.88 21.79
CA VAL C 231 54.67 -8.92 20.67
C VAL C 231 55.36 -10.27 20.47
N LYS C 232 56.06 -10.75 21.48
CA LYS C 232 56.82 -12.01 21.37
C LYS C 232 55.92 -13.18 21.05
N GLU C 233 54.91 -13.36 21.89
CA GLU C 233 53.95 -14.45 21.76
C GLU C 233 53.36 -14.46 20.37
N ASN C 234 52.89 -13.30 19.97
CA ASN C 234 52.31 -13.12 18.64
C ASN C 234 53.32 -13.35 17.52
N GLN C 235 54.56 -12.99 17.77
CA GLN C 235 55.67 -13.32 16.86
C GLN C 235 55.78 -14.83 16.73
N GLN C 236 55.83 -15.51 17.87
CA GLN C 236 56.04 -16.97 17.94
C GLN C 236 54.90 -17.76 17.31
N GLU C 237 53.68 -17.29 17.54
CA GLU C 237 52.46 -17.91 17.02
C GLU C 237 52.49 -17.92 15.49
N GLU C 238 52.79 -16.76 14.92
CA GLU C 238 52.90 -16.61 13.48
C GLU C 238 53.95 -17.56 12.92
N ALA C 239 55.13 -17.57 13.52
CA ALA C 239 56.23 -18.45 13.09
C ALA C 239 55.83 -19.92 13.15
N ARG C 240 55.13 -20.28 14.20
CA ARG C 240 54.68 -21.67 14.36
C ARG C 240 53.80 -22.03 13.18
N CYS C 241 52.87 -21.12 12.88
CA CYS C 241 51.93 -21.32 11.77
C CYS C 241 52.65 -21.46 10.46
N LEU C 242 53.53 -20.50 10.17
CA LEU C 242 54.36 -20.55 8.97
C LEU C 242 55.13 -21.86 8.84
N GLU C 243 55.68 -22.33 9.93
CA GLU C 243 56.42 -23.60 9.92
C GLU C 243 55.44 -24.73 9.55
N GLU C 244 54.24 -24.68 10.12
CA GLU C 244 53.20 -25.69 9.87
C GLU C 244 52.73 -25.73 8.42
N VAL C 245 52.72 -24.57 7.78
CA VAL C 245 52.37 -24.51 6.36
C VAL C 245 53.41 -25.29 5.57
N GLU C 246 54.64 -24.88 5.74
CA GLU C 246 55.75 -25.51 5.01
C GLU C 246 55.73 -27.03 5.14
N ASP C 247 55.65 -27.53 6.36
CA ASP C 247 55.60 -28.99 6.55
C ASP C 247 54.48 -29.56 5.73
N LEU C 248 53.31 -28.96 5.87
CA LEU C 248 52.12 -29.44 5.16
C LEU C 248 52.37 -29.62 3.68
N ILE C 249 52.96 -28.61 3.06
CA ILE C 249 53.30 -28.67 1.65
C ILE C 249 54.15 -29.90 1.35
N VAL C 250 55.20 -30.05 2.16
CA VAL C 250 56.13 -31.16 2.03
C VAL C 250 55.40 -32.50 2.15
N LYS C 251 54.62 -32.60 3.20
CA LYS C 251 53.84 -33.81 3.50
C LYS C 251 53.04 -34.27 2.29
N TYR C 252 52.41 -33.29 1.64
CA TYR C 252 51.53 -33.54 0.51
C TYR C 252 52.26 -33.78 -0.79
N ARG C 253 53.46 -33.22 -0.90
CA ARG C 253 54.34 -33.52 -2.02
C ARG C 253 54.64 -34.99 -1.96
N LYS C 254 54.86 -35.47 -0.74
CA LYS C 254 55.16 -36.88 -0.48
C LYS C 254 53.92 -37.76 -0.60
N LYS C 255 52.76 -37.24 -0.22
CA LYS C 255 51.49 -37.97 -0.42
C LYS C 255 51.13 -38.04 -1.90
N LYS C 256 51.94 -37.38 -2.73
CA LYS C 256 51.71 -37.28 -4.18
C LYS C 256 50.37 -36.61 -4.46
N LYS C 257 50.08 -35.64 -3.60
CA LYS C 257 48.93 -34.77 -3.71
C LYS C 257 49.46 -33.34 -3.73
N THR C 258 50.43 -33.12 -4.61
CA THR C 258 51.15 -31.85 -4.70
C THR C 258 50.27 -30.66 -4.46
N VAL C 259 50.80 -29.73 -3.70
CA VAL C 259 50.17 -28.46 -3.44
C VAL C 259 50.49 -27.51 -4.59
N ALA C 260 49.51 -27.30 -5.46
CA ALA C 260 49.68 -26.41 -6.60
C ALA C 260 49.55 -24.95 -6.22
N GLY C 261 48.72 -24.67 -5.23
CA GLY C 261 48.51 -23.29 -4.79
C GLY C 261 48.12 -23.16 -3.33
N ILE C 262 48.30 -21.96 -2.81
CA ILE C 262 47.87 -21.60 -1.48
C ILE C 262 46.90 -20.46 -1.56
N ILE C 263 45.80 -20.59 -0.84
CA ILE C 263 44.81 -19.53 -0.77
C ILE C 263 44.68 -19.05 0.66
N VAL C 264 44.58 -17.74 0.80
CA VAL C 264 44.46 -17.10 2.10
C VAL C 264 43.73 -15.78 1.99
N GLU C 265 43.05 -15.38 3.05
CA GLU C 265 42.41 -14.06 3.08
C GLU C 265 43.33 -13.10 3.82
N PRO C 266 43.47 -11.87 3.34
CA PRO C 266 44.27 -10.87 4.04
C PRO C 266 43.83 -10.74 5.49
N ILE C 267 42.52 -10.89 5.68
CA ILE C 267 41.89 -10.98 6.99
C ILE C 267 40.82 -12.04 6.88
N GLN C 268 40.82 -13.02 7.78
CA GLN C 268 39.77 -14.03 7.76
C GLN C 268 38.48 -13.40 8.26
N SER C 269 37.44 -13.43 7.45
CA SER C 269 36.19 -12.73 7.78
C SER C 269 35.15 -13.60 8.49
N GLU C 270 34.48 -14.48 7.74
CA GLU C 270 33.41 -15.33 8.30
C GLU C 270 33.92 -16.16 9.46
N GLY C 271 35.17 -16.56 9.38
CA GLY C 271 35.79 -17.34 10.44
C GLY C 271 36.04 -16.58 11.73
N GLY C 272 35.80 -15.28 11.72
CA GLY C 272 35.83 -14.46 12.94
C GLY C 272 36.83 -13.33 12.92
N ASP C 273 36.86 -12.58 11.83
CA ASP C 273 37.80 -11.46 11.66
C ASP C 273 39.16 -11.72 12.29
N ASN C 274 39.89 -12.65 11.71
CA ASN C 274 41.21 -13.01 12.19
C ASN C 274 42.30 -12.27 11.42
N HIS C 275 43.13 -11.55 12.15
CA HIS C 275 44.24 -10.79 11.57
C HIS C 275 45.56 -11.44 11.81
N ALA C 276 46.51 -11.03 10.99
CA ALA C 276 47.90 -11.44 11.13
C ALA C 276 48.76 -10.27 10.71
N SER C 277 50.04 -10.37 10.98
CA SER C 277 50.95 -9.28 10.64
C SER C 277 51.22 -9.26 9.14
N ASP C 278 51.54 -8.10 8.63
CA ASP C 278 51.99 -7.98 7.23
C ASP C 278 53.26 -8.78 7.05
N ASP C 279 54.08 -8.81 8.08
CA ASP C 279 55.27 -9.66 8.08
C ASP C 279 54.87 -11.11 7.87
N PHE C 280 53.80 -11.54 8.53
CA PHE C 280 53.32 -12.91 8.38
C PHE C 280 53.03 -13.19 6.92
N PHE C 281 52.15 -12.40 6.33
CA PHE C 281 51.79 -12.55 4.90
C PHE C 281 52.96 -12.44 3.95
N ARG C 282 53.91 -11.57 4.28
CA ARG C 282 55.09 -11.41 3.44
C ARG C 282 55.86 -12.72 3.41
N LYS C 283 56.00 -13.35 4.57
CA LYS C 283 56.71 -14.63 4.68
C LYS C 283 55.96 -15.76 4.03
N LEU C 284 54.65 -15.76 4.21
CA LEU C 284 53.78 -16.77 3.60
C LEU C 284 53.94 -16.71 2.10
N ARG C 285 54.02 -15.49 1.56
CA ARG C 285 54.21 -15.29 0.13
C ARG C 285 55.53 -15.90 -0.36
N ASP C 286 56.59 -15.77 0.43
CA ASP C 286 57.88 -16.36 0.08
C ASP C 286 57.82 -17.87 0.10
N ILE C 287 57.16 -18.40 1.12
CA ILE C 287 57.05 -19.86 1.26
C ILE C 287 56.42 -20.43 0.02
N SER C 288 55.32 -19.83 -0.36
CA SER C 288 54.59 -20.21 -1.57
C SER C 288 55.54 -20.27 -2.75
N ARG C 289 56.29 -19.19 -2.90
CA ARG C 289 57.19 -19.04 -4.03
C ARG C 289 58.27 -20.11 -4.00
N LYS C 290 58.85 -20.29 -2.83
CA LYS C 290 59.91 -21.28 -2.59
C LYS C 290 59.51 -22.68 -3.04
N HIS C 291 58.24 -23.04 -2.87
CA HIS C 291 57.76 -24.38 -3.21
C HIS C 291 56.99 -24.49 -4.52
N GLY C 292 57.06 -23.45 -5.33
CA GLY C 292 56.37 -23.43 -6.62
C GLY C 292 54.87 -23.42 -6.49
N CYS C 293 54.39 -22.97 -5.32
CA CYS C 293 52.96 -22.87 -5.06
C CYS C 293 52.49 -21.54 -5.57
N ALA C 294 51.42 -21.54 -6.33
CA ALA C 294 50.79 -20.29 -6.76
C ALA C 294 50.19 -19.69 -5.50
N PHE C 295 50.40 -18.40 -5.30
CA PHE C 295 49.92 -17.72 -4.11
C PHE C 295 48.64 -16.97 -4.45
N LEU C 296 47.55 -17.49 -3.92
CA LEU C 296 46.19 -17.00 -4.19
C LEU C 296 45.65 -16.20 -3.02
N VAL C 297 45.51 -14.90 -3.23
CA VAL C 297 44.95 -14.02 -2.21
C VAL C 297 43.49 -13.74 -2.53
N ASP C 298 42.64 -14.01 -1.57
CA ASP C 298 41.19 -13.87 -1.74
C ASP C 298 40.77 -12.58 -1.06
N GLU C 299 40.64 -11.55 -1.89
CA GLU C 299 40.20 -10.22 -1.46
C GLU C 299 38.73 -9.99 -1.71
N VAL C 300 37.99 -11.07 -1.82
CA VAL C 300 36.55 -10.98 -2.05
C VAL C 300 35.83 -10.10 -1.02
N GLN C 301 36.20 -10.24 0.25
CA GLN C 301 35.56 -9.43 1.30
C GLN C 301 36.42 -8.23 1.71
N THR C 302 37.73 -8.44 1.81
CA THR C 302 38.64 -7.34 2.17
C THR C 302 38.91 -6.33 1.07
N GLY C 303 38.60 -6.71 -0.16
CA GLY C 303 38.86 -5.84 -1.29
C GLY C 303 37.79 -4.76 -1.39
N GLY C 304 38.18 -3.60 -1.87
CA GLY C 304 37.24 -2.51 -2.09
C GLY C 304 37.44 -1.26 -1.26
N GLY C 305 38.62 -1.11 -0.64
CA GLY C 305 38.98 0.12 0.04
C GLY C 305 38.71 0.23 1.54
N SER C 306 37.80 -0.59 2.05
CA SER C 306 37.39 -0.47 3.46
C SER C 306 38.53 -0.53 4.48
N THR C 307 39.66 -1.16 4.15
CA THR C 307 40.80 -1.16 5.08
C THR C 307 41.77 0.00 4.89
N GLY C 308 41.37 0.99 4.10
CA GLY C 308 42.21 2.17 3.88
C GLY C 308 43.05 2.10 2.62
N LYS C 309 43.08 0.92 2.00
CA LYS C 309 43.73 0.75 0.70
C LYS C 309 42.83 -0.13 -0.15
N PHE C 310 42.82 0.11 -1.46
CA PHE C 310 41.88 -0.59 -2.32
C PHE C 310 41.88 -2.10 -2.06
N TRP C 311 43.05 -2.70 -2.14
CA TRP C 311 43.22 -4.11 -1.80
C TRP C 311 43.98 -4.20 -0.50
N ALA C 312 43.47 -5.01 0.41
CA ALA C 312 44.13 -5.23 1.70
C ALA C 312 45.60 -5.64 1.57
N HIS C 313 45.94 -6.49 0.62
CA HIS C 313 47.32 -7.00 0.49
C HIS C 313 48.31 -5.84 0.28
N GLU C 314 47.84 -4.75 -0.30
CA GLU C 314 48.66 -3.54 -0.51
C GLU C 314 49.42 -3.11 0.74
N HIS C 315 48.80 -3.32 1.91
CA HIS C 315 49.44 -2.96 3.18
C HIS C 315 50.75 -3.73 3.38
N TRP C 316 50.83 -4.91 2.78
CA TRP C 316 52.03 -5.78 2.90
C TRP C 316 53.26 -5.17 2.22
N GLY C 317 53.04 -4.17 1.39
CA GLY C 317 54.11 -3.45 0.72
C GLY C 317 54.97 -4.21 -0.29
N LEU C 318 54.47 -5.29 -0.84
CA LEU C 318 55.27 -6.09 -1.78
C LEU C 318 55.05 -5.74 -3.24
N ASP C 319 56.11 -5.84 -4.00
CA ASP C 319 56.03 -5.65 -5.46
C ASP C 319 55.46 -6.85 -6.17
N ASP C 320 55.53 -7.99 -5.51
CA ASP C 320 55.02 -9.25 -6.05
C ASP C 320 54.25 -9.87 -4.90
N PRO C 321 53.08 -9.31 -4.62
CA PRO C 321 52.30 -9.73 -3.47
C PRO C 321 51.63 -11.07 -3.65
N ALA C 322 51.46 -11.45 -4.91
CA ALA C 322 50.70 -12.64 -5.22
C ALA C 322 50.70 -12.98 -6.70
N ASP C 323 50.21 -14.18 -6.99
CA ASP C 323 50.12 -14.68 -8.36
C ASP C 323 48.71 -14.54 -8.89
N VAL C 324 47.75 -14.74 -8.00
CA VAL C 324 46.32 -14.62 -8.32
C VAL C 324 45.61 -13.91 -7.18
N MET C 325 44.67 -13.04 -7.54
CA MET C 325 43.85 -12.32 -6.56
C MET C 325 42.39 -12.30 -6.96
N THR C 326 41.52 -12.85 -6.11
CA THR C 326 40.10 -12.92 -6.42
C THR C 326 39.37 -11.80 -5.72
N PHE C 327 38.30 -11.37 -6.34
CA PHE C 327 37.46 -10.35 -5.77
C PHE C 327 36.03 -10.56 -6.15
N SER C 328 35.17 -9.80 -5.48
CA SER C 328 33.73 -9.79 -5.76
C SER C 328 33.11 -8.79 -4.79
N LYS C 329 31.83 -8.99 -4.50
CA LYS C 329 31.12 -8.22 -3.48
C LYS C 329 31.09 -6.73 -3.77
N LYS C 330 31.89 -5.99 -3.06
CA LYS C 330 31.99 -4.54 -3.23
C LYS C 330 32.27 -4.13 -4.66
N MET C 331 33.03 -4.97 -5.36
CA MET C 331 33.40 -4.70 -6.74
C MET C 331 32.24 -4.88 -7.71
N MET C 332 31.09 -5.29 -7.16
CA MET C 332 29.82 -5.49 -7.90
C MET C 332 29.83 -6.73 -8.77
N THR C 333 30.95 -6.94 -9.43
CA THR C 333 31.19 -8.11 -10.24
C THR C 333 32.28 -8.92 -9.56
N GLY C 334 32.35 -10.18 -9.93
CA GLY C 334 33.40 -11.06 -9.45
C GLY C 334 34.53 -11.08 -10.47
N GLY C 335 35.52 -11.91 -10.20
CA GLY C 335 36.63 -12.13 -11.12
C GLY C 335 37.94 -12.32 -10.39
N PHE C 336 39.03 -12.41 -11.16
CA PHE C 336 40.36 -12.44 -10.55
C PHE C 336 41.45 -11.90 -11.46
N PHE C 337 42.31 -11.09 -10.87
CA PHE C 337 43.53 -10.65 -11.53
C PHE C 337 44.54 -11.76 -11.42
N HIS C 338 45.55 -11.69 -12.28
CA HIS C 338 46.66 -12.66 -12.20
C HIS C 338 47.84 -12.31 -13.10
N LYS C 339 48.95 -12.99 -12.85
CA LYS C 339 50.17 -12.75 -13.59
C LYS C 339 50.07 -13.31 -14.98
N GLU C 340 50.79 -12.66 -15.89
CA GLU C 340 50.87 -13.06 -17.30
C GLU C 340 51.15 -14.54 -17.40
N GLU C 341 52.05 -15.02 -16.55
CA GLU C 341 52.48 -16.42 -16.57
C GLU C 341 51.35 -17.43 -16.25
N PHE C 342 50.28 -16.95 -15.63
CA PHE C 342 49.14 -17.81 -15.29
C PHE C 342 48.07 -17.87 -16.35
N ARG C 343 48.26 -17.02 -17.34
CA ARG C 343 47.38 -16.94 -18.50
C ARG C 343 47.15 -18.32 -19.11
N PRO C 344 45.90 -18.76 -19.13
CA PRO C 344 45.54 -20.02 -19.78
C PRO C 344 46.13 -20.10 -21.18
N ASN C 345 46.67 -21.27 -21.45
CA ASN C 345 47.37 -21.56 -22.72
C ASN C 345 46.44 -21.68 -23.93
N ALA C 346 45.17 -21.93 -23.66
CA ALA C 346 44.16 -22.11 -24.71
C ALA C 346 42.79 -21.70 -24.21
N PRO C 347 41.90 -21.33 -25.12
CA PRO C 347 40.57 -20.90 -24.70
C PRO C 347 39.76 -22.10 -24.28
N TYR C 348 38.57 -21.81 -23.79
CA TYR C 348 37.60 -22.84 -23.38
C TYR C 348 38.04 -23.72 -22.22
N ARG C 349 39.01 -23.23 -21.46
CA ARG C 349 39.42 -23.92 -20.23
C ARG C 349 38.89 -23.17 -19.03
N ILE C 350 39.23 -21.89 -18.98
CA ILE C 350 38.63 -20.97 -18.02
C ILE C 350 37.57 -20.21 -18.76
N PHE C 351 36.34 -20.55 -18.48
CA PHE C 351 35.23 -20.09 -19.29
C PHE C 351 33.92 -20.44 -18.61
N ASN C 352 32.92 -19.64 -18.93
CA ASN C 352 31.54 -19.94 -18.60
C ASN C 352 30.64 -19.04 -19.46
N THR C 353 29.33 -19.18 -19.31
CA THR C 353 28.36 -18.51 -20.18
C THR C 353 28.49 -17.00 -20.13
N TRP C 354 28.28 -16.45 -18.95
CA TRP C 354 28.17 -15.01 -18.78
C TRP C 354 29.46 -14.31 -18.40
N LEU C 355 30.31 -15.03 -17.69
CA LEU C 355 31.60 -14.51 -17.26
C LEU C 355 31.55 -13.08 -16.72
N GLY C 356 30.56 -12.80 -15.91
CA GLY C 356 30.40 -11.46 -15.37
C GLY C 356 29.12 -10.88 -15.90
N ASP C 357 29.08 -9.57 -16.02
CA ASP C 357 27.86 -8.90 -16.45
C ASP C 357 28.16 -7.43 -16.66
N PRO C 358 28.15 -7.00 -17.93
CA PRO C 358 28.52 -5.62 -18.27
C PRO C 358 27.74 -4.59 -17.49
N SER C 359 26.52 -4.92 -17.10
CA SER C 359 25.72 -4.02 -16.28
C SER C 359 26.48 -3.72 -14.99
N LYS C 360 27.08 -4.74 -14.37
CA LYS C 360 27.85 -4.51 -13.14
C LYS C 360 29.08 -3.68 -13.39
N ASN C 361 29.77 -3.94 -14.49
CA ASN C 361 30.96 -3.16 -14.83
C ASN C 361 30.62 -1.69 -15.00
N LEU C 362 29.45 -1.43 -15.57
CA LEU C 362 29.00 -0.06 -15.80
C LEU C 362 28.98 0.68 -14.48
N LEU C 363 28.31 0.05 -13.52
CA LEU C 363 28.15 0.59 -12.19
C LEU C 363 29.50 0.68 -11.50
N LEU C 364 30.26 -0.40 -11.60
CA LEU C 364 31.56 -0.46 -10.95
C LEU C 364 32.45 0.71 -11.40
N ALA C 365 32.51 0.98 -12.69
CA ALA C 365 33.37 2.06 -13.19
C ALA C 365 33.05 3.37 -12.48
N GLU C 366 31.77 3.60 -12.21
CA GLU C 366 31.36 4.84 -11.56
C GLU C 366 31.74 4.82 -10.08
N VAL C 367 31.49 3.70 -9.43
CA VAL C 367 31.83 3.50 -8.03
C VAL C 367 33.29 3.85 -7.79
N ILE C 368 34.15 3.28 -8.62
CA ILE C 368 35.58 3.51 -8.53
C ILE C 368 35.89 4.99 -8.67
N ASN C 369 35.22 5.62 -9.61
CA ASN C 369 35.41 7.04 -9.83
C ASN C 369 35.07 7.83 -8.58
N ILE C 370 33.92 7.52 -7.99
CA ILE C 370 33.50 8.13 -6.73
C ILE C 370 34.56 7.90 -5.66
N ILE C 371 34.98 6.66 -5.52
CA ILE C 371 35.98 6.32 -4.50
C ILE C 371 37.23 7.20 -4.65
N LYS C 372 37.60 7.49 -5.88
CA LYS C 372 38.79 8.32 -6.10
C LYS C 372 38.49 9.80 -5.94
N ARG C 373 37.49 10.32 -6.64
CA ARG C 373 37.14 11.75 -6.55
C ARG C 373 36.87 12.21 -5.10
N GLU C 374 36.19 11.36 -4.33
CA GLU C 374 35.78 11.66 -2.94
C GLU C 374 36.77 11.20 -1.87
N ASP C 375 37.92 10.70 -2.32
CA ASP C 375 39.01 10.31 -1.42
C ASP C 375 38.56 9.28 -0.35
N LEU C 376 37.79 8.30 -0.77
CA LEU C 376 37.17 7.33 0.17
C LEU C 376 38.11 6.33 0.85
N LEU C 377 39.23 6.01 0.23
CA LEU C 377 40.20 5.10 0.84
C LEU C 377 40.73 5.70 2.13
N SER C 378 41.12 6.96 2.01
CA SER C 378 41.61 7.74 3.15
C SER C 378 40.54 7.90 4.20
N ASN C 379 39.33 8.23 3.77
CA ASN C 379 38.23 8.37 4.71
C ASN C 379 38.05 7.10 5.51
N ALA C 380 38.14 5.98 4.82
CA ALA C 380 37.94 4.69 5.46
C ALA C 380 38.95 4.57 6.59
N ALA C 381 40.20 4.85 6.26
CA ALA C 381 41.27 4.86 7.25
C ALA C 381 40.94 5.76 8.41
N HIS C 382 40.50 6.97 8.11
CA HIS C 382 40.27 7.97 9.14
C HIS C 382 39.10 7.58 10.03
N ALA C 383 37.96 7.33 9.40
CA ALA C 383 36.73 6.94 10.10
C ALA C 383 36.92 5.65 10.85
N GLY C 384 37.80 4.81 10.31
CA GLY C 384 38.13 3.53 10.92
C GLY C 384 38.79 3.79 12.26
N LYS C 385 39.83 4.60 12.23
CA LYS C 385 40.53 5.01 13.45
C LYS C 385 39.58 5.53 14.53
N VAL C 386 38.71 6.45 14.15
CA VAL C 386 37.75 6.98 15.12
C VAL C 386 36.98 5.82 15.72
N LEU C 387 36.49 4.97 14.84
CA LEU C 387 35.70 3.81 15.23
C LEU C 387 36.49 2.92 16.17
N LEU C 388 37.68 2.55 15.73
CA LEU C 388 38.50 1.61 16.49
C LEU C 388 38.90 2.22 17.83
N THR C 389 39.02 3.53 17.85
CA THR C 389 39.38 4.24 19.08
C THR C 389 38.26 4.11 20.09
N GLY C 390 37.05 4.43 19.63
CA GLY C 390 35.86 4.29 20.44
C GLY C 390 35.73 2.88 20.96
N LEU C 391 35.94 1.90 20.08
CA LEU C 391 35.86 0.51 20.47
C LEU C 391 36.79 0.27 21.64
N LEU C 392 38.03 0.69 21.49
CA LEU C 392 39.03 0.52 22.57
C LEU C 392 38.56 1.14 23.86
N ASP C 393 37.96 2.31 23.75
CA ASP C 393 37.43 2.98 24.94
C ASP C 393 36.35 2.12 25.61
N LEU C 394 35.41 1.63 24.83
CA LEU C 394 34.35 0.75 25.35
C LEU C 394 34.92 -0.51 25.99
N GLN C 395 35.95 -1.06 25.38
CA GLN C 395 36.64 -2.25 25.90
C GLN C 395 37.19 -2.01 27.29
N ALA C 396 37.70 -0.81 27.50
CA ALA C 396 38.29 -0.42 28.77
C ALA C 396 37.18 -0.35 29.80
N ARG C 397 36.09 0.28 29.40
CA ARG C 397 34.94 0.50 30.28
C ARG C 397 34.11 -0.75 30.52
N TYR C 398 34.19 -1.73 29.62
CA TYR C 398 33.33 -2.91 29.71
C TYR C 398 34.03 -4.20 29.33
N PRO C 399 35.07 -4.55 30.07
CA PRO C 399 35.79 -5.81 29.85
C PRO C 399 34.94 -7.06 30.04
N GLN C 400 33.89 -6.94 30.83
CA GLN C 400 32.96 -8.05 31.07
C GLN C 400 32.23 -8.44 29.77
N PHE C 401 32.23 -7.54 28.79
CA PHE C 401 31.54 -7.76 27.51
C PHE C 401 32.41 -7.69 26.29
N ILE C 402 33.39 -6.81 26.31
CA ILE C 402 34.18 -6.51 25.12
C ILE C 402 35.59 -6.98 25.29
N SER C 403 36.08 -7.71 24.32
CA SER C 403 37.49 -8.04 24.29
C SER C 403 38.04 -8.17 22.89
N ARG C 404 39.36 -8.06 22.81
CA ARG C 404 40.10 -8.28 21.57
C ARG C 404 39.72 -7.33 20.45
N VAL C 405 39.50 -6.09 20.83
CA VAL C 405 39.16 -5.06 19.86
C VAL C 405 40.28 -4.97 18.85
N ARG C 406 39.89 -5.01 17.58
CA ARG C 406 40.86 -5.07 16.51
C ARG C 406 40.32 -4.49 15.24
N GLY C 407 41.22 -4.28 14.30
CA GLY C 407 40.82 -3.82 12.98
C GLY C 407 41.89 -3.11 12.20
N ARG C 408 41.51 -2.86 10.95
CA ARG C 408 42.28 -2.05 10.03
C ARG C 408 41.30 -1.32 9.16
N GLY C 409 41.48 -0.02 9.03
CA GLY C 409 40.50 0.80 8.34
C GLY C 409 39.22 0.65 9.15
N THR C 410 38.07 0.59 8.48
CA THR C 410 36.81 0.35 9.18
C THR C 410 36.53 -1.14 9.36
N PHE C 411 37.45 -1.97 8.91
CA PHE C 411 37.33 -3.45 8.98
C PHE C 411 37.61 -3.91 10.41
N CYS C 412 36.69 -3.55 11.31
CA CYS C 412 36.87 -3.76 12.74
C CYS C 412 36.03 -4.88 13.31
N SER C 413 36.33 -5.20 14.56
CA SER C 413 35.60 -6.22 15.31
C SER C 413 36.06 -6.33 16.74
N PHE C 414 35.24 -6.99 17.54
CA PHE C 414 35.61 -7.37 18.90
C PHE C 414 34.91 -8.66 19.25
N ASP C 415 35.35 -9.25 20.35
CA ASP C 415 34.80 -10.52 20.84
C ASP C 415 33.96 -10.28 22.08
N THR C 416 32.96 -11.12 22.22
CA THR C 416 32.11 -11.11 23.41
C THR C 416 32.28 -12.45 24.10
N PRO C 417 31.85 -12.57 25.35
CA PRO C 417 32.13 -13.79 26.11
C PRO C 417 31.55 -15.03 25.47
N ASP C 418 30.32 -14.95 25.00
CA ASP C 418 29.73 -16.07 24.27
C ASP C 418 28.77 -15.67 23.17
N GLU C 419 28.38 -16.67 22.41
CA GLU C 419 27.49 -16.50 21.26
C GLU C 419 26.13 -15.93 21.62
N SER C 420 25.67 -16.19 22.83
CA SER C 420 24.34 -15.71 23.24
C SER C 420 24.36 -14.19 23.48
N ILE C 421 25.33 -13.74 24.27
CA ILE C 421 25.59 -12.31 24.46
C ILE C 421 25.89 -11.64 23.12
N ARG C 422 26.72 -12.28 22.31
CA ARG C 422 27.06 -11.76 20.99
C ARG C 422 25.78 -11.48 20.26
N ASN C 423 24.92 -12.47 20.26
CA ASN C 423 23.66 -12.37 19.54
C ASN C 423 22.74 -11.36 20.19
N LYS C 424 22.81 -11.27 21.51
CA LYS C 424 21.92 -10.35 22.20
C LYS C 424 22.31 -8.92 21.86
N LEU C 425 23.60 -8.62 21.88
CA LEU C 425 24.07 -7.27 21.62
C LEU C 425 23.69 -6.81 20.24
N ILE C 426 23.80 -7.71 19.29
CA ILE C 426 23.45 -7.40 17.89
C ILE C 426 21.97 -7.09 17.82
N SER C 427 21.23 -7.94 18.49
CA SER C 427 19.78 -7.84 18.52
C SER C 427 19.36 -6.51 19.13
N ILE C 428 19.93 -6.17 20.29
CA ILE C 428 19.63 -4.89 20.95
C ILE C 428 19.95 -3.72 20.02
N ALA C 429 21.14 -3.77 19.42
CA ALA C 429 21.63 -2.64 18.62
C ALA C 429 20.73 -2.42 17.45
N ARG C 430 20.27 -3.51 16.87
CA ARG C 430 19.41 -3.43 15.71
C ARG C 430 18.12 -2.70 16.04
N ASN C 431 17.49 -3.09 17.15
CA ASN C 431 16.29 -2.37 17.62
C ASN C 431 16.57 -0.94 18.03
N LYS C 432 17.83 -0.64 18.30
CA LYS C 432 18.25 0.72 18.67
C LYS C 432 18.65 1.54 17.47
N GLY C 433 18.73 0.91 16.32
CA GLY C 433 18.95 1.61 15.06
C GLY C 433 20.30 1.40 14.41
N VAL C 434 21.02 0.38 14.85
CA VAL C 434 22.31 0.05 14.25
C VAL C 434 22.36 -1.42 13.89
N MET C 435 22.83 -1.68 12.68
CA MET C 435 23.00 -3.03 12.20
C MET C 435 24.45 -3.39 12.27
N LEU C 436 24.72 -4.44 13.02
CA LEU C 436 26.05 -4.98 13.14
C LEU C 436 26.01 -6.37 12.58
N GLY C 437 27.17 -6.88 12.28
CA GLY C 437 27.28 -8.23 11.81
C GLY C 437 28.02 -9.02 12.85
N GLY C 438 27.83 -10.34 12.80
CA GLY C 438 28.63 -11.24 13.62
C GLY C 438 29.50 -12.10 12.73
N CYS C 439 30.50 -12.71 13.33
CA CYS C 439 31.37 -13.67 12.64
C CYS C 439 31.97 -14.57 13.71
N GLY C 440 32.42 -15.75 13.31
CA GLY C 440 32.92 -16.73 14.26
C GLY C 440 31.83 -17.11 15.27
N ASP C 441 32.23 -17.61 16.44
CA ASP C 441 31.22 -17.91 17.50
C ASP C 441 30.71 -16.66 18.16
N LYS C 442 31.65 -15.82 18.59
CA LYS C 442 31.30 -14.77 19.54
C LYS C 442 31.82 -13.39 19.20
N SER C 443 32.04 -13.13 17.92
CA SER C 443 32.57 -11.84 17.53
C SER C 443 31.52 -10.99 16.85
N ILE C 444 31.62 -9.71 17.07
CA ILE C 444 30.81 -8.73 16.36
C ILE C 444 31.74 -8.04 15.41
N ARG C 445 31.25 -7.78 14.22
CA ARG C 445 32.07 -7.29 13.12
C ARG C 445 31.44 -6.07 12.48
N PHE C 446 32.28 -5.22 11.92
CA PHE C 446 31.83 -4.01 11.23
C PHE C 446 32.20 -4.08 9.76
N ARG C 447 31.23 -3.76 8.92
CA ARG C 447 31.48 -3.64 7.48
C ARG C 447 30.71 -2.46 6.93
N PRO C 448 31.14 -1.26 7.29
CA PRO C 448 30.49 -0.06 6.81
C PRO C 448 30.79 0.17 5.35
N THR C 449 29.84 0.75 4.66
CA THR C 449 30.06 1.11 3.27
C THR C 449 31.10 2.22 3.29
N LEU C 450 31.68 2.50 2.13
CA LEU C 450 32.73 3.50 2.06
C LEU C 450 32.24 4.96 2.19
N VAL C 451 30.95 5.17 2.36
CA VAL C 451 30.44 6.51 2.64
C VAL C 451 30.16 6.68 4.14
N PHE C 452 30.89 5.92 4.96
CA PHE C 452 30.77 5.96 6.42
C PHE C 452 31.85 6.92 6.91
N ARG C 453 31.44 8.08 7.40
CA ARG C 453 32.36 9.06 7.96
C ARG C 453 32.42 8.88 9.48
N ASP C 454 33.34 9.57 10.12
CA ASP C 454 33.51 9.40 11.56
C ASP C 454 32.32 9.88 12.38
N HIS C 455 31.50 10.80 11.89
CA HIS C 455 30.32 11.21 12.65
C HIS C 455 29.35 10.02 12.80
N HIS C 456 29.41 9.08 11.86
CA HIS C 456 28.67 7.83 11.99
C HIS C 456 29.36 6.88 12.94
N ALA C 457 30.69 6.93 12.98
CA ALA C 457 31.42 6.17 13.97
C ALA C 457 31.00 6.58 15.37
N HIS C 458 30.89 7.88 15.61
CA HIS C 458 30.40 8.37 16.90
C HIS C 458 28.93 8.01 17.10
N LEU C 459 28.16 8.03 16.03
CA LEU C 459 26.75 7.69 16.13
C LEU C 459 26.59 6.28 16.69
N PHE C 460 27.38 5.36 16.16
CA PHE C 460 27.33 3.99 16.61
C PHE C 460 27.73 3.98 18.07
N LEU C 461 28.95 4.45 18.33
CA LEU C 461 29.57 4.41 19.66
C LEU C 461 28.69 4.92 20.79
N ASN C 462 27.99 6.01 20.54
CA ASN C 462 27.12 6.63 21.54
C ASN C 462 25.92 5.75 21.90
N ILE C 463 25.32 5.13 20.89
CA ILE C 463 24.17 4.25 21.06
C ILE C 463 24.57 2.96 21.76
N PHE C 464 25.77 2.48 21.44
CA PHE C 464 26.28 1.22 21.96
C PHE C 464 26.82 1.42 23.37
N SER C 465 27.32 2.61 23.68
CA SER C 465 27.79 2.93 25.02
C SER C 465 26.61 2.94 25.99
N ASP C 466 25.45 3.43 25.55
CA ASP C 466 24.20 3.36 26.31
C ASP C 466 23.77 1.91 26.55
N ILE C 467 23.89 1.07 25.52
CA ILE C 467 23.45 -0.30 25.59
C ILE C 467 24.24 -1.08 26.64
N LEU C 468 25.55 -0.88 26.65
CA LEU C 468 26.43 -1.60 27.54
C LEU C 468 26.21 -1.15 28.97
N ALA C 469 25.86 0.12 29.12
CA ALA C 469 25.59 0.69 30.43
C ALA C 469 24.38 0.05 31.14
N ASP C 470 23.47 -0.56 30.37
CA ASP C 470 22.25 -1.15 30.92
C ASP C 470 22.10 -2.65 30.63
N PHE C 471 23.17 -3.27 30.15
CA PHE C 471 23.18 -4.69 29.82
C PHE C 471 23.43 -5.54 31.06
N PHE D 11 9.33 -5.03 -33.24
CA PHE D 11 10.79 -4.72 -33.11
C PHE D 11 11.67 -5.89 -33.63
N ASP D 12 11.82 -5.93 -34.95
CA ASP D 12 12.65 -6.93 -35.62
C ASP D 12 13.03 -6.47 -37.06
N TYR D 13 14.33 -6.53 -37.41
CA TYR D 13 14.76 -6.11 -38.78
C TYR D 13 14.12 -7.03 -39.82
N ASP D 14 14.29 -6.64 -41.08
CA ASP D 14 13.65 -7.37 -42.20
C ASP D 14 14.45 -8.60 -42.60
N GLY D 15 15.74 -8.51 -42.40
CA GLY D 15 16.65 -9.57 -42.75
C GLY D 15 18.08 -9.15 -42.50
N PRO D 16 19.01 -10.04 -42.78
CA PRO D 16 20.43 -9.78 -42.59
C PRO D 16 20.95 -8.80 -43.61
N LEU D 17 22.00 -8.09 -43.26
CA LEU D 17 22.71 -7.24 -44.22
C LEU D 17 24.15 -7.20 -43.78
N MET D 18 24.99 -7.87 -44.54
CA MET D 18 26.42 -7.90 -44.24
C MET D 18 27.14 -6.79 -44.98
N LYS D 19 27.98 -6.10 -44.24
CA LYS D 19 28.88 -5.11 -44.83
C LYS D 19 30.28 -5.67 -45.02
N THR D 20 30.71 -6.48 -44.06
CA THR D 20 32.04 -7.09 -44.10
C THR D 20 32.08 -8.57 -43.73
N GLU D 21 33.28 -9.13 -43.87
CA GLU D 21 33.62 -10.44 -43.36
C GLU D 21 33.68 -10.36 -41.85
N VAL D 22 33.35 -11.46 -41.21
CA VAL D 22 33.24 -11.53 -39.76
C VAL D 22 34.26 -12.52 -39.23
N PRO D 23 35.08 -12.11 -38.27
CA PRO D 23 35.04 -10.77 -37.70
C PRO D 23 35.61 -9.73 -38.64
N GLY D 24 35.06 -8.54 -38.51
CA GLY D 24 35.48 -7.40 -39.31
C GLY D 24 36.66 -6.70 -38.67
N PRO D 25 37.18 -5.68 -39.35
CA PRO D 25 38.39 -5.01 -38.91
C PRO D 25 38.26 -4.34 -37.54
N ARG D 26 37.11 -3.71 -37.32
CA ARG D 26 36.81 -3.06 -36.04
C ARG D 26 36.76 -4.11 -34.92
N SER D 27 36.27 -5.31 -35.24
CA SER D 27 36.24 -6.41 -34.27
C SER D 27 37.63 -6.96 -34.01
N ARG D 28 38.40 -7.10 -35.08
CA ARG D 28 39.75 -7.65 -34.95
C ARG D 28 40.64 -6.70 -34.16
N GLU D 29 40.42 -5.39 -34.28
CA GLU D 29 41.18 -4.45 -33.44
C GLU D 29 40.82 -4.66 -32.00
N LEU D 30 39.52 -4.70 -31.72
CA LEU D 30 39.04 -4.94 -30.35
C LEU D 30 39.55 -6.26 -29.78
N MET D 31 39.48 -7.33 -30.58
CA MET D 31 40.01 -8.62 -30.14
C MET D 31 41.50 -8.53 -29.81
N LYS D 32 42.21 -7.74 -30.60
CA LYS D 32 43.65 -7.49 -30.38
C LYS D 32 43.88 -6.95 -28.97
N GLN D 33 43.07 -5.95 -28.61
CA GLN D 33 43.19 -5.26 -27.32
C GLN D 33 42.84 -6.16 -26.18
N LEU D 34 41.69 -6.81 -26.27
CA LEU D 34 41.24 -7.66 -25.18
C LEU D 34 42.28 -8.75 -24.92
N ASN D 35 42.91 -9.23 -25.98
CA ASN D 35 43.89 -10.32 -25.87
C ASN D 35 45.20 -9.97 -25.11
N ILE D 36 45.37 -8.72 -24.70
CA ILE D 36 46.48 -8.36 -23.80
C ILE D 36 46.15 -8.76 -22.36
N ILE D 37 44.91 -8.50 -21.98
CA ILE D 37 44.42 -8.70 -20.61
C ILE D 37 44.09 -10.16 -20.34
N GLN D 38 43.72 -10.87 -21.38
CA GLN D 38 43.27 -12.25 -21.21
C GLN D 38 43.31 -13.02 -22.52
N ASN D 39 43.32 -14.34 -22.41
CA ASN D 39 43.21 -15.17 -23.60
C ASN D 39 41.84 -14.94 -24.24
N ALA D 40 41.85 -14.25 -25.37
CA ALA D 40 40.64 -13.78 -26.05
C ALA D 40 40.27 -14.64 -27.25
N GLU D 41 40.87 -15.81 -27.35
CA GLU D 41 40.74 -16.62 -28.57
C GLU D 41 39.34 -17.13 -28.85
N ALA D 42 38.51 -17.26 -27.83
CA ALA D 42 37.17 -17.80 -28.03
C ALA D 42 36.23 -16.75 -28.62
N VAL D 43 36.67 -15.50 -28.58
CA VAL D 43 35.85 -14.39 -29.06
C VAL D 43 35.52 -14.55 -30.55
N HIS D 44 34.23 -14.63 -30.85
CA HIS D 44 33.78 -14.66 -32.26
C HIS D 44 33.94 -13.30 -32.91
N PHE D 45 33.30 -12.30 -32.29
CA PHE D 45 33.36 -10.91 -32.75
C PHE D 45 32.80 -9.98 -31.68
N PHE D 46 33.00 -8.70 -31.87
CA PHE D 46 32.50 -7.70 -30.93
C PHE D 46 31.17 -7.14 -31.41
N CYS D 47 30.27 -6.93 -30.47
CA CYS D 47 28.89 -6.59 -30.80
C CYS D 47 28.51 -5.17 -30.49
N ASN D 48 27.35 -4.80 -31.01
CA ASN D 48 26.73 -3.52 -30.76
C ASN D 48 25.33 -3.85 -30.33
N TYR D 49 25.17 -4.16 -29.06
CA TYR D 49 23.87 -4.64 -28.59
C TYR D 49 22.83 -3.51 -28.68
N GLU D 50 23.30 -2.27 -28.64
CA GLU D 50 22.42 -1.10 -28.76
C GLU D 50 21.60 -1.11 -30.04
N GLU D 51 22.24 -1.47 -31.14
CA GLU D 51 21.59 -1.51 -32.47
C GLU D 51 21.01 -2.90 -32.78
N SER D 52 21.27 -3.87 -31.93
CA SER D 52 20.70 -5.20 -32.11
C SER D 52 19.26 -5.16 -31.69
N ARG D 53 18.46 -6.00 -32.33
CA ARG D 53 17.01 -5.93 -32.22
C ARG D 53 16.39 -7.29 -32.61
N GLY D 54 15.58 -7.83 -31.70
CA GLY D 54 14.93 -9.11 -31.87
C GLY D 54 15.90 -10.21 -32.24
N ASN D 55 15.70 -10.80 -33.41
CA ASN D 55 16.51 -11.93 -33.82
C ASN D 55 17.83 -11.54 -34.46
N TYR D 56 18.07 -10.24 -34.55
CA TYR D 56 19.25 -9.77 -35.25
C TYR D 56 20.28 -9.17 -34.30
N LEU D 57 21.46 -9.73 -34.41
CA LEU D 57 22.63 -9.30 -33.65
C LEU D 57 23.42 -8.41 -34.57
N VAL D 58 23.82 -7.25 -34.11
CA VAL D 58 24.56 -6.35 -34.96
C VAL D 58 25.97 -6.23 -34.43
N ASP D 59 26.95 -6.41 -35.31
CA ASP D 59 28.35 -6.30 -34.89
C ASP D 59 28.87 -4.87 -35.06
N VAL D 60 30.07 -4.67 -34.52
CA VAL D 60 30.75 -3.37 -34.53
C VAL D 60 31.24 -2.88 -35.90
N ASP D 61 31.26 -3.78 -36.88
CA ASP D 61 31.62 -3.42 -38.25
C ASP D 61 30.39 -3.18 -39.10
N GLY D 62 29.24 -3.20 -38.44
CA GLY D 62 27.98 -2.87 -39.09
C GLY D 62 27.23 -4.06 -39.64
N ASN D 63 27.80 -5.24 -39.50
CA ASN D 63 27.16 -6.44 -40.00
C ASN D 63 25.94 -6.73 -39.17
N ARG D 64 24.86 -7.10 -39.83
CA ARG D 64 23.64 -7.44 -39.14
C ARG D 64 23.30 -8.88 -39.45
N MET D 65 23.42 -9.73 -38.44
CA MET D 65 23.27 -11.15 -38.67
C MET D 65 22.01 -11.69 -38.04
N LEU D 66 21.50 -12.71 -38.70
CA LEU D 66 20.36 -13.45 -38.21
C LEU D 66 20.93 -14.38 -37.17
N ASP D 67 20.58 -14.15 -35.91
CA ASP D 67 21.22 -14.85 -34.80
C ASP D 67 20.41 -16.03 -34.32
N LEU D 68 20.88 -17.24 -34.65
CA LEU D 68 20.25 -18.49 -34.23
C LEU D 68 21.09 -19.23 -33.20
N TYR D 69 21.91 -18.47 -32.49
CA TYR D 69 22.75 -19.00 -31.44
C TYR D 69 22.40 -18.39 -30.09
N SER D 70 21.89 -17.17 -30.15
CA SER D 70 21.28 -16.44 -29.02
C SER D 70 22.11 -16.41 -27.75
N GLN D 71 23.38 -16.05 -27.88
CA GLN D 71 24.34 -16.02 -26.75
C GLN D 71 24.35 -17.38 -26.07
N ILE D 72 24.56 -18.39 -26.89
CA ILE D 72 24.55 -19.77 -26.45
C ILE D 72 23.25 -20.08 -25.71
N SER D 73 22.15 -19.64 -26.28
CA SER D 73 20.83 -20.04 -25.79
C SER D 73 20.44 -19.33 -24.50
N SER D 74 20.84 -18.07 -24.35
CA SER D 74 20.58 -17.35 -23.11
C SER D 74 19.73 -16.10 -23.26
N ILE D 75 19.36 -15.79 -24.49
CA ILE D 75 18.46 -14.66 -24.76
C ILE D 75 17.04 -15.16 -25.02
N PRO D 76 16.12 -14.92 -24.09
CA PRO D 76 14.77 -15.48 -24.24
C PRO D 76 13.93 -14.84 -25.34
N ILE D 77 13.78 -13.52 -25.34
CA ILE D 77 12.87 -12.88 -26.30
C ILE D 77 13.54 -11.85 -27.19
N GLY D 78 14.76 -12.16 -27.58
CA GLY D 78 15.46 -11.34 -28.54
C GLY D 78 16.09 -10.13 -27.92
N TYR D 79 16.89 -9.47 -28.73
CA TYR D 79 17.62 -8.28 -28.31
C TYR D 79 16.73 -7.05 -28.23
N SER D 80 17.09 -6.17 -27.31
CA SER D 80 16.47 -4.86 -27.13
C SER D 80 14.95 -4.93 -27.16
N HIS D 81 14.41 -5.93 -26.46
CA HIS D 81 12.97 -6.11 -26.41
C HIS D 81 12.31 -4.91 -25.76
N PRO D 82 11.36 -4.30 -26.47
CA PRO D 82 10.67 -3.09 -26.01
C PRO D 82 10.01 -3.17 -24.65
N ALA D 83 9.56 -4.35 -24.26
CA ALA D 83 8.97 -4.52 -22.94
C ALA D 83 10.05 -4.40 -21.89
N LEU D 84 11.23 -4.90 -22.22
CA LEU D 84 12.37 -4.83 -21.29
C LEU D 84 12.89 -3.42 -21.22
N VAL D 85 12.84 -2.75 -22.36
CA VAL D 85 13.23 -1.34 -22.38
C VAL D 85 12.35 -0.56 -21.41
N LYS D 86 11.05 -0.79 -21.52
CA LYS D 86 10.08 -0.06 -20.70
C LYS D 86 10.40 -0.27 -19.22
N LEU D 87 10.68 -1.51 -18.83
CA LEU D 87 11.08 -1.80 -17.44
C LEU D 87 12.21 -0.93 -16.98
N VAL D 88 13.27 -0.90 -17.77
CA VAL D 88 14.45 -0.15 -17.36
C VAL D 88 14.16 1.36 -17.31
N GLN D 89 13.17 1.80 -18.08
CA GLN D 89 12.84 3.22 -18.13
C GLN D 89 12.05 3.71 -16.91
N GLN D 90 11.43 2.78 -16.19
CA GLN D 90 10.63 3.13 -15.00
C GLN D 90 11.51 3.66 -13.88
N PRO D 91 11.21 4.87 -13.43
CA PRO D 91 11.91 5.44 -12.27
C PRO D 91 11.81 4.56 -11.03
N GLN D 92 10.70 3.84 -10.89
CA GLN D 92 10.47 3.00 -9.71
C GLN D 92 11.42 1.80 -9.64
N ASN D 93 11.99 1.44 -10.79
CA ASN D 93 12.89 0.28 -10.89
C ASN D 93 14.39 0.55 -10.71
N VAL D 94 14.75 1.83 -10.66
CA VAL D 94 16.15 2.23 -10.53
C VAL D 94 16.85 1.51 -9.38
N SER D 95 16.19 1.52 -8.23
CA SER D 95 16.75 0.92 -7.01
C SER D 95 17.16 -0.53 -7.25
N THR D 96 16.26 -1.28 -7.85
CA THR D 96 16.54 -2.69 -8.15
C THR D 96 17.84 -2.87 -8.91
N PHE D 97 18.09 -1.96 -9.85
CA PHE D 97 19.30 -2.02 -10.67
C PHE D 97 20.59 -1.56 -9.98
N ILE D 98 20.49 -0.85 -8.87
CA ILE D 98 21.70 -0.29 -8.23
C ILE D 98 21.87 -0.59 -6.74
N ASN D 99 20.95 -1.37 -6.19
CA ASN D 99 20.96 -1.67 -4.77
C ASN D 99 20.87 -3.17 -4.64
N ARG D 100 21.99 -3.85 -4.84
CA ARG D 100 21.93 -5.31 -4.82
C ARG D 100 21.99 -5.88 -3.43
N PRO D 101 20.95 -6.60 -3.06
CA PRO D 101 20.85 -7.17 -1.73
C PRO D 101 21.57 -8.48 -1.57
N ALA D 102 21.92 -8.76 -0.32
CA ALA D 102 22.32 -10.10 0.10
C ALA D 102 21.03 -10.86 0.37
N LEU D 103 20.40 -11.31 -0.71
CA LEU D 103 19.06 -11.90 -0.68
C LEU D 103 18.76 -12.87 0.44
N GLY D 104 19.78 -13.59 0.88
CA GLY D 104 19.63 -14.61 1.90
C GLY D 104 19.18 -14.06 3.25
N ILE D 105 19.50 -12.79 3.49
CA ILE D 105 19.24 -12.14 4.77
C ILE D 105 18.44 -10.84 4.72
N LEU D 106 18.53 -10.11 3.63
CA LEU D 106 17.86 -8.82 3.53
C LEU D 106 17.13 -8.66 2.22
N PRO D 107 16.21 -9.56 1.96
CA PRO D 107 15.42 -9.49 0.74
C PRO D 107 14.64 -8.22 0.64
N PRO D 108 14.40 -7.79 -0.57
CA PRO D 108 13.52 -6.66 -0.79
C PRO D 108 12.07 -7.06 -0.57
N GLU D 109 11.30 -6.04 -0.29
CA GLU D 109 9.87 -6.16 -0.03
C GLU D 109 9.11 -6.89 -1.14
N ASN D 110 9.49 -6.62 -2.38
CA ASN D 110 8.80 -7.21 -3.53
C ASN D 110 9.28 -8.61 -3.89
N PHE D 111 10.14 -9.16 -3.06
CA PHE D 111 10.88 -10.36 -3.44
C PHE D 111 10.01 -11.56 -3.74
N VAL D 112 8.98 -11.76 -2.93
CA VAL D 112 8.11 -12.92 -3.12
C VAL D 112 7.08 -12.68 -4.20
N GLU D 113 6.52 -11.47 -4.23
CA GLU D 113 5.56 -11.12 -5.28
C GLU D 113 6.20 -11.32 -6.65
N LYS D 114 7.39 -10.79 -6.83
CA LYS D 114 8.04 -10.84 -8.13
C LYS D 114 8.39 -12.27 -8.49
N LEU D 115 8.72 -13.07 -7.48
CA LEU D 115 8.92 -14.51 -7.67
C LEU D 115 7.63 -15.19 -8.10
N ARG D 116 6.53 -14.78 -7.49
CA ARG D 116 5.21 -15.27 -7.89
C ARG D 116 4.86 -14.88 -9.32
N GLU D 117 5.28 -13.68 -9.72
CA GLU D 117 5.05 -13.20 -11.09
C GLU D 117 5.92 -13.94 -12.10
N SER D 118 7.04 -14.47 -11.62
CA SER D 118 8.02 -15.10 -12.51
C SER D 118 8.14 -16.60 -12.22
N LEU D 119 9.28 -17.04 -11.73
CA LEU D 119 9.60 -18.47 -11.56
C LEU D 119 8.52 -19.36 -11.00
N LEU D 120 7.85 -18.91 -9.95
CA LEU D 120 6.83 -19.74 -9.30
C LEU D 120 5.65 -20.04 -10.22
N SER D 121 5.42 -19.14 -11.16
CA SER D 121 4.36 -19.32 -12.15
C SER D 121 4.69 -20.37 -13.22
N VAL D 122 5.93 -20.81 -13.30
CA VAL D 122 6.29 -21.89 -14.24
C VAL D 122 6.92 -23.08 -13.51
N ALA D 123 6.58 -23.22 -12.24
CA ALA D 123 7.17 -24.28 -11.43
C ALA D 123 6.90 -25.64 -12.04
N PRO D 124 7.90 -26.52 -12.01
CA PRO D 124 7.69 -27.91 -12.41
C PRO D 124 6.73 -28.64 -11.47
N LYS D 125 6.20 -29.73 -11.98
CA LYS D 125 5.24 -30.50 -11.19
C LYS D 125 5.93 -31.15 -10.02
N GLY D 126 5.33 -30.97 -8.86
CA GLY D 126 5.79 -31.61 -7.64
C GLY D 126 6.79 -30.80 -6.83
N MET D 127 7.29 -29.70 -7.40
CA MET D 127 8.37 -28.94 -6.75
C MET D 127 7.86 -27.61 -6.19
N SER D 128 7.56 -27.64 -4.91
CA SER D 128 7.06 -26.46 -4.18
C SER D 128 8.18 -25.50 -3.80
N GLN D 129 9.38 -26.03 -3.72
CA GLN D 129 10.55 -25.29 -3.26
C GLN D 129 11.32 -24.67 -4.38
N LEU D 130 11.87 -23.51 -4.09
CA LEU D 130 12.61 -22.72 -5.05
C LEU D 130 13.69 -21.94 -4.34
N ILE D 131 14.91 -22.07 -4.84
CA ILE D 131 16.05 -21.29 -4.33
C ILE D 131 16.69 -20.63 -5.53
N THR D 132 17.16 -19.40 -5.37
CA THR D 132 17.75 -18.75 -6.52
C THR D 132 19.26 -18.67 -6.45
N MET D 133 19.82 -18.64 -7.65
CA MET D 133 21.27 -18.58 -7.85
C MET D 133 21.59 -17.66 -9.02
N ALA D 134 22.82 -17.16 -9.06
CA ALA D 134 23.24 -16.18 -10.06
C ALA D 134 23.69 -16.80 -11.39
N CYS D 135 24.02 -18.10 -11.40
CA CYS D 135 24.25 -18.77 -12.69
C CYS D 135 23.97 -20.25 -12.63
N GLY D 136 24.29 -20.96 -13.70
CA GLY D 136 23.89 -22.36 -13.88
C GLY D 136 24.84 -23.31 -13.21
N SER D 137 26.11 -22.96 -13.16
CA SER D 137 27.10 -23.80 -12.51
C SER D 137 26.81 -23.87 -11.01
N CYS D 138 26.61 -22.72 -10.35
CA CYS D 138 26.32 -22.76 -8.92
C CYS D 138 24.90 -23.23 -8.62
N SER D 139 24.02 -23.22 -9.61
CA SER D 139 22.70 -23.82 -9.42
C SER D 139 22.84 -25.33 -9.27
N ASN D 140 23.62 -25.94 -10.17
CA ASN D 140 23.93 -27.37 -10.10
C ASN D 140 24.76 -27.73 -8.87
N GLU D 141 25.74 -26.88 -8.55
CA GLU D 141 26.58 -27.12 -7.37
C GLU D 141 25.73 -27.21 -6.13
N ASN D 142 24.84 -26.25 -5.97
CA ASN D 142 23.98 -26.18 -4.80
C ASN D 142 22.91 -27.22 -4.80
N ALA D 143 22.56 -27.66 -6.00
CA ALA D 143 21.61 -28.77 -6.13
C ALA D 143 22.29 -30.04 -5.68
N PHE D 144 23.56 -30.19 -6.06
CA PHE D 144 24.37 -31.31 -5.59
C PHE D 144 24.39 -31.32 -4.08
N LYS D 145 24.61 -30.16 -3.48
CA LYS D 145 24.70 -30.06 -2.03
C LYS D 145 23.39 -30.42 -1.39
N THR D 146 22.32 -29.82 -1.91
CA THR D 146 20.97 -30.10 -1.43
C THR D 146 20.72 -31.60 -1.44
N ILE D 147 21.13 -32.25 -2.52
CA ILE D 147 20.96 -33.69 -2.65
C ILE D 147 21.77 -34.42 -1.57
N PHE D 148 23.05 -34.12 -1.46
CA PHE D 148 23.88 -34.74 -0.41
C PHE D 148 23.29 -34.57 0.99
N MET D 149 22.83 -33.36 1.28
CA MET D 149 22.23 -33.06 2.59
C MET D 149 20.99 -33.90 2.86
N TRP D 150 20.16 -34.03 1.83
CA TRP D 150 18.92 -34.81 1.91
C TRP D 150 19.25 -36.28 2.15
N TYR D 151 20.33 -36.75 1.53
CA TYR D 151 20.73 -38.13 1.63
C TYR D 151 21.20 -38.49 3.04
N ARG D 152 22.10 -37.68 3.60
CA ARG D 152 22.50 -37.86 4.99
C ARG D 152 21.28 -37.69 5.90
N SER D 153 20.36 -36.82 5.54
CA SER D 153 19.15 -36.63 6.32
C SER D 153 18.27 -37.90 6.35
N LYS D 154 18.22 -38.64 5.25
CA LYS D 154 17.54 -39.95 5.20
C LYS D 154 18.23 -40.95 6.16
N GLU D 155 19.56 -41.03 6.10
CA GLU D 155 20.35 -42.01 6.85
C GLU D 155 20.37 -41.71 8.33
N ARG D 156 20.68 -40.45 8.65
CA ARG D 156 20.79 -40.02 10.04
C ARG D 156 19.41 -39.80 10.67
N GLY D 157 18.39 -39.54 9.86
CA GLY D 157 17.05 -39.32 10.36
C GLY D 157 16.93 -38.32 11.51
N GLN D 158 16.20 -38.69 12.56
CA GLN D 158 15.94 -37.77 13.68
C GLN D 158 17.16 -37.55 14.62
N SER D 159 18.30 -38.16 14.30
CA SER D 159 19.54 -37.95 15.06
C SER D 159 20.16 -36.64 14.63
N ALA D 160 20.69 -35.87 15.58
CA ALA D 160 21.43 -34.66 15.25
C ALA D 160 22.82 -34.98 14.72
N PHE D 161 23.46 -33.98 14.11
CA PHE D 161 24.85 -34.09 13.75
C PHE D 161 25.62 -34.57 14.96
N SER D 162 26.42 -35.58 14.71
CA SER D 162 27.24 -36.22 15.72
C SER D 162 28.48 -35.36 15.91
N LYS D 163 29.11 -35.50 17.08
CA LYS D 163 30.35 -34.76 17.37
C LYS D 163 31.47 -35.17 16.41
N GLU D 164 31.53 -36.47 16.06
CA GLU D 164 32.59 -36.93 15.15
C GLU D 164 32.42 -36.20 13.82
N GLU D 165 31.20 -36.23 13.32
CA GLU D 165 30.81 -35.55 12.07
C GLU D 165 31.11 -34.06 12.09
N LEU D 166 30.72 -33.43 13.18
CA LEU D 166 30.93 -31.99 13.36
C LEU D 166 32.38 -31.59 13.29
N GLU D 167 33.22 -32.50 13.72
CA GLU D 167 34.66 -32.26 13.76
C GLU D 167 35.34 -32.56 12.45
N THR D 168 35.04 -33.73 11.91
CA THR D 168 35.64 -34.19 10.66
C THR D 168 35.28 -33.27 9.50
N CYS D 169 34.06 -32.78 9.49
CA CYS D 169 33.59 -31.90 8.41
C CYS D 169 34.44 -30.64 8.30
N MET D 170 34.91 -30.12 9.42
CA MET D 170 35.72 -28.89 9.39
C MET D 170 37.07 -29.10 8.72
N ILE D 171 37.52 -30.35 8.74
CA ILE D 171 38.81 -30.72 8.16
C ILE D 171 38.70 -31.73 7.04
N ASN D 172 37.67 -31.55 6.22
CA ASN D 172 37.54 -32.28 4.96
C ASN D 172 37.61 -33.79 5.11
N GLN D 173 36.95 -34.31 6.14
CA GLN D 173 37.03 -35.74 6.41
C GLN D 173 35.67 -36.38 6.67
N ALA D 174 35.61 -37.66 6.37
CA ALA D 174 34.50 -38.50 6.81
C ALA D 174 34.65 -38.73 8.32
N PRO D 175 33.54 -38.94 9.02
CA PRO D 175 32.19 -39.02 8.43
C PRO D 175 31.53 -37.68 8.15
N GLY D 176 32.11 -36.60 8.66
CA GLY D 176 31.55 -35.27 8.45
C GLY D 176 31.34 -35.01 6.97
N CYS D 177 32.38 -35.27 6.20
CA CYS D 177 32.35 -35.15 4.75
C CYS D 177 32.22 -36.54 4.14
N PRO D 178 31.02 -36.90 3.75
CA PRO D 178 30.78 -38.22 3.22
C PRO D 178 31.30 -38.33 1.82
N ASP D 179 31.64 -39.56 1.50
CA ASP D 179 32.22 -39.92 0.22
C ASP D 179 31.12 -40.23 -0.81
N TYR D 180 30.00 -39.51 -0.71
CA TYR D 180 28.89 -39.72 -1.65
C TYR D 180 29.22 -39.22 -3.04
N SER D 181 28.41 -39.67 -3.99
CA SER D 181 28.63 -39.37 -5.39
C SER D 181 27.35 -38.95 -6.08
N ILE D 182 27.53 -38.29 -7.20
CA ILE D 182 26.44 -37.94 -8.07
C ILE D 182 26.74 -38.63 -9.38
N LEU D 183 25.76 -39.32 -9.93
CA LEU D 183 25.98 -40.05 -11.17
C LEU D 183 25.64 -39.16 -12.35
N SER D 184 26.54 -39.17 -13.33
CA SER D 184 26.41 -38.37 -14.55
C SER D 184 26.63 -39.18 -15.82
N PHE D 185 26.31 -38.59 -16.96
CA PHE D 185 26.35 -39.29 -18.25
C PHE D 185 27.45 -38.78 -19.16
N MET D 186 28.01 -39.67 -19.97
CA MET D 186 28.96 -39.26 -20.98
C MET D 186 28.29 -38.25 -21.90
N GLY D 187 29.09 -37.34 -22.43
CA GLY D 187 28.59 -36.30 -23.34
C GLY D 187 27.89 -35.16 -22.61
N ALA D 188 27.91 -35.23 -21.29
CA ALA D 188 27.15 -34.30 -20.48
C ALA D 188 27.90 -33.02 -20.29
N PHE D 189 27.13 -32.03 -19.91
CA PHE D 189 27.71 -30.77 -19.52
C PHE D 189 26.81 -30.05 -18.52
N HIS D 190 27.37 -29.79 -17.35
CA HIS D 190 26.63 -29.21 -16.24
C HIS D 190 27.32 -28.06 -15.57
N GLY D 191 28.36 -27.55 -16.20
CA GLY D 191 29.12 -26.45 -15.65
C GLY D 191 30.56 -26.84 -15.44
N ARG D 192 31.35 -25.87 -14.97
CA ARG D 192 32.81 -26.02 -14.93
C ARG D 192 33.49 -25.73 -13.62
N THR D 193 32.74 -25.28 -12.62
CA THR D 193 33.27 -25.25 -11.26
C THR D 193 33.60 -26.69 -10.89
N MET D 194 34.41 -26.88 -9.88
CA MET D 194 35.03 -28.20 -9.66
C MET D 194 34.06 -29.33 -9.38
N GLY D 195 32.89 -28.98 -8.88
CA GLY D 195 31.86 -29.97 -8.59
C GLY D 195 31.08 -30.35 -9.84
N CYS D 196 30.53 -29.35 -10.51
CA CYS D 196 29.81 -29.54 -11.79
C CYS D 196 30.70 -30.30 -12.74
N LEU D 197 31.93 -29.85 -12.76
CA LEU D 197 32.92 -30.34 -13.71
C LEU D 197 33.08 -31.85 -13.65
N ALA D 198 32.95 -32.43 -12.46
CA ALA D 198 33.06 -33.88 -12.32
C ALA D 198 31.96 -34.58 -13.07
N THR D 199 30.79 -33.93 -13.14
CA THR D 199 29.63 -34.49 -13.83
C THR D 199 29.54 -34.11 -15.31
N THR D 200 30.44 -33.25 -15.74
CA THR D 200 30.58 -32.87 -17.15
C THR D 200 31.50 -33.88 -17.85
N HIS D 201 31.13 -34.21 -19.08
CA HIS D 201 31.91 -35.18 -19.87
C HIS D 201 31.76 -34.89 -21.34
N SER D 202 32.07 -33.64 -21.64
CA SER D 202 31.81 -33.04 -22.94
C SER D 202 33.03 -33.14 -23.84
N LYS D 203 34.10 -32.52 -23.38
CA LYS D 203 35.27 -32.32 -24.23
C LYS D 203 36.53 -32.23 -23.37
N ALA D 204 37.57 -32.97 -23.77
CA ALA D 204 38.78 -33.05 -22.94
C ALA D 204 39.36 -31.69 -22.58
N ILE D 205 39.29 -30.71 -23.47
CA ILE D 205 39.88 -29.41 -23.15
C ILE D 205 39.20 -28.77 -21.92
N HIS D 206 37.92 -29.09 -21.74
CA HIS D 206 37.15 -28.59 -20.59
C HIS D 206 37.56 -29.22 -19.26
N LYS D 207 38.07 -30.44 -19.31
CA LYS D 207 38.31 -31.21 -18.09
C LYS D 207 39.78 -31.34 -17.72
N ILE D 208 40.63 -31.30 -18.73
CA ILE D 208 42.02 -31.71 -18.55
C ILE D 208 42.77 -30.81 -17.55
N ASP D 209 43.58 -31.46 -16.73
CA ASP D 209 44.44 -30.85 -15.70
C ASP D 209 43.72 -30.43 -14.42
N ILE D 210 42.41 -30.65 -14.39
CA ILE D 210 41.61 -30.29 -13.22
C ILE D 210 41.28 -31.51 -12.40
N PRO D 211 41.60 -31.48 -11.12
CA PRO D 211 41.22 -32.58 -10.23
C PRO D 211 39.72 -32.76 -10.28
N SER D 212 39.29 -33.97 -9.99
CA SER D 212 37.91 -34.33 -10.17
C SER D 212 37.44 -35.22 -9.04
N PHE D 213 36.24 -35.75 -9.20
CA PHE D 213 35.68 -36.66 -8.24
C PHE D 213 35.50 -38.01 -8.88
N ASP D 214 35.77 -39.07 -8.12
CA ASP D 214 35.54 -40.42 -8.64
C ASP D 214 34.07 -40.76 -8.47
N TRP D 215 33.28 -40.30 -9.43
CA TRP D 215 31.85 -40.54 -9.44
C TRP D 215 31.51 -41.35 -10.68
N PRO D 216 30.44 -42.14 -10.61
CA PRO D 216 30.07 -42.99 -11.75
C PRO D 216 29.64 -42.21 -12.97
N ILE D 217 30.10 -42.71 -14.11
CA ILE D 217 29.76 -42.14 -15.40
C ILE D 217 29.11 -43.20 -16.26
N ALA D 218 27.93 -42.87 -16.76
CA ALA D 218 27.11 -43.82 -17.50
C ALA D 218 26.95 -43.38 -18.93
N PRO D 219 26.72 -44.32 -19.85
CA PRO D 219 26.51 -43.96 -21.24
C PRO D 219 25.16 -43.31 -21.42
N PHE D 220 25.15 -42.35 -22.32
CA PHE D 220 23.92 -41.71 -22.72
C PHE D 220 23.57 -42.27 -24.09
N PRO D 221 22.31 -42.63 -24.34
CA PRO D 221 21.93 -43.21 -25.63
C PRO D 221 22.44 -42.43 -26.83
N ARG D 222 22.93 -43.14 -27.84
CA ARG D 222 23.26 -42.55 -29.13
C ARG D 222 22.37 -43.15 -30.21
N LEU D 223 21.39 -42.37 -30.64
CA LEU D 223 20.37 -42.84 -31.56
C LEU D 223 20.89 -42.87 -33.00
N LYS D 224 20.33 -43.78 -33.80
CA LYS D 224 20.64 -43.89 -35.20
C LYS D 224 19.48 -43.28 -35.96
N TYR D 225 19.78 -42.59 -37.06
CA TYR D 225 18.78 -41.82 -37.80
C TYR D 225 18.67 -42.30 -39.26
N PRO D 226 17.52 -42.13 -39.91
CA PRO D 226 16.29 -41.58 -39.30
C PRO D 226 15.69 -42.50 -38.22
N LEU D 227 14.93 -41.93 -37.29
CA LEU D 227 14.37 -42.67 -36.16
C LEU D 227 13.41 -43.77 -36.63
N GLU D 228 12.61 -43.42 -37.63
CA GLU D 228 11.67 -44.32 -38.29
C GLU D 228 12.29 -45.65 -38.76
N GLU D 229 13.58 -45.63 -39.11
CA GLU D 229 14.28 -46.80 -39.65
C GLU D 229 15.00 -47.64 -38.59
N PHE D 230 15.08 -47.11 -37.38
CA PHE D 230 15.91 -47.71 -36.31
C PHE D 230 15.25 -48.01 -34.99
N VAL D 231 13.93 -48.02 -34.99
CA VAL D 231 13.14 -48.26 -33.77
C VAL D 231 13.76 -49.31 -32.83
N LYS D 232 13.96 -50.53 -33.31
CA LYS D 232 14.48 -51.61 -32.47
C LYS D 232 15.85 -51.28 -31.89
N GLU D 233 16.77 -50.96 -32.78
CA GLU D 233 18.14 -50.63 -32.42
C GLU D 233 18.16 -49.54 -31.36
N ASN D 234 17.42 -48.48 -31.65
CA ASN D 234 17.30 -47.36 -30.73
C ASN D 234 16.63 -47.74 -29.42
N GLN D 235 15.68 -48.66 -29.49
CA GLN D 235 15.08 -49.25 -28.29
C GLN D 235 16.17 -49.95 -27.46
N GLN D 236 16.93 -50.81 -28.12
CA GLN D 236 17.96 -51.65 -27.49
C GLN D 236 19.10 -50.83 -26.87
N GLU D 237 19.49 -49.77 -27.58
CA GLU D 237 20.56 -48.85 -27.15
C GLU D 237 20.18 -48.20 -25.82
N GLU D 238 18.97 -47.66 -25.78
CA GLU D 238 18.43 -47.03 -24.58
C GLU D 238 18.42 -48.02 -23.41
N ALA D 239 17.89 -49.21 -23.64
CA ALA D 239 17.84 -50.25 -22.61
C ALA D 239 19.23 -50.61 -22.08
N ARG D 240 20.18 -50.71 -23.01
CA ARG D 240 21.56 -51.04 -22.63
C ARG D 240 22.07 -49.98 -21.68
N CYS D 241 21.83 -48.73 -22.05
CA CYS D 241 22.25 -47.58 -21.24
C CYS D 241 21.62 -47.62 -19.87
N LEU D 242 20.30 -47.75 -19.83
CA LEU D 242 19.57 -47.88 -18.57
C LEU D 242 20.11 -48.99 -17.69
N GLU D 243 20.43 -50.12 -18.29
CA GLU D 243 20.98 -51.25 -17.53
C GLU D 243 22.33 -50.82 -16.95
N GLU D 244 23.13 -50.12 -17.75
CA GLU D 244 24.46 -49.65 -17.34
C GLU D 244 24.41 -48.65 -16.19
N VAL D 245 23.36 -47.83 -16.16
CA VAL D 245 23.18 -46.89 -15.05
C VAL D 245 22.99 -47.69 -13.77
N GLU D 246 21.99 -48.56 -13.79
CA GLU D 246 21.68 -49.36 -12.63
C GLU D 246 22.89 -50.07 -12.06
N ASP D 247 23.63 -50.78 -12.90
CA ASP D 247 24.83 -51.47 -12.43
C ASP D 247 25.73 -50.47 -11.73
N LEU D 248 25.99 -49.37 -12.40
CA LEU D 248 26.88 -48.32 -11.87
C LEU D 248 26.52 -47.93 -10.44
N ILE D 249 25.24 -47.68 -10.22
CA ILE D 249 24.74 -47.33 -8.89
C ILE D 249 25.13 -48.41 -7.90
N VAL D 250 24.83 -49.64 -8.26
CA VAL D 250 25.12 -50.80 -7.42
C VAL D 250 26.62 -50.89 -7.11
N LYS D 251 27.41 -50.79 -8.16
CA LYS D 251 28.87 -50.85 -8.06
C LYS D 251 29.40 -49.88 -7.01
N TYR D 252 28.85 -48.68 -7.04
CA TYR D 252 29.27 -47.59 -6.18
C TYR D 252 28.73 -47.69 -4.77
N ARG D 253 27.58 -48.32 -4.63
CA ARG D 253 27.03 -48.61 -3.32
C ARG D 253 28.03 -49.53 -2.63
N LYS D 254 28.55 -50.46 -3.42
CA LYS D 254 29.54 -51.43 -2.94
C LYS D 254 30.92 -50.80 -2.75
N LYS D 255 31.28 -49.85 -3.60
CA LYS D 255 32.53 -49.09 -3.41
C LYS D 255 32.44 -48.17 -2.19
N LYS D 256 31.26 -48.14 -1.57
CA LYS D 256 30.97 -47.27 -0.43
C LYS D 256 31.16 -45.80 -0.81
N LYS D 257 30.77 -45.53 -2.05
CA LYS D 257 30.74 -44.20 -2.63
C LYS D 257 29.32 -43.99 -3.14
N THR D 258 28.37 -44.24 -2.23
CA THR D 258 26.93 -44.21 -2.54
C THR D 258 26.57 -43.10 -3.51
N VAL D 259 25.72 -43.46 -4.45
CA VAL D 259 25.16 -42.51 -5.39
C VAL D 259 23.96 -41.83 -4.76
N ALA D 260 24.16 -40.59 -4.34
CA ALA D 260 23.09 -39.81 -3.71
C ALA D 260 22.12 -39.25 -4.72
N GLY D 261 22.62 -38.92 -5.90
CA GLY D 261 21.78 -38.36 -6.94
C GLY D 261 22.27 -38.63 -8.34
N ILE D 262 21.35 -38.48 -9.28
CA ILE D 262 21.65 -38.59 -10.71
C ILE D 262 21.29 -37.31 -11.38
N ILE D 263 22.21 -36.83 -12.21
CA ILE D 263 21.97 -35.63 -12.98
C ILE D 263 22.01 -35.96 -14.47
N VAL D 264 21.08 -35.37 -15.21
CA VAL D 264 20.96 -35.59 -16.63
C VAL D 264 20.34 -34.37 -17.30
N GLU D 265 20.68 -34.16 -18.57
CA GLU D 265 20.03 -33.09 -19.34
C GLU D 265 18.92 -33.72 -20.17
N PRO D 266 17.77 -33.06 -20.27
CA PRO D 266 16.71 -33.56 -21.14
C PRO D 266 17.20 -33.80 -22.56
N ILE D 267 18.11 -32.94 -22.97
CA ILE D 267 18.87 -33.08 -24.20
C ILE D 267 20.29 -32.67 -23.89
N GLN D 268 21.26 -33.50 -24.23
CA GLN D 268 22.67 -33.11 -24.02
C GLN D 268 23.04 -32.06 -25.04
N SER D 269 23.47 -30.91 -24.58
CA SER D 269 23.73 -29.78 -25.48
C SER D 269 25.18 -29.68 -25.96
N GLU D 270 26.07 -29.20 -25.09
CA GLU D 270 27.49 -28.99 -25.45
C GLU D 270 28.13 -30.27 -25.95
N GLY D 271 27.69 -31.39 -25.41
CA GLY D 271 28.19 -32.69 -25.81
C GLY D 271 27.78 -33.14 -27.20
N GLY D 272 26.90 -32.37 -27.83
CA GLY D 272 26.54 -32.57 -29.24
C GLY D 272 25.06 -32.84 -29.49
N ASP D 273 24.20 -32.05 -28.87
CA ASP D 273 22.74 -32.22 -29.00
C ASP D 273 22.30 -33.67 -29.11
N ASN D 274 22.46 -34.39 -28.01
CA ASN D 274 22.09 -35.79 -27.94
C ASN D 274 20.71 -35.97 -27.33
N HIS D 275 19.84 -36.62 -28.09
CA HIS D 275 18.46 -36.87 -27.66
C HIS D 275 18.27 -38.31 -27.23
N ALA D 276 17.21 -38.50 -26.47
CA ALA D 276 16.75 -39.81 -26.08
C ALA D 276 15.23 -39.78 -26.03
N SER D 277 14.62 -40.95 -25.90
CA SER D 277 13.17 -41.01 -25.91
C SER D 277 12.65 -40.55 -24.55
N ASP D 278 11.43 -40.06 -24.54
CA ASP D 278 10.74 -39.73 -23.29
C ASP D 278 10.58 -40.98 -22.45
N ASP D 279 10.37 -42.11 -23.13
CA ASP D 279 10.34 -43.39 -22.47
C ASP D 279 11.65 -43.61 -21.73
N PHE D 280 12.77 -43.28 -22.37
CA PHE D 280 14.09 -43.45 -21.74
C PHE D 280 14.13 -42.68 -20.44
N PHE D 281 13.86 -41.38 -20.50
CA PHE D 281 13.85 -40.53 -19.30
C PHE D 281 12.85 -40.96 -18.25
N ARG D 282 11.71 -41.46 -18.67
CA ARG D 282 10.71 -41.93 -17.73
C ARG D 282 11.27 -43.10 -16.93
N LYS D 283 11.96 -44.01 -17.62
CA LYS D 283 12.57 -45.18 -16.97
C LYS D 283 13.73 -44.81 -16.09
N LEU D 284 14.53 -43.86 -16.55
CA LEU D 284 15.67 -43.36 -15.79
C LEU D 284 15.17 -42.76 -14.48
N ARG D 285 14.05 -42.06 -14.55
CA ARG D 285 13.44 -41.47 -13.37
C ARG D 285 13.03 -42.54 -12.35
N ASP D 286 12.50 -43.67 -12.83
CA ASP D 286 12.12 -44.78 -11.95
C ASP D 286 13.34 -45.40 -11.31
N ILE D 287 14.38 -45.60 -12.11
CA ILE D 287 15.61 -46.21 -11.60
C ILE D 287 16.12 -45.41 -10.43
N SER D 288 16.22 -44.11 -10.64
CA SER D 288 16.64 -43.18 -9.60
C SER D 288 15.84 -43.41 -8.34
N ARG D 289 14.53 -43.43 -8.50
CA ARG D 289 13.62 -43.57 -7.38
C ARG D 289 13.85 -44.89 -6.66
N LYS D 290 13.93 -45.95 -7.45
CA LYS D 290 14.14 -47.31 -6.95
C LYS D 290 15.37 -47.41 -6.02
N HIS D 291 16.42 -46.66 -6.34
CA HIS D 291 17.69 -46.69 -5.58
C HIS D 291 17.89 -45.56 -4.59
N GLY D 292 16.83 -44.82 -4.33
CA GLY D 292 16.90 -43.70 -3.39
C GLY D 292 17.80 -42.59 -3.88
N CYS D 293 18.02 -42.56 -5.19
CA CYS D 293 18.81 -41.51 -5.82
C CYS D 293 17.92 -40.33 -6.09
N ALA D 294 18.36 -39.15 -5.68
CA ALA D 294 17.66 -37.92 -6.04
C ALA D 294 17.83 -37.77 -7.53
N PHE D 295 16.75 -37.45 -8.23
CA PHE D 295 16.80 -37.31 -9.68
C PHE D 295 16.87 -35.83 -10.04
N LEU D 296 18.04 -35.44 -10.52
CA LEU D 296 18.36 -34.06 -10.83
C LEU D 296 18.33 -33.82 -12.33
N VAL D 297 17.37 -33.03 -12.77
CA VAL D 297 17.26 -32.67 -14.17
C VAL D 297 17.81 -31.27 -14.38
N ASP D 298 18.74 -31.15 -15.31
CA ASP D 298 19.43 -29.89 -15.57
C ASP D 298 18.83 -29.28 -16.83
N GLU D 299 17.90 -28.37 -16.61
CA GLU D 299 17.22 -27.63 -17.69
C GLU D 299 17.83 -26.27 -17.92
N VAL D 300 19.09 -26.12 -17.53
CA VAL D 300 19.80 -24.86 -17.73
C VAL D 300 19.78 -24.38 -19.18
N GLN D 301 19.98 -25.30 -20.13
CA GLN D 301 19.98 -24.92 -21.54
C GLN D 301 18.63 -25.25 -22.23
N THR D 302 18.07 -26.41 -21.91
CA THR D 302 16.77 -26.80 -22.48
C THR D 302 15.56 -26.05 -21.93
N GLY D 303 15.74 -25.44 -20.77
CA GLY D 303 14.64 -24.74 -20.12
C GLY D 303 14.39 -23.39 -20.77
N GLY D 304 13.13 -22.98 -20.79
CA GLY D 304 12.79 -21.66 -21.32
C GLY D 304 11.90 -21.64 -22.56
N GLY D 305 11.25 -22.76 -22.85
CA GLY D 305 10.25 -22.80 -23.91
C GLY D 305 10.68 -23.23 -25.31
N SER D 306 11.96 -23.12 -25.61
CA SER D 306 12.44 -23.38 -26.97
C SER D 306 12.08 -24.75 -27.53
N THR D 307 11.83 -25.74 -26.69
CA THR D 307 11.40 -27.06 -27.22
C THR D 307 9.90 -27.21 -27.33
N GLY D 308 9.17 -26.11 -27.20
CA GLY D 308 7.72 -26.14 -27.33
C GLY D 308 6.98 -26.26 -26.01
N LYS D 309 7.72 -26.52 -24.95
CA LYS D 309 7.17 -26.51 -23.59
C LYS D 309 8.16 -25.82 -22.68
N PHE D 310 7.66 -25.13 -21.67
CA PHE D 310 8.56 -24.31 -20.85
C PHE D 310 9.78 -25.10 -20.40
N TRP D 311 9.56 -26.23 -19.77
CA TRP D 311 10.63 -27.14 -19.38
C TRP D 311 10.58 -28.36 -20.28
N ALA D 312 11.73 -28.72 -20.84
CA ALA D 312 11.83 -29.91 -21.69
C ALA D 312 11.26 -31.18 -21.03
N HIS D 313 11.50 -31.38 -19.73
CA HIS D 313 11.05 -32.62 -19.07
C HIS D 313 9.53 -32.79 -19.16
N GLU D 314 8.82 -31.69 -19.27
CA GLU D 314 7.36 -31.70 -19.43
C GLU D 314 6.89 -32.66 -20.52
N HIS D 315 7.67 -32.78 -21.58
CA HIS D 315 7.33 -33.71 -22.67
C HIS D 315 7.21 -35.16 -22.17
N TRP D 316 7.94 -35.47 -21.11
CA TRP D 316 7.97 -36.84 -20.53
C TRP D 316 6.62 -37.23 -19.93
N GLY D 317 5.76 -36.24 -19.73
CA GLY D 317 4.41 -36.46 -19.20
C GLY D 317 4.26 -36.99 -17.79
N LEU D 318 5.26 -36.83 -16.94
CA LEU D 318 5.18 -37.40 -15.58
C LEU D 318 4.70 -36.40 -14.55
N ASP D 319 3.97 -36.93 -13.58
CA ASP D 319 3.53 -36.12 -12.43
C ASP D 319 4.62 -35.88 -11.42
N ASP D 320 5.64 -36.74 -11.47
CA ASP D 320 6.77 -36.66 -10.55
C ASP D 320 7.98 -36.86 -11.45
N PRO D 321 8.29 -35.84 -12.23
CA PRO D 321 9.35 -35.93 -13.23
C PRO D 321 10.72 -35.94 -12.63
N ALA D 322 10.83 -35.40 -11.42
CA ALA D 322 12.11 -35.19 -10.81
C ALA D 322 12.02 -34.68 -9.37
N ASP D 323 13.16 -34.67 -8.71
CA ASP D 323 13.28 -34.21 -7.33
C ASP D 323 13.86 -32.80 -7.29
N VAL D 324 14.79 -32.54 -8.20
CA VAL D 324 15.45 -31.24 -8.33
C VAL D 324 15.60 -30.89 -9.80
N MET D 325 15.36 -29.62 -10.10
CA MET D 325 15.51 -29.11 -11.46
C MET D 325 16.26 -27.79 -11.47
N THR D 326 17.39 -27.74 -12.18
CA THR D 326 18.20 -26.53 -12.24
C THR D 326 17.91 -25.78 -13.51
N PHE D 327 18.06 -24.48 -13.44
CA PHE D 327 17.87 -23.63 -14.60
C PHE D 327 18.79 -22.44 -14.52
N SER D 328 18.85 -21.74 -15.64
CA SER D 328 19.60 -20.50 -15.77
C SER D 328 19.42 -20.00 -17.18
N LYS D 329 20.38 -19.22 -17.66
CA LYS D 329 20.45 -18.79 -19.06
C LYS D 329 19.24 -17.98 -19.47
N LYS D 330 18.36 -18.60 -20.23
CA LYS D 330 17.14 -17.96 -20.71
C LYS D 330 16.31 -17.35 -19.58
N MET D 331 16.36 -18.01 -18.44
CA MET D 331 15.60 -17.56 -17.28
C MET D 331 16.19 -16.29 -16.64
N MET D 332 17.29 -15.82 -17.23
CA MET D 332 18.01 -14.59 -16.80
C MET D 332 18.75 -14.75 -15.48
N THR D 333 18.11 -15.42 -14.55
CA THR D 333 18.69 -15.77 -13.27
C THR D 333 18.84 -17.28 -13.22
N GLY D 334 19.71 -17.72 -12.33
CA GLY D 334 19.89 -19.14 -12.08
C GLY D 334 19.01 -19.56 -10.93
N GLY D 335 19.14 -20.82 -10.56
CA GLY D 335 18.46 -21.36 -9.40
C GLY D 335 18.03 -22.80 -9.60
N PHE D 336 17.28 -23.34 -8.65
CA PHE D 336 16.67 -24.65 -8.83
C PHE D 336 15.40 -24.85 -8.03
N PHE D 337 14.41 -25.43 -8.69
CA PHE D 337 13.21 -25.89 -8.03
C PHE D 337 13.52 -27.21 -7.36
N HIS D 338 12.67 -27.60 -6.42
CA HIS D 338 12.78 -28.90 -5.78
C HIS D 338 11.62 -29.27 -4.88
N LYS D 339 11.56 -30.54 -4.53
CA LYS D 339 10.49 -31.05 -3.69
C LYS D 339 10.64 -30.60 -2.27
N GLU D 340 9.50 -30.46 -1.61
CA GLU D 340 9.43 -30.06 -0.20
C GLU D 340 10.41 -30.89 0.62
N GLU D 341 10.45 -32.17 0.33
CA GLU D 341 11.29 -33.12 1.09
C GLU D 341 12.80 -32.83 0.99
N PHE D 342 13.21 -32.07 -0.03
CA PHE D 342 14.63 -31.71 -0.22
C PHE D 342 15.02 -30.42 0.46
N ARG D 343 14.01 -29.76 0.99
CA ARG D 343 14.20 -28.53 1.73
C ARG D 343 15.25 -28.67 2.82
N PRO D 344 16.32 -27.89 2.73
CA PRO D 344 17.34 -27.87 3.77
C PRO D 344 16.72 -27.74 5.14
N ASN D 345 17.25 -28.55 6.03
CA ASN D 345 16.77 -28.64 7.42
C ASN D 345 17.10 -27.43 8.28
N ALA D 346 18.11 -26.68 7.85
CA ALA D 346 18.57 -25.50 8.60
C ALA D 346 19.18 -24.48 7.65
N PRO D 347 19.20 -23.21 8.05
CA PRO D 347 19.74 -22.18 7.17
C PRO D 347 21.24 -22.26 7.16
N TYR D 348 21.82 -21.42 6.33
CA TYR D 348 23.28 -21.32 6.19
C TYR D 348 23.99 -22.56 5.69
N ARG D 349 23.24 -23.46 5.05
CA ARG D 349 23.83 -24.63 4.40
C ARG D 349 23.82 -24.43 2.89
N ILE D 350 22.65 -24.15 2.37
CA ILE D 350 22.52 -23.71 0.99
C ILE D 350 22.36 -22.21 1.04
N PHE D 351 23.41 -21.53 0.65
CA PHE D 351 23.50 -20.10 0.87
C PHE D 351 24.69 -19.54 0.13
N ASN D 352 24.57 -18.27 -0.21
CA ASN D 352 25.69 -17.48 -0.70
C ASN D 352 25.30 -15.99 -0.59
N THR D 353 26.22 -15.11 -0.97
CA THR D 353 26.04 -13.67 -0.75
C THR D 353 24.81 -13.11 -1.44
N TRP D 354 24.78 -13.25 -2.76
CA TRP D 354 23.75 -12.60 -3.57
C TRP D 354 22.56 -13.48 -3.89
N LEU D 355 22.79 -14.78 -3.98
CA LEU D 355 21.74 -15.75 -4.28
C LEU D 355 20.80 -15.31 -5.39
N GLY D 356 21.35 -14.78 -6.45
CA GLY D 356 20.53 -14.32 -7.55
C GLY D 356 20.68 -12.82 -7.66
N ASP D 357 19.65 -12.16 -8.17
CA ASP D 357 19.74 -10.73 -8.39
C ASP D 357 18.37 -10.22 -8.78
N PRO D 358 17.73 -9.46 -7.90
CA PRO D 358 16.37 -8.99 -8.13
C PRO D 358 16.20 -8.27 -9.46
N SER D 359 17.26 -7.64 -9.94
CA SER D 359 17.22 -7.00 -11.24
C SER D 359 16.86 -8.04 -12.30
N LYS D 360 17.46 -9.22 -12.24
CA LYS D 360 17.13 -10.27 -13.22
C LYS D 360 15.71 -10.75 -13.07
N ASN D 361 15.24 -10.90 -11.84
CA ASN D 361 13.86 -11.34 -11.60
C ASN D 361 12.88 -10.35 -12.19
N LEU D 362 13.20 -9.07 -12.10
CA LEU D 362 12.34 -8.02 -12.63
C LEU D 362 12.11 -8.26 -14.12
N LEU D 363 13.22 -8.46 -14.81
CA LEU D 363 13.22 -8.69 -16.25
C LEU D 363 12.54 -10.00 -16.55
N LEU D 364 12.91 -11.02 -15.79
CA LEU D 364 12.35 -12.36 -16.00
C LEU D 364 10.82 -12.33 -15.92
N ALA D 365 10.27 -11.68 -14.91
CA ALA D 365 8.80 -11.63 -14.76
C ALA D 365 8.13 -11.13 -16.03
N GLU D 366 8.76 -10.17 -16.68
CA GLU D 366 8.20 -9.60 -17.90
C GLU D 366 8.35 -10.57 -19.08
N VAL D 367 9.53 -11.16 -19.19
CA VAL D 367 9.81 -12.15 -20.23
C VAL D 367 8.74 -13.21 -20.22
N ILE D 368 8.50 -13.76 -19.04
CA ILE D 368 7.51 -14.83 -18.87
C ILE D 368 6.16 -14.37 -19.33
N ASN D 369 5.82 -13.13 -18.97
CA ASN D 369 4.56 -12.56 -19.38
C ASN D 369 4.43 -12.51 -20.90
N ILE D 370 5.49 -12.03 -21.54
CA ILE D 370 5.57 -11.99 -23.00
C ILE D 370 5.39 -13.38 -23.58
N ILE D 371 6.14 -14.34 -23.03
CA ILE D 371 6.06 -15.71 -23.51
C ILE D 371 4.62 -16.22 -23.48
N LYS D 372 3.88 -15.84 -22.45
CA LYS D 372 2.49 -16.28 -22.33
C LYS D 372 1.54 -15.49 -23.21
N ARG D 373 1.56 -14.17 -23.09
CA ARG D 373 0.68 -13.31 -23.90
C ARG D 373 0.83 -13.53 -25.42
N GLU D 374 2.07 -13.72 -25.86
CA GLU D 374 2.40 -13.91 -27.29
C GLU D 374 2.44 -15.36 -27.76
N ASP D 375 2.05 -16.27 -26.89
CA ASP D 375 1.94 -17.70 -27.22
C ASP D 375 3.26 -18.28 -27.77
N LEU D 376 4.38 -17.93 -27.16
CA LEU D 376 5.72 -18.29 -27.68
C LEU D 376 6.13 -19.76 -27.58
N LEU D 377 5.58 -20.50 -26.63
CA LEU D 377 5.87 -21.94 -26.53
C LEU D 377 5.39 -22.64 -27.78
N SER D 378 4.16 -22.34 -28.15
CA SER D 378 3.55 -22.91 -29.34
C SER D 378 4.29 -22.48 -30.59
N ASN D 379 4.64 -21.21 -30.66
CA ASN D 379 5.39 -20.69 -31.80
C ASN D 379 6.67 -21.47 -31.97
N ALA D 380 7.32 -21.72 -30.85
CA ALA D 380 8.60 -22.43 -30.86
C ALA D 380 8.37 -23.77 -31.53
N ALA D 381 7.36 -24.48 -31.07
CA ALA D 381 6.96 -25.76 -31.67
C ALA D 381 6.73 -25.62 -33.16
N HIS D 382 5.98 -24.60 -33.54
CA HIS D 382 5.59 -24.45 -34.94
C HIS D 382 6.79 -24.12 -35.81
N ALA D 383 7.49 -23.05 -35.43
CA ALA D 383 8.66 -22.57 -36.16
C ALA D 383 9.75 -23.63 -36.17
N GLY D 384 9.77 -24.45 -35.13
CA GLY D 384 10.70 -25.53 -35.01
C GLY D 384 10.44 -26.54 -36.10
N LYS D 385 9.20 -26.98 -36.19
CA LYS D 385 8.77 -27.89 -37.25
C LYS D 385 9.18 -27.41 -38.63
N VAL D 386 8.88 -26.16 -38.94
CA VAL D 386 9.27 -25.61 -40.24
C VAL D 386 10.75 -25.79 -40.44
N LEU D 387 11.49 -25.38 -39.42
CA LEU D 387 12.94 -25.47 -39.44
C LEU D 387 13.40 -26.90 -39.64
N LEU D 388 12.89 -27.79 -38.80
CA LEU D 388 13.32 -29.18 -38.84
C LEU D 388 12.94 -29.81 -40.18
N THR D 389 11.85 -29.34 -40.75
CA THR D 389 11.39 -29.86 -42.04
C THR D 389 12.38 -29.49 -43.12
N GLY D 390 12.74 -28.21 -43.15
CA GLY D 390 13.72 -27.71 -44.10
C GLY D 390 15.02 -28.47 -43.93
N LEU D 391 15.45 -28.66 -42.69
CA LEU D 391 16.68 -29.40 -42.42
C LEU D 391 16.60 -30.76 -43.09
N LEU D 392 15.51 -31.47 -42.84
CA LEU D 392 15.33 -32.79 -43.45
C LEU D 392 15.44 -32.74 -44.96
N ASP D 393 14.85 -31.70 -45.53
CA ASP D 393 14.92 -31.54 -46.97
C ASP D 393 16.38 -31.38 -47.45
N LEU D 394 17.12 -30.51 -46.78
CA LEU D 394 18.54 -30.32 -47.09
C LEU D 394 19.35 -31.60 -46.94
N GLN D 395 19.03 -32.37 -45.91
CA GLN D 395 19.67 -33.66 -45.65
C GLN D 395 19.50 -34.61 -46.82
N ALA D 396 18.32 -34.57 -47.41
CA ALA D 396 17.99 -35.42 -48.54
C ALA D 396 18.83 -35.00 -49.73
N ARG D 397 18.87 -33.69 -49.94
CA ARG D 397 19.58 -33.11 -51.07
C ARG D 397 21.10 -33.11 -50.92
N TYR D 398 21.58 -33.20 -49.69
CA TYR D 398 23.03 -33.09 -49.44
C TYR D 398 23.53 -34.03 -48.37
N PRO D 399 23.39 -35.33 -48.60
CA PRO D 399 23.90 -36.35 -47.67
C PRO D 399 25.40 -36.32 -47.49
N GLN D 400 26.11 -35.80 -48.47
CA GLN D 400 27.57 -35.67 -48.39
C GLN D 400 27.99 -34.69 -47.30
N PHE D 401 27.04 -33.87 -46.86
CA PHE D 401 27.31 -32.85 -45.83
C PHE D 401 26.45 -32.95 -44.59
N ILE D 402 25.20 -33.32 -44.76
CA ILE D 402 24.23 -33.27 -43.68
C ILE D 402 23.83 -34.65 -43.27
N SER D 403 23.88 -34.91 -41.99
CA SER D 403 23.30 -36.15 -41.48
C SER D 403 22.76 -36.01 -40.08
N ARG D 404 21.89 -36.95 -39.73
CA ARG D 404 21.31 -37.06 -38.39
C ARG D 404 20.53 -35.84 -37.95
N VAL D 405 19.79 -35.29 -38.88
CA VAL D 405 18.95 -34.14 -38.59
C VAL D 405 17.97 -34.51 -37.48
N ARG D 406 17.93 -33.67 -36.48
CA ARG D 406 17.16 -33.96 -35.29
C ARG D 406 16.72 -32.71 -34.58
N GLY D 407 15.81 -32.90 -33.64
CA GLY D 407 15.35 -31.80 -32.83
C GLY D 407 14.00 -31.95 -32.22
N ARG D 408 13.72 -30.99 -31.36
CA ARG D 408 12.43 -30.82 -30.73
C ARG D 408 12.22 -29.35 -30.54
N GLY D 409 11.08 -28.86 -30.96
CA GLY D 409 10.84 -27.43 -30.98
C GLY D 409 11.88 -26.86 -31.92
N THR D 410 12.43 -25.69 -31.60
CA THR D 410 13.52 -25.13 -32.39
C THR D 410 14.90 -25.65 -31.95
N PHE D 411 14.90 -26.54 -30.96
CA PHE D 411 16.12 -27.13 -30.40
C PHE D 411 16.65 -28.18 -31.37
N CYS D 412 17.13 -27.72 -32.52
CA CYS D 412 17.54 -28.60 -33.61
C CYS D 412 19.05 -28.68 -33.81
N SER D 413 19.42 -29.63 -34.67
CA SER D 413 20.81 -29.84 -35.03
C SER D 413 20.98 -30.89 -36.10
N PHE D 414 22.16 -30.90 -36.69
CA PHE D 414 22.57 -31.96 -37.60
C PHE D 414 24.07 -32.16 -37.49
N ASP D 415 24.54 -33.26 -38.06
CA ASP D 415 25.96 -33.60 -38.05
C ASP D 415 26.56 -33.39 -39.42
N THR D 416 27.83 -33.05 -39.42
CA THR D 416 28.60 -32.92 -40.64
C THR D 416 29.71 -33.95 -40.59
N PRO D 417 30.35 -34.23 -41.72
CA PRO D 417 31.32 -35.33 -41.77
C PRO D 417 32.47 -35.14 -40.81
N ASP D 418 33.01 -33.93 -40.74
CA ASP D 418 34.05 -33.65 -39.76
C ASP D 418 34.02 -32.22 -39.22
N GLU D 419 34.84 -32.01 -38.20
CA GLU D 419 34.95 -30.74 -37.52
C GLU D 419 35.39 -29.59 -38.43
N SER D 420 36.16 -29.89 -39.46
CA SER D 420 36.65 -28.83 -40.33
C SER D 420 35.50 -28.29 -41.20
N ILE D 421 34.78 -29.20 -41.85
CA ILE D 421 33.57 -28.86 -42.60
C ILE D 421 32.55 -28.18 -41.69
N ARG D 422 32.39 -28.74 -40.49
CA ARG D 422 31.45 -28.20 -39.51
C ARG D 422 31.79 -26.75 -39.31
N ASN D 423 33.06 -26.52 -39.08
CA ASN D 423 33.54 -25.16 -38.81
C ASN D 423 33.45 -24.31 -40.05
N LYS D 424 33.67 -24.91 -41.21
CA LYS D 424 33.63 -24.12 -42.44
C LYS D 424 32.20 -23.65 -42.69
N LEU D 425 31.23 -24.54 -42.53
CA LEU D 425 29.83 -24.19 -42.80
C LEU D 425 29.37 -23.06 -41.90
N ILE D 426 29.77 -23.12 -40.65
CA ILE D 426 29.41 -22.08 -39.69
C ILE D 426 30.01 -20.76 -40.11
N SER D 427 31.26 -20.86 -40.51
CA SER D 427 32.03 -19.70 -40.92
C SER D 427 31.38 -19.06 -42.15
N ILE D 428 31.06 -19.87 -43.15
CA ILE D 428 30.40 -19.38 -44.36
C ILE D 428 29.09 -18.69 -44.00
N ALA D 429 28.29 -19.37 -43.18
CA ALA D 429 26.93 -18.91 -42.87
C ALA D 429 26.99 -17.57 -42.18
N ARG D 430 27.98 -17.43 -41.30
CA ARG D 430 28.13 -16.21 -40.55
C ARG D 430 28.40 -15.04 -41.49
N ASN D 431 29.32 -15.21 -42.43
CA ASN D 431 29.58 -14.18 -43.44
C ASN D 431 28.39 -13.95 -44.37
N LYS D 432 27.50 -14.92 -44.43
CA LYS D 432 26.30 -14.81 -45.25
C LYS D 432 25.12 -14.23 -44.49
N GLY D 433 25.30 -14.04 -43.19
CA GLY D 433 24.31 -13.35 -42.38
C GLY D 433 23.54 -14.20 -41.40
N VAL D 434 24.01 -15.40 -41.14
CA VAL D 434 23.40 -16.27 -40.16
C VAL D 434 24.42 -16.80 -39.17
N MET D 435 24.06 -16.72 -37.91
CA MET D 435 24.89 -17.25 -36.85
C MET D 435 24.35 -18.57 -36.39
N LEU D 436 25.18 -19.57 -36.50
CA LEU D 436 24.86 -20.90 -36.04
C LEU D 436 25.84 -21.22 -34.96
N GLY D 437 25.49 -22.22 -34.18
CA GLY D 437 26.36 -22.69 -33.14
C GLY D 437 26.79 -24.08 -33.48
N GLY D 438 27.91 -24.50 -32.91
CA GLY D 438 28.36 -25.87 -33.02
C GLY D 438 28.31 -26.53 -31.66
N CYS D 439 28.34 -27.84 -31.66
CA CYS D 439 28.42 -28.62 -30.43
C CYS D 439 29.03 -29.98 -30.79
N GLY D 440 29.59 -30.67 -29.81
CA GLY D 440 30.30 -31.92 -30.07
C GLY D 440 31.46 -31.69 -31.03
N ASP D 441 31.92 -32.73 -31.72
CA ASP D 441 32.98 -32.56 -32.73
C ASP D 441 32.46 -31.91 -33.99
N LYS D 442 31.37 -32.47 -34.50
CA LYS D 442 30.98 -32.17 -35.87
C LYS D 442 29.52 -31.83 -36.07
N SER D 443 28.88 -31.31 -35.03
CA SER D 443 27.48 -30.96 -35.14
C SER D 443 27.27 -29.47 -35.20
N ILE D 444 26.26 -29.06 -35.97
CA ILE D 444 25.80 -27.70 -35.98
C ILE D 444 24.49 -27.70 -35.23
N ARG D 445 24.28 -26.66 -34.45
CA ARG D 445 23.16 -26.59 -33.52
C ARG D 445 22.43 -25.26 -33.68
N PHE D 446 21.15 -25.29 -33.37
CA PHE D 446 20.32 -24.11 -33.42
C PHE D 446 19.79 -23.76 -32.05
N ARG D 447 19.90 -22.49 -31.69
CA ARG D 447 19.31 -21.99 -30.45
C ARG D 447 18.70 -20.62 -30.68
N PRO D 448 17.61 -20.58 -31.43
CA PRO D 448 16.94 -19.33 -31.72
C PRO D 448 16.24 -18.81 -30.50
N THR D 449 16.17 -17.50 -30.39
CA THR D 449 15.42 -16.89 -29.29
C THR D 449 13.97 -17.23 -29.55
N LEU D 450 13.14 -17.02 -28.55
CA LEU D 450 11.72 -17.36 -28.67
C LEU D 450 10.90 -16.41 -29.57
N VAL D 451 11.50 -15.37 -30.12
CA VAL D 451 10.83 -14.57 -31.16
C VAL D 451 11.24 -14.93 -32.61
N PHE D 452 11.90 -16.07 -32.77
CA PHE D 452 12.27 -16.64 -34.06
C PHE D 452 10.99 -17.22 -34.67
N ARG D 453 10.75 -16.97 -35.97
CA ARG D 453 9.51 -17.45 -36.62
C ARG D 453 9.74 -18.29 -37.87
N ASP D 454 8.65 -18.80 -38.42
CA ASP D 454 8.73 -19.58 -39.64
C ASP D 454 9.49 -18.86 -40.75
N HIS D 455 9.29 -17.54 -40.90
CA HIS D 455 9.95 -16.80 -41.99
C HIS D 455 11.44 -16.62 -41.72
N HIS D 456 11.81 -16.55 -40.44
CA HIS D 456 13.21 -16.57 -40.07
C HIS D 456 13.87 -17.93 -40.42
N ALA D 457 13.13 -19.01 -40.23
CA ALA D 457 13.64 -20.34 -40.54
C ALA D 457 13.89 -20.50 -42.03
N HIS D 458 12.94 -20.06 -42.85
CA HIS D 458 13.05 -20.10 -44.33
C HIS D 458 14.19 -19.24 -44.79
N LEU D 459 14.34 -18.13 -44.11
CA LEU D 459 15.34 -17.15 -44.43
C LEU D 459 16.70 -17.81 -44.26
N PHE D 460 16.89 -18.46 -43.13
CA PHE D 460 18.10 -19.28 -42.90
C PHE D 460 18.21 -20.40 -43.92
N LEU D 461 17.11 -21.05 -44.22
CA LEU D 461 17.14 -22.24 -45.07
C LEU D 461 17.56 -21.93 -46.50
N ASN D 462 17.12 -20.78 -47.01
CA ASN D 462 17.47 -20.38 -48.37
C ASN D 462 18.95 -20.01 -48.43
N ILE D 463 19.47 -19.46 -47.34
CA ILE D 463 20.90 -19.17 -47.22
C ILE D 463 21.69 -20.45 -47.17
N PHE D 464 21.25 -21.42 -46.38
CA PHE D 464 22.02 -22.65 -46.21
C PHE D 464 21.95 -23.56 -47.44
N SER D 465 20.92 -23.37 -48.24
CA SER D 465 20.77 -24.12 -49.47
C SER D 465 21.79 -23.62 -50.47
N ASP D 466 21.95 -22.29 -50.56
CA ASP D 466 22.98 -21.68 -51.39
C ASP D 466 24.34 -22.22 -50.97
N ILE D 467 24.67 -22.03 -49.70
CA ILE D 467 25.95 -22.45 -49.15
C ILE D 467 26.26 -23.88 -49.52
N LEU D 468 25.27 -24.76 -49.40
CA LEU D 468 25.49 -26.19 -49.59
C LEU D 468 25.75 -26.52 -51.04
N ALA D 469 25.04 -25.84 -51.93
CA ALA D 469 25.21 -26.04 -53.37
C ALA D 469 26.64 -25.77 -53.81
N ASP D 470 27.29 -24.84 -53.12
CA ASP D 470 28.66 -24.43 -53.47
C ASP D 470 29.75 -25.08 -52.62
N PHE D 471 29.41 -25.69 -51.49
CA PHE D 471 30.43 -25.99 -50.50
C PHE D 471 31.56 -26.84 -51.05
#